data_4PD3
#
_entry.id   4PD3
#
_cell.length_a   65.850
_cell.length_b   157.870
_cell.length_c   143.480
_cell.angle_alpha   90.00
_cell.angle_beta   94.21
_cell.angle_gamma   90.00
#
_symmetry.space_group_name_H-M   'P 1 21 1'
#
loop_
_entity.id
_entity.type
_entity.pdbx_description
1 polymer 'Nonmuscle myosin heavy chain B, Alpha-actinin A Chimera Protein'
2 water water
#
_entity_poly.entity_id   1
_entity_poly.type   'polypeptide(L)'
_entity_poly.pdbx_seq_one_letter_code
;MAQRTGLEDPERYLFVDRAVIYNPATQADWTAKKLVWIPSERHGFEAASIKEERGDEVMVELAENGKKAMVNKDDIQKMN
PPKFSKVEDMAELTCLNEASVLHNLKDRYYSGLIYTYSGLFCVVINPYKNLPIYSENIIEMYRGKKRHEMPPHIYAISES
AYRCMLQDREDQSILCTGESGAGKTENTKKVIQYLAHVASSHKGRKDHNIPGELERQLLQANPILESFGNAKTVKNDNSS
RFGKFIRINFDVTGYIVGANIETYLLEKSRAVRQAKDERTFHIFYQLLSGAGEHLKSDLLLEGFNNYRFLSNGYIPIPGQ
QDKDNFQETMEAMHIMGFSHEEILSMLKVVSSVLQFGNISFKKERNTDQASMPENTVAQKLCHLLGMNVMEFTRAILTPR
IKVGRDYVQKAQTKEQADFAVEALAKATYERLFRWLVHRINKALDRTKRQGASFIGILDIAGFEIFELNSFEQLCINYTN
EKLQQLFNHTMFILEQEEYQREGIEWNFIDFGLDLQPCIDLIERPANPPGVLALLDEECWFPKATDKTFVEKLVQEQGSH
SKFQKPRQLKDKADFCIIHYAGKVDYKADEWLMKNMDPLNDNVATLLHQSSDRFVAELWKDVDRIVGLDQVTGMTETAFG
SAYKTKKGMFRTVGQLYKESLTKLMATLRNTNPNFVRCIIPNHEKRAGKLDPHLVLDQLRCNGVLEGIRICRQGFPNRIV
FQEFRQRYEILTPNAIPKGFMDGKQACERMIRALELDPNLYRIGQSKIFFRAGVLAHLEEERASEQTKSDYLKRANELVQ
WINDKQASLESRDFGDSIESVQSFMNAHKEYKKTEKPPKGQEVSELEAIYNSLQTKLRLIKREPFVAPAGLTPNEIDSTW
SALEKAEQEHAEALRIELKRQKKIAVLLQKYNRILKKLENWATTKSVYLGSNETGDSITAVQAKLKNLEAFDGECQSLEG
QSNSDLLSILAQLTELNYNGVPELTERKDTFFAQQWTGVKSSAETYKNTLLAELERLQKIEDALHHHHHHHH
;
_entity_poly.pdbx_strand_id   A,B
#
# COMPACT_ATOMS: atom_id res chain seq x y z
N GLU A 8 20.13 -1.89 -40.61
CA GLU A 8 18.97 -1.30 -39.94
C GLU A 8 19.28 -0.90 -38.49
N ASP A 9 19.70 -1.88 -37.70
CA ASP A 9 19.86 -1.73 -36.25
C ASP A 9 21.25 -1.30 -35.77
N PRO A 10 21.28 -0.46 -34.71
CA PRO A 10 20.21 0.47 -34.32
C PRO A 10 20.34 1.84 -34.98
N GLU A 11 20.62 1.88 -36.27
CA GLU A 11 21.08 3.12 -36.88
C GLU A 11 19.94 4.05 -37.30
N ARG A 12 18.81 3.46 -37.68
CA ARG A 12 17.69 4.24 -38.18
C ARG A 12 16.73 4.73 -37.10
N TYR A 13 16.93 4.30 -35.86
CA TYR A 13 16.06 4.73 -34.78
C TYR A 13 16.62 5.91 -33.99
N LEU A 14 17.81 6.37 -34.38
CA LEU A 14 18.43 7.50 -33.71
C LEU A 14 18.73 8.68 -34.63
N PHE A 15 19.64 8.45 -35.58
CA PHE A 15 20.10 9.50 -36.49
C PHE A 15 19.10 9.79 -37.59
N VAL A 16 18.96 11.07 -37.95
CA VAL A 16 17.97 11.49 -38.92
C VAL A 16 18.38 11.11 -40.35
N ASP A 17 19.66 11.27 -40.67
CA ASP A 17 20.18 10.94 -42.00
C ASP A 17 20.10 9.44 -42.25
N ARG A 18 20.13 8.66 -41.18
CA ARG A 18 20.12 7.21 -41.27
C ARG A 18 18.72 6.63 -41.13
N ALA A 19 17.72 7.50 -40.99
CA ALA A 19 16.36 7.06 -40.71
C ALA A 19 15.70 6.36 -41.89
N VAL A 20 14.46 5.93 -41.69
CA VAL A 20 13.73 5.18 -42.72
C VAL A 20 12.64 6.03 -43.37
N ILE A 21 12.60 6.01 -44.70
CA ILE A 21 11.64 6.78 -45.47
C ILE A 21 10.20 6.32 -45.18
N ALA A 32 8.57 24.17 -52.93
CA ALA A 32 8.71 25.59 -52.63
C ALA A 32 7.45 26.36 -53.04
N LYS A 33 6.31 25.96 -52.49
CA LYS A 33 5.04 26.60 -52.81
C LYS A 33 4.68 27.70 -51.82
N LYS A 34 5.60 28.01 -50.90
CA LYS A 34 5.39 29.04 -49.89
C LYS A 34 4.14 28.74 -49.05
N LEU A 35 4.28 27.81 -48.11
CA LEU A 35 3.15 27.32 -47.35
C LEU A 35 3.22 27.74 -45.88
N VAL A 36 2.05 27.88 -45.26
CA VAL A 36 1.94 28.21 -43.85
C VAL A 36 0.93 27.30 -43.16
N TRP A 37 1.07 27.17 -41.84
CA TRP A 37 0.17 26.32 -41.06
C TRP A 37 -1.15 27.01 -40.76
N ILE A 38 -2.24 26.23 -40.76
CA ILE A 38 -3.56 26.73 -40.40
C ILE A 38 -4.29 25.74 -39.49
N PRO A 39 -5.20 26.24 -38.63
CA PRO A 39 -5.97 25.35 -37.75
C PRO A 39 -6.81 24.36 -38.56
N SER A 40 -7.01 23.17 -37.99
CA SER A 40 -7.72 22.10 -38.67
C SER A 40 -8.29 21.12 -37.67
N GLU A 41 -9.17 20.22 -38.12
CA GLU A 41 -9.60 19.15 -37.23
C GLU A 41 -8.92 17.86 -37.65
N ARG A 42 -9.42 17.20 -38.71
CA ARG A 42 -8.60 16.51 -39.70
C ARG A 42 -7.30 15.92 -39.13
N HIS A 43 -6.21 16.39 -39.73
CA HIS A 43 -4.90 16.37 -39.12
C HIS A 43 -4.85 17.55 -38.15
N GLY A 44 -3.95 17.50 -37.17
CA GLY A 44 -3.80 18.58 -36.22
C GLY A 44 -3.57 19.91 -36.89
N PHE A 45 -2.61 19.96 -37.81
CA PHE A 45 -2.39 21.14 -38.63
C PHE A 45 -2.05 20.73 -40.06
N GLU A 46 -2.48 21.55 -41.01
CA GLU A 46 -2.20 21.30 -42.42
C GLU A 46 -1.55 22.51 -43.09
N ALA A 47 -1.25 22.39 -44.38
CA ALA A 47 -0.57 23.47 -45.10
C ALA A 47 -1.51 24.15 -46.09
N ALA A 48 -1.28 25.44 -46.32
CA ALA A 48 -2.12 26.22 -47.21
C ALA A 48 -1.36 27.35 -47.90
N SER A 49 -1.78 27.68 -49.12
CA SER A 49 -1.19 28.80 -49.86
C SER A 49 -1.99 30.06 -49.56
N ILE A 50 -1.30 31.17 -49.30
CA ILE A 50 -1.96 32.38 -48.80
C ILE A 50 -2.75 33.15 -49.86
N LYS A 51 -2.15 33.38 -51.02
CA LYS A 51 -2.80 34.10 -52.12
C LYS A 51 -3.33 35.48 -51.72
N GLU A 52 -4.65 35.57 -51.71
CA GLU A 52 -5.37 36.82 -51.49
C GLU A 52 -5.64 37.08 -50.00
N GLU A 53 -5.53 38.35 -49.60
CA GLU A 53 -5.89 38.75 -48.24
C GLU A 53 -7.01 39.77 -48.29
N ARG A 54 -8.05 39.55 -47.49
CA ARG A 54 -9.21 40.43 -47.46
C ARG A 54 -9.47 41.00 -46.07
N GLY A 55 -9.27 42.30 -45.92
CA GLY A 55 -9.44 42.96 -44.64
C GLY A 55 -8.46 42.45 -43.60
N ASP A 56 -8.96 42.10 -42.43
CA ASP A 56 -8.13 41.57 -41.35
C ASP A 56 -8.11 40.05 -41.38
N GLU A 57 -8.79 39.47 -42.37
CA GLU A 57 -8.87 38.02 -42.52
C GLU A 57 -8.15 37.54 -43.79
N VAL A 58 -7.65 36.32 -43.74
CA VAL A 58 -6.90 35.73 -44.85
C VAL A 58 -7.73 34.63 -45.52
N MET A 59 -7.63 34.56 -46.84
CA MET A 59 -8.32 33.52 -47.60
C MET A 59 -7.27 32.67 -48.32
N VAL A 60 -7.20 31.39 -47.93
CA VAL A 60 -6.16 30.49 -48.37
C VAL A 60 -6.70 29.24 -49.05
N GLU A 61 -5.79 28.42 -49.58
CA GLU A 61 -6.15 27.18 -50.24
C GLU A 61 -5.12 26.09 -49.95
N LEU A 62 -5.59 24.87 -49.78
CA LEU A 62 -4.78 23.79 -49.20
C LEU A 62 -3.88 23.11 -50.22
N ALA A 63 -3.01 22.23 -49.72
CA ALA A 63 -1.95 21.66 -50.53
C ALA A 63 -2.12 20.19 -50.93
N GLU A 64 -1.95 19.28 -49.97
CA GLU A 64 -2.04 17.85 -50.30
C GLU A 64 -3.42 17.41 -50.79
N ASN A 65 -4.47 17.94 -50.20
CA ASN A 65 -5.83 17.60 -50.64
C ASN A 65 -6.26 18.44 -51.84
N GLY A 66 -6.03 19.75 -51.73
CA GLY A 66 -6.48 20.70 -52.74
C GLY A 66 -7.92 21.12 -52.63
N LYS A 67 -8.36 21.41 -51.40
CA LYS A 67 -9.66 22.02 -51.17
C LYS A 67 -9.50 23.38 -50.49
N LYS A 68 -10.54 24.22 -50.59
CA LYS A 68 -10.42 25.59 -50.08
C LYS A 68 -11.25 25.83 -48.81
N ALA A 69 -10.75 26.69 -47.93
CA ALA A 69 -11.40 26.95 -46.64
C ALA A 69 -11.06 28.33 -46.08
N MET A 70 -11.85 28.76 -45.10
CA MET A 70 -11.67 30.09 -44.49
C MET A 70 -11.09 30.02 -43.08
N VAL A 71 -10.12 30.88 -42.79
CA VAL A 71 -9.57 31.01 -41.43
C VAL A 71 -9.29 32.47 -41.10
N ASN A 72 -8.81 32.71 -39.88
CA ASN A 72 -8.48 34.06 -39.44
C ASN A 72 -7.01 34.38 -39.72
N LYS A 73 -6.59 35.62 -39.45
CA LYS A 73 -5.19 35.98 -39.65
C LYS A 73 -4.38 35.82 -38.35
N ASP A 74 -5.08 35.63 -37.24
CA ASP A 74 -4.41 35.40 -35.97
C ASP A 74 -4.20 33.91 -35.77
N ASP A 75 -4.81 33.13 -36.67
CA ASP A 75 -4.73 31.69 -36.64
C ASP A 75 -3.61 31.15 -37.53
N ILE A 76 -2.83 32.06 -38.11
CA ILE A 76 -1.79 31.66 -39.05
C ILE A 76 -0.43 31.58 -38.39
N GLN A 77 0.14 30.38 -38.37
CA GLN A 77 1.46 30.15 -37.80
C GLN A 77 2.44 29.79 -38.91
N LYS A 78 3.61 30.42 -38.92
CA LYS A 78 4.56 30.23 -40.01
C LYS A 78 5.15 28.83 -40.03
N MET A 79 5.63 28.42 -41.20
CA MET A 79 6.21 27.09 -41.39
C MET A 79 7.73 27.17 -41.52
N ASN A 80 8.43 26.16 -41.02
CA ASN A 80 9.89 26.14 -41.07
C ASN A 80 10.41 25.64 -42.42
N PRO A 81 11.54 26.20 -42.87
CA PRO A 81 12.24 25.76 -44.08
C PRO A 81 12.71 24.30 -43.98
N PRO A 82 12.96 23.65 -45.11
CA PRO A 82 13.40 22.24 -45.15
C PRO A 82 14.67 21.98 -44.35
N LYS A 83 15.46 23.04 -44.12
CA LYS A 83 16.68 22.92 -43.34
C LYS A 83 16.38 22.47 -41.90
N PHE A 84 15.24 22.92 -41.38
CA PHE A 84 14.86 22.67 -40.00
C PHE A 84 13.97 21.44 -39.84
N SER A 85 13.78 20.69 -40.93
CA SER A 85 13.00 19.47 -40.89
C SER A 85 13.64 18.43 -39.96
N LYS A 86 12.84 17.89 -39.04
CA LYS A 86 13.29 16.85 -38.11
C LYS A 86 14.50 17.26 -37.27
N VAL A 87 14.41 18.41 -36.62
CA VAL A 87 15.50 18.85 -35.74
C VAL A 87 15.58 18.00 -34.48
N GLU A 88 16.79 17.86 -33.95
CA GLU A 88 17.00 17.14 -32.70
C GLU A 88 16.64 18.02 -31.51
N ASP A 89 16.88 19.32 -31.65
CA ASP A 89 16.48 20.29 -30.64
C ASP A 89 15.53 21.30 -31.27
N MET A 90 14.37 21.49 -30.66
CA MET A 90 13.33 22.34 -31.24
C MET A 90 13.55 23.82 -30.91
N ALA A 91 14.57 24.09 -30.11
CA ALA A 91 14.98 25.47 -29.84
C ALA A 91 15.75 26.02 -31.02
N GLU A 92 16.12 25.13 -31.94
CA GLU A 92 16.87 25.51 -33.13
C GLU A 92 15.94 25.98 -34.24
N LEU A 93 14.64 25.72 -34.06
CA LEU A 93 13.63 26.14 -35.04
C LEU A 93 13.55 27.66 -35.15
N THR A 94 13.57 28.15 -36.38
CA THR A 94 13.45 29.58 -36.63
C THR A 94 12.00 30.04 -36.49
N CYS A 95 11.07 29.11 -36.67
CA CYS A 95 9.65 29.39 -36.46
C CYS A 95 9.15 28.59 -35.27
N LEU A 96 8.86 29.27 -34.17
CA LEU A 96 8.42 28.61 -32.96
C LEU A 96 6.93 28.79 -32.72
N ASN A 97 6.18 27.70 -32.93
CA ASN A 97 4.74 27.70 -32.68
C ASN A 97 4.25 26.26 -32.51
N GLU A 98 3.07 26.09 -31.96
CA GLU A 98 2.52 24.76 -31.70
C GLU A 98 2.42 23.90 -32.96
N ALA A 99 2.21 24.55 -34.11
CA ALA A 99 2.09 23.83 -35.37
C ALA A 99 3.42 23.21 -35.80
N SER A 100 4.49 23.99 -35.68
CA SER A 100 5.81 23.50 -36.03
C SER A 100 6.28 22.45 -35.04
N VAL A 101 5.94 22.65 -33.77
CA VAL A 101 6.28 21.69 -32.73
C VAL A 101 5.58 20.36 -32.99
N LEU A 102 4.30 20.44 -33.36
CA LEU A 102 3.53 19.26 -33.69
C LEU A 102 4.12 18.55 -34.91
N HIS A 103 4.46 19.33 -35.93
CA HIS A 103 5.00 18.79 -37.18
C HIS A 103 6.31 18.05 -36.99
N ASN A 104 7.27 18.71 -36.36
CA ASN A 104 8.60 18.15 -36.16
C ASN A 104 8.57 16.85 -35.37
N LEU A 105 7.77 16.82 -34.31
CA LEU A 105 7.60 15.61 -33.51
C LEU A 105 6.94 14.51 -34.33
N LYS A 106 5.90 14.88 -35.07
CA LYS A 106 5.18 13.93 -35.92
C LYS A 106 6.07 13.40 -37.04
N ASP A 107 6.87 14.29 -37.62
CA ASP A 107 7.74 13.94 -38.73
C ASP A 107 8.83 12.96 -38.28
N ARG A 108 9.29 13.12 -37.04
CA ARG A 108 10.31 12.25 -36.48
C ARG A 108 9.72 10.91 -36.04
N TYR A 109 8.48 10.94 -35.57
CA TYR A 109 7.81 9.73 -35.09
C TYR A 109 7.55 8.75 -36.23
N TYR A 110 7.06 9.26 -37.36
CA TYR A 110 6.81 8.42 -38.53
C TYR A 110 8.12 8.00 -39.20
N SER A 111 9.21 8.65 -38.81
CA SER A 111 10.53 8.30 -39.33
C SER A 111 11.23 7.31 -38.40
N GLY A 112 10.58 6.99 -37.29
CA GLY A 112 11.11 6.01 -36.35
C GLY A 112 11.86 6.61 -35.17
N LEU A 113 11.94 7.93 -35.13
CA LEU A 113 12.64 8.61 -34.05
C LEU A 113 11.67 9.03 -32.95
N ILE A 114 11.77 8.38 -31.80
CA ILE A 114 10.86 8.67 -30.69
C ILE A 114 11.39 9.73 -29.74
N TYR A 115 12.67 10.07 -29.86
CA TYR A 115 13.28 11.05 -28.97
C TYR A 115 13.49 12.39 -29.64
N THR A 116 13.10 13.46 -28.94
CA THR A 116 13.32 14.81 -29.43
C THR A 116 13.50 15.78 -28.27
N TYR A 117 14.40 16.75 -28.43
CA TYR A 117 14.60 17.78 -27.43
C TYR A 117 13.80 19.03 -27.78
N SER A 118 12.96 19.49 -26.86
CA SER A 118 12.36 20.81 -27.00
C SER A 118 12.88 21.69 -25.87
N GLY A 119 13.77 22.62 -26.22
CA GLY A 119 14.45 23.41 -25.22
C GLY A 119 15.17 22.52 -24.23
N LEU A 120 14.85 22.68 -22.95
CA LEU A 120 15.42 21.85 -21.90
C LEU A 120 14.72 20.49 -21.83
N PHE A 121 13.48 20.44 -22.30
CA PHE A 121 12.68 19.21 -22.26
C PHE A 121 13.27 18.09 -23.10
N CYS A 122 13.06 16.85 -22.67
CA CYS A 122 13.34 15.68 -23.49
C CYS A 122 12.03 14.98 -23.81
N VAL A 123 11.61 15.04 -25.06
CA VAL A 123 10.31 14.49 -25.46
C VAL A 123 10.44 13.09 -26.05
N VAL A 124 9.82 12.12 -25.39
CA VAL A 124 9.82 10.75 -25.89
C VAL A 124 8.40 10.25 -26.14
N ILE A 125 8.09 9.96 -27.40
CA ILE A 125 6.79 9.43 -27.77
C ILE A 125 6.85 7.90 -27.84
N ASN A 126 5.97 7.25 -27.08
CA ASN A 126 5.96 5.79 -27.00
C ASN A 126 5.74 5.14 -28.38
N PRO A 127 6.74 4.39 -28.85
CA PRO A 127 6.67 3.67 -30.13
C PRO A 127 5.73 2.47 -30.09
N TYR A 128 5.47 1.97 -28.88
CA TYR A 128 4.74 0.71 -28.68
C TYR A 128 5.42 -0.43 -29.44
N LYS A 129 6.74 -0.37 -29.51
CA LYS A 129 7.55 -1.40 -30.13
C LYS A 129 8.83 -1.59 -29.34
N ASN A 130 9.55 -2.68 -29.61
CA ASN A 130 10.85 -2.88 -28.99
C ASN A 130 11.95 -2.42 -29.94
N LEU A 131 12.60 -1.32 -29.60
CA LEU A 131 13.63 -0.74 -30.43
C LEU A 131 15.00 -1.27 -29.99
N PRO A 132 15.84 -1.67 -30.95
CA PRO A 132 17.13 -2.26 -30.56
C PRO A 132 18.13 -1.21 -30.07
N ILE A 133 17.66 -0.34 -29.18
CA ILE A 133 18.51 0.58 -28.46
C ILE A 133 18.77 -0.02 -27.07
N TYR A 134 19.37 0.78 -26.18
CA TYR A 134 19.52 0.41 -24.78
C TYR A 134 20.41 -0.82 -24.61
N SER A 135 21.53 -0.83 -25.33
CA SER A 135 22.50 -1.91 -25.21
C SER A 135 23.81 -1.35 -24.67
N GLU A 136 24.63 -2.23 -24.09
CA GLU A 136 25.89 -1.82 -23.45
C GLU A 136 26.79 -1.03 -24.38
N ASN A 137 26.75 -1.34 -25.67
CA ASN A 137 27.53 -0.61 -26.67
C ASN A 137 27.07 0.83 -26.78
N ILE A 138 25.75 1.03 -26.79
CA ILE A 138 25.15 2.35 -26.90
C ILE A 138 25.34 3.16 -25.62
N ILE A 139 25.22 2.49 -24.48
CA ILE A 139 25.43 3.15 -23.18
C ILE A 139 26.85 3.69 -23.08
N GLU A 140 27.82 2.86 -23.44
CA GLU A 140 29.22 3.26 -23.42
C GLU A 140 29.53 4.34 -24.44
N MET A 141 28.64 4.50 -25.41
CA MET A 141 28.82 5.48 -26.48
C MET A 141 28.27 6.86 -26.10
N TYR A 142 27.47 6.91 -25.04
CA TYR A 142 26.93 8.17 -24.55
C TYR A 142 27.74 8.72 -23.38
N ARG A 143 28.75 7.98 -22.95
CA ARG A 143 29.54 8.37 -21.78
C ARG A 143 30.41 9.59 -22.05
N GLY A 144 30.41 10.53 -21.09
CA GLY A 144 31.27 11.69 -21.14
C GLY A 144 31.02 12.65 -22.30
N LYS A 145 29.89 12.48 -22.97
CA LYS A 145 29.55 13.30 -24.12
C LYS A 145 28.45 14.30 -23.78
N LYS A 146 28.50 15.46 -24.42
CA LYS A 146 27.47 16.47 -24.22
C LYS A 146 26.18 16.05 -24.93
N ARG A 147 25.13 16.86 -24.80
CA ARG A 147 23.82 16.45 -25.29
C ARG A 147 23.71 16.59 -26.81
N HIS A 148 24.39 17.58 -27.37
CA HIS A 148 24.33 17.83 -28.81
C HIS A 148 25.26 16.92 -29.60
N GLU A 149 26.22 16.30 -28.90
CA GLU A 149 27.20 15.45 -29.56
C GLU A 149 26.59 14.15 -30.05
N MET A 150 25.44 13.80 -29.48
CA MET A 150 24.73 12.58 -29.85
C MET A 150 23.24 12.88 -30.07
N PRO A 151 22.56 12.04 -30.86
CA PRO A 151 21.12 12.21 -31.10
C PRO A 151 20.32 12.15 -29.80
N PRO A 152 19.10 12.72 -29.81
CA PRO A 152 18.25 12.72 -28.61
C PRO A 152 18.04 11.31 -28.05
N HIS A 153 18.24 11.15 -26.76
CA HIS A 153 18.02 9.88 -26.09
C HIS A 153 17.82 10.09 -24.59
N ILE A 154 17.19 9.12 -23.94
CA ILE A 154 16.94 9.21 -22.51
C ILE A 154 18.25 9.09 -21.72
N TYR A 155 19.25 8.50 -22.35
CA TYR A 155 20.55 8.31 -21.70
C TYR A 155 21.29 9.62 -21.51
N ALA A 156 21.09 10.55 -22.44
CA ALA A 156 21.76 11.85 -22.38
C ALA A 156 21.28 12.64 -21.17
N ILE A 157 19.99 12.54 -20.87
CA ILE A 157 19.42 13.21 -19.70
C ILE A 157 19.99 12.58 -18.44
N SER A 158 20.12 11.26 -18.45
CA SER A 158 20.74 10.54 -17.34
C SER A 158 22.21 10.95 -17.23
N GLU A 159 22.89 11.00 -18.37
CA GLU A 159 24.28 11.42 -18.43
C GLU A 159 24.44 12.85 -17.95
N SER A 160 23.49 13.71 -18.34
CA SER A 160 23.49 15.10 -17.91
C SER A 160 23.39 15.20 -16.40
N ALA A 161 22.55 14.36 -15.81
CA ALA A 161 22.36 14.35 -14.37
C ALA A 161 23.59 13.84 -13.62
N TYR A 162 24.12 12.71 -14.08
CA TYR A 162 25.28 12.08 -13.41
C TYR A 162 26.53 12.97 -13.49
N ARG A 163 26.76 13.56 -14.65
CA ARG A 163 27.96 14.37 -14.85
C ARG A 163 27.89 15.68 -14.05
N CYS A 164 26.69 16.21 -13.91
CA CYS A 164 26.49 17.44 -13.13
C CYS A 164 26.61 17.17 -11.63
N MET A 165 26.21 15.98 -11.20
CA MET A 165 26.22 15.63 -9.79
C MET A 165 27.64 15.64 -9.22
N LEU A 166 28.58 15.09 -9.99
CA LEU A 166 29.97 15.02 -9.56
C LEU A 166 30.66 16.37 -9.69
N GLN A 167 30.44 17.04 -10.81
CA GLN A 167 31.11 18.31 -11.08
C GLN A 167 30.49 19.48 -10.32
N ASP A 168 29.17 19.58 -10.34
CA ASP A 168 28.49 20.72 -9.72
C ASP A 168 28.14 20.46 -8.26
N ARG A 169 28.58 19.30 -7.74
CA ARG A 169 28.61 19.00 -6.31
C ARG A 169 27.23 18.91 -5.65
N GLU A 170 26.17 19.15 -6.42
CA GLU A 170 24.82 19.18 -5.87
C GLU A 170 23.94 18.05 -6.39
N ASP A 171 22.89 17.73 -5.63
CA ASP A 171 21.99 16.64 -5.97
C ASP A 171 21.20 16.93 -7.25
N GLN A 172 20.72 15.87 -7.89
CA GLN A 172 20.03 15.98 -9.17
C GLN A 172 18.63 15.39 -9.10
N SER A 173 17.75 15.87 -9.98
CA SER A 173 16.39 15.33 -10.08
C SER A 173 15.91 15.31 -11.52
N ILE A 174 15.22 14.24 -11.90
CA ILE A 174 14.67 14.11 -13.25
C ILE A 174 13.15 14.01 -13.19
N LEU A 175 12.46 15.02 -13.71
CA LEU A 175 11.01 15.09 -13.62
C LEU A 175 10.35 14.49 -14.86
N CYS A 176 9.67 13.36 -14.68
CA CYS A 176 8.98 12.69 -15.79
C CYS A 176 7.48 12.93 -15.73
N THR A 177 6.93 13.41 -16.84
CA THR A 177 5.51 13.73 -16.91
C THR A 177 4.81 12.87 -17.95
N GLY A 178 3.60 12.42 -17.64
CA GLY A 178 2.85 11.59 -18.57
C GLY A 178 1.85 10.70 -17.86
N GLU A 179 1.47 9.61 -18.51
CA GLU A 179 0.52 8.66 -17.95
C GLU A 179 1.20 7.33 -17.65
N SER A 180 0.45 6.38 -17.12
CA SER A 180 0.99 5.08 -16.78
C SER A 180 1.17 4.21 -18.03
N GLY A 181 0.28 4.39 -18.99
CA GLY A 181 0.34 3.63 -20.23
C GLY A 181 1.21 4.27 -21.29
N ALA A 182 1.97 5.29 -20.87
CA ALA A 182 2.87 5.99 -21.77
C ALA A 182 4.26 5.38 -21.72
N GLY A 183 4.40 4.31 -20.93
CA GLY A 183 5.69 3.67 -20.75
C GLY A 183 6.61 4.52 -19.90
N LYS A 184 6.01 5.29 -18.99
CA LYS A 184 6.79 6.15 -18.10
C LYS A 184 7.58 5.30 -17.11
N THR A 185 7.06 4.11 -16.83
CA THR A 185 7.76 3.14 -15.99
C THR A 185 8.91 2.54 -16.79
N GLU A 186 8.66 2.31 -18.08
CA GLU A 186 9.66 1.76 -18.98
C GLU A 186 10.79 2.77 -19.20
N ASN A 187 10.43 4.05 -19.30
CA ASN A 187 11.40 5.11 -19.49
C ASN A 187 12.27 5.33 -18.25
N THR A 188 11.67 5.16 -17.08
CA THR A 188 12.39 5.30 -15.82
C THR A 188 13.41 4.19 -15.68
N LYS A 189 13.06 3.01 -16.18
CA LYS A 189 13.97 1.86 -16.15
C LYS A 189 15.25 2.15 -16.93
N LYS A 190 15.09 2.84 -18.06
CA LYS A 190 16.23 3.18 -18.91
C LYS A 190 17.16 4.18 -18.23
N VAL A 191 16.58 5.09 -17.45
CA VAL A 191 17.36 6.07 -16.69
C VAL A 191 18.20 5.36 -15.64
N ILE A 192 17.60 4.40 -14.95
CA ILE A 192 18.30 3.62 -13.94
C ILE A 192 19.31 2.68 -14.59
N GLN A 193 18.95 2.17 -15.77
CA GLN A 193 19.84 1.30 -16.54
C GLN A 193 21.15 2.00 -16.86
N TYR A 194 21.08 3.27 -17.24
CA TYR A 194 22.26 4.03 -17.59
C TYR A 194 23.12 4.29 -16.35
N LEU A 195 22.49 4.80 -15.30
CA LEU A 195 23.21 5.14 -14.06
C LEU A 195 23.86 3.92 -13.42
N ALA A 196 23.30 2.74 -13.68
CA ALA A 196 23.82 1.50 -13.12
C ALA A 196 25.06 1.04 -13.88
N HIS A 197 25.04 1.18 -15.20
CA HIS A 197 26.16 0.73 -16.03
C HIS A 197 27.36 1.66 -15.87
N VAL A 198 27.10 2.93 -15.61
CA VAL A 198 28.17 3.92 -15.46
C VAL A 198 28.85 3.78 -14.11
N ALA A 199 28.05 3.61 -13.06
CA ALA A 199 28.58 3.45 -11.71
C ALA A 199 28.56 1.98 -11.28
N SER A 200 29.74 1.39 -11.16
CA SER A 200 29.86 -0.02 -10.79
C SER A 200 30.72 -0.20 -9.54
N GLU A 215 18.52 -1.92 -8.09
CA GLU A 215 18.85 -3.22 -8.65
C GLU A 215 17.60 -3.79 -9.35
N ARG A 216 17.67 -5.05 -9.73
CA ARG A 216 16.56 -5.76 -10.38
C ARG A 216 15.28 -5.72 -9.53
N GLN A 217 15.46 -5.70 -8.21
CA GLN A 217 14.34 -5.71 -7.28
C GLN A 217 13.59 -4.37 -7.27
N LEU A 218 14.22 -3.32 -7.78
CA LEU A 218 13.57 -2.01 -7.86
C LEU A 218 12.48 -2.04 -8.93
N LEU A 219 12.59 -2.98 -9.86
CA LEU A 219 11.58 -3.16 -10.89
C LEU A 219 10.46 -4.07 -10.39
N GLN A 220 10.71 -4.75 -9.27
CA GLN A 220 9.71 -5.62 -8.66
C GLN A 220 8.84 -4.84 -7.69
N ALA A 221 9.27 -3.62 -7.38
CA ALA A 221 8.51 -2.75 -6.48
C ALA A 221 7.36 -2.09 -7.24
N ASN A 222 7.55 -1.92 -8.55
CA ASN A 222 6.55 -1.26 -9.38
C ASN A 222 5.18 -1.94 -9.39
N PRO A 223 5.13 -3.28 -9.57
CA PRO A 223 3.78 -3.88 -9.56
C PRO A 223 3.11 -3.84 -8.19
N ILE A 224 3.91 -3.76 -7.12
CA ILE A 224 3.37 -3.69 -5.76
C ILE A 224 2.69 -2.34 -5.52
N LEU A 225 3.42 -1.27 -5.81
CA LEU A 225 2.88 0.08 -5.66
C LEU A 225 1.73 0.32 -6.64
N GLU A 226 1.80 -0.34 -7.79
CA GLU A 226 0.76 -0.21 -8.81
C GLU A 226 -0.57 -0.72 -8.28
N SER A 227 -0.52 -1.75 -7.45
CA SER A 227 -1.74 -2.32 -6.88
C SER A 227 -2.39 -1.37 -5.88
N PHE A 228 -1.60 -0.90 -4.91
CA PHE A 228 -2.11 -0.04 -3.85
C PHE A 228 -2.19 1.44 -4.24
N GLY A 229 -1.40 1.85 -5.22
CA GLY A 229 -1.32 3.25 -5.58
C GLY A 229 -2.00 3.71 -6.86
N ASN A 230 -2.47 2.76 -7.67
CA ASN A 230 -3.07 3.11 -8.95
C ASN A 230 -4.55 2.72 -9.01
N ALA A 231 -5.30 3.43 -9.84
CA ALA A 231 -6.73 3.17 -9.99
C ALA A 231 -7.23 3.58 -11.37
N LYS A 232 -8.40 3.08 -11.74
CA LYS A 232 -9.00 3.39 -13.03
C LYS A 232 -9.70 4.75 -13.04
N THR A 233 -9.24 5.63 -13.91
CA THR A 233 -9.90 6.91 -14.13
C THR A 233 -10.74 6.86 -15.40
N VAL A 234 -11.35 7.99 -15.75
CA VAL A 234 -12.17 8.04 -16.96
C VAL A 234 -11.30 7.94 -18.21
N LYS A 235 -10.18 8.66 -18.23
CA LYS A 235 -9.27 8.65 -19.38
C LYS A 235 -8.35 7.44 -19.40
N ASN A 236 -8.03 6.91 -18.22
CA ASN A 236 -7.05 5.84 -18.12
C ASN A 236 -7.51 4.69 -17.22
N ASP A 237 -7.28 3.47 -17.66
CA ASP A 237 -7.62 2.29 -16.89
C ASP A 237 -6.61 2.07 -15.76
N ASN A 238 -5.40 2.57 -15.96
CA ASN A 238 -4.38 2.53 -14.93
C ASN A 238 -3.75 3.92 -14.78
N SER A 239 -3.95 4.54 -13.62
CA SER A 239 -3.49 5.90 -13.39
C SER A 239 -2.87 6.05 -12.01
N SER A 240 -1.69 6.67 -11.95
CA SER A 240 -1.03 6.91 -10.67
C SER A 240 -1.70 8.05 -9.93
N ARG A 241 -2.20 7.75 -8.73
CA ARG A 241 -2.85 8.76 -7.91
C ARG A 241 -1.86 9.32 -6.89
N PHE A 242 -0.61 8.87 -7.00
CA PHE A 242 0.45 9.29 -6.11
C PHE A 242 1.68 9.69 -6.91
N GLY A 243 2.49 10.59 -6.35
CA GLY A 243 3.78 10.90 -6.93
C GLY A 243 4.79 9.88 -6.48
N LYS A 244 5.70 9.50 -7.38
CA LYS A 244 6.72 8.51 -7.04
C LYS A 244 8.11 9.08 -7.22
N PHE A 245 8.86 9.16 -6.13
CA PHE A 245 10.21 9.71 -6.16
C PHE A 245 11.24 8.63 -5.86
N ILE A 246 11.98 8.21 -6.89
CA ILE A 246 13.00 7.18 -6.73
C ILE A 246 14.37 7.81 -6.57
N ARG A 247 14.96 7.66 -5.39
CA ARG A 247 16.24 8.27 -5.09
C ARG A 247 17.39 7.29 -5.25
N ILE A 248 18.24 7.52 -6.24
CA ILE A 248 19.43 6.70 -6.44
C ILE A 248 20.62 7.38 -5.77
N ASN A 249 21.14 6.76 -4.71
CA ASN A 249 22.20 7.38 -3.92
C ASN A 249 23.60 7.04 -4.43
N PHE A 250 24.41 8.07 -4.63
CA PHE A 250 25.79 7.90 -5.09
C PHE A 250 26.76 8.39 -4.02
N ASP A 251 27.88 7.69 -3.86
CA ASP A 251 28.89 8.12 -2.91
C ASP A 251 29.69 9.30 -3.46
N VAL A 252 30.71 9.72 -2.71
CA VAL A 252 31.54 10.85 -3.11
C VAL A 252 32.38 10.48 -4.33
N THR A 253 32.61 9.18 -4.52
CA THR A 253 33.40 8.69 -5.64
C THR A 253 32.54 8.45 -6.88
N GLY A 254 31.22 8.54 -6.71
CA GLY A 254 30.30 8.40 -7.81
C GLY A 254 29.76 7.00 -8.05
N TYR A 255 29.82 6.16 -7.02
CA TYR A 255 29.29 4.80 -7.10
C TYR A 255 28.01 4.67 -6.28
N ILE A 256 27.11 3.80 -6.73
CA ILE A 256 25.81 3.65 -6.09
C ILE A 256 25.91 2.88 -4.77
N VAL A 257 25.48 3.53 -3.69
CA VAL A 257 25.50 2.90 -2.37
C VAL A 257 24.13 2.32 -2.01
N GLY A 258 23.14 2.53 -2.87
CA GLY A 258 21.80 2.03 -2.63
C GLY A 258 20.72 2.93 -3.19
N ALA A 259 19.47 2.63 -2.87
CA ALA A 259 18.34 3.43 -3.33
C ALA A 259 17.17 3.37 -2.34
N ASN A 260 16.30 4.38 -2.41
CA ASN A 260 15.11 4.41 -1.58
C ASN A 260 13.97 5.16 -2.27
N ILE A 261 12.74 4.76 -2.00
CA ILE A 261 11.57 5.35 -2.65
C ILE A 261 10.82 6.29 -1.73
N GLU A 262 10.41 7.44 -2.26
CA GLU A 262 9.54 8.37 -1.55
C GLU A 262 8.26 8.62 -2.34
N THR A 263 7.15 8.82 -1.63
CA THR A 263 5.87 9.05 -2.26
C THR A 263 5.25 10.38 -1.82
N TYR A 264 4.66 11.09 -2.78
CA TYR A 264 4.05 12.39 -2.52
C TYR A 264 2.65 12.47 -3.10
N LEU A 265 1.80 13.27 -2.45
CA LEU A 265 0.47 13.60 -2.95
C LEU A 265 -0.39 12.38 -3.28
N LEU A 266 -0.43 11.41 -2.37
CA LEU A 266 -1.33 10.28 -2.53
C LEU A 266 -2.77 10.75 -2.37
N GLU A 267 -3.66 10.23 -3.22
CA GLU A 267 -5.06 10.60 -3.14
C GLU A 267 -5.81 9.61 -2.25
N LYS A 268 -6.17 10.04 -1.05
CA LYS A 268 -6.83 9.16 -0.11
C LYS A 268 -8.35 9.29 -0.20
N SER A 269 -8.80 10.28 -0.96
CA SER A 269 -10.23 10.53 -1.12
C SER A 269 -10.85 9.51 -2.07
N ARG A 270 -9.99 8.84 -2.84
CA ARG A 270 -10.45 7.85 -3.81
C ARG A 270 -10.91 6.58 -3.12
N ALA A 271 -10.41 6.35 -1.90
CA ALA A 271 -10.75 5.16 -1.14
C ALA A 271 -12.19 5.19 -0.67
N VAL A 272 -12.60 6.32 -0.09
CA VAL A 272 -13.95 6.45 0.45
C VAL A 272 -15.00 6.75 -0.61
N ARG A 273 -14.60 7.39 -1.70
CA ARG A 273 -15.53 7.72 -2.78
C ARG A 273 -14.83 7.83 -4.13
N GLN A 274 -15.58 7.56 -5.20
CA GLN A 274 -15.06 7.67 -6.56
C GLN A 274 -16.07 8.33 -7.47
N ALA A 275 -15.58 8.94 -8.54
CA ALA A 275 -16.45 9.54 -9.55
C ALA A 275 -17.11 8.43 -10.36
N LYS A 276 -18.15 8.78 -11.11
CA LYS A 276 -18.87 7.80 -11.94
C LYS A 276 -17.92 7.18 -12.96
N ASP A 277 -18.09 5.87 -13.16
CA ASP A 277 -17.28 5.07 -14.10
C ASP A 277 -15.84 4.92 -13.64
N GLU A 278 -15.50 5.53 -12.50
CA GLU A 278 -14.14 5.46 -11.95
C GLU A 278 -14.09 4.50 -10.76
N ARG A 279 -12.94 3.87 -10.58
CA ARG A 279 -12.74 2.91 -9.51
C ARG A 279 -11.73 3.40 -8.48
N THR A 280 -11.81 2.86 -7.27
CA THR A 280 -10.80 3.10 -6.27
C THR A 280 -9.57 2.27 -6.60
N PHE A 281 -8.59 2.25 -5.70
CA PHE A 281 -7.32 1.56 -5.97
C PHE A 281 -7.52 0.08 -6.29
N HIS A 282 -6.66 -0.43 -7.15
CA HIS A 282 -6.77 -1.80 -7.68
C HIS A 282 -6.85 -2.87 -6.61
N ILE A 283 -6.07 -2.69 -5.55
CA ILE A 283 -5.95 -3.71 -4.51
C ILE A 283 -7.29 -4.09 -3.88
N PHE A 284 -8.23 -3.15 -3.86
CA PHE A 284 -9.55 -3.40 -3.30
C PHE A 284 -10.33 -4.43 -4.14
N TYR A 285 -10.29 -4.26 -5.45
CA TYR A 285 -11.00 -5.16 -6.36
C TYR A 285 -10.28 -6.48 -6.52
N GLN A 286 -8.95 -6.45 -6.37
CA GLN A 286 -8.15 -7.66 -6.46
C GLN A 286 -8.38 -8.54 -5.24
N LEU A 287 -8.48 -7.92 -4.07
CA LEU A 287 -8.69 -8.65 -2.82
C LEU A 287 -10.04 -9.34 -2.79
N LEU A 288 -11.10 -8.57 -3.06
CA LEU A 288 -12.45 -9.09 -2.98
C LEU A 288 -12.69 -10.26 -3.92
N SER A 289 -12.18 -10.14 -5.14
CA SER A 289 -12.35 -11.17 -6.16
C SER A 289 -11.37 -12.34 -5.99
N GLY A 290 -10.14 -12.02 -5.59
CA GLY A 290 -9.07 -13.01 -5.59
C GLY A 290 -8.90 -13.83 -4.32
N ALA A 291 -9.45 -13.34 -3.21
CA ALA A 291 -9.29 -14.03 -1.93
C ALA A 291 -9.96 -15.39 -1.91
N GLY A 292 -9.37 -16.31 -1.13
CA GLY A 292 -9.93 -17.63 -0.97
C GLY A 292 -11.09 -17.63 0.01
N GLU A 293 -11.80 -18.74 0.10
CA GLU A 293 -12.95 -18.86 0.99
C GLU A 293 -12.56 -18.61 2.44
N HIS A 294 -11.41 -19.13 2.84
CA HIS A 294 -10.91 -18.94 4.20
C HIS A 294 -10.51 -17.49 4.43
N LEU A 295 -10.04 -16.83 3.38
CA LEU A 295 -9.63 -15.44 3.46
C LEU A 295 -10.81 -14.51 3.68
N LYS A 296 -11.92 -14.80 3.01
CA LYS A 296 -13.12 -13.97 3.12
C LYS A 296 -13.72 -14.05 4.53
N SER A 297 -13.56 -15.19 5.19
CA SER A 297 -14.10 -15.38 6.53
C SER A 297 -13.21 -14.72 7.58
N ASP A 298 -11.91 -14.71 7.33
CA ASP A 298 -10.95 -14.10 8.25
C ASP A 298 -10.91 -12.58 8.12
N LEU A 299 -11.00 -12.10 6.88
CA LEU A 299 -10.96 -10.66 6.63
C LEU A 299 -12.35 -10.05 6.68
N LEU A 300 -13.35 -10.91 6.85
CA LEU A 300 -14.75 -10.50 6.89
C LEU A 300 -15.13 -9.71 5.64
N LEU A 301 -14.75 -10.25 4.48
CA LEU A 301 -15.01 -9.60 3.20
C LEU A 301 -16.45 -9.80 2.74
N GLU A 302 -16.98 -8.81 2.03
CA GLU A 302 -18.35 -8.87 1.54
C GLU A 302 -18.41 -8.59 0.04
N GLY A 303 -19.61 -8.53 -0.51
CA GLY A 303 -19.80 -8.27 -1.94
C GLY A 303 -19.45 -6.85 -2.33
N PHE A 304 -19.37 -6.61 -3.62
CA PHE A 304 -18.99 -5.29 -4.14
C PHE A 304 -20.08 -4.26 -3.92
N ASN A 305 -21.33 -4.71 -3.91
CA ASN A 305 -22.47 -3.81 -3.70
C ASN A 305 -22.78 -3.63 -2.22
N ASN A 306 -22.05 -4.34 -1.37
CA ASN A 306 -22.28 -4.28 0.07
C ASN A 306 -21.39 -3.24 0.75
N TYR A 307 -20.52 -2.60 0.00
CA TYR A 307 -19.62 -1.60 0.56
C TYR A 307 -19.99 -0.18 0.09
N ARG A 308 -20.16 0.72 1.06
CA ARG A 308 -20.51 2.10 0.80
C ARG A 308 -19.37 2.86 0.15
N PHE A 309 -18.15 2.58 0.61
CA PHE A 309 -16.97 3.31 0.13
C PHE A 309 -16.59 2.92 -1.29
N LEU A 310 -17.27 1.92 -1.85
CA LEU A 310 -17.09 1.59 -3.25
C LEU A 310 -18.23 2.17 -4.08
N SER A 311 -17.92 3.21 -4.84
CA SER A 311 -18.91 3.85 -5.69
C SER A 311 -19.10 3.08 -6.99
N ASN A 312 -20.30 3.20 -7.56
CA ASN A 312 -20.63 2.57 -8.84
C ASN A 312 -20.49 1.05 -8.83
N GLY A 313 -20.60 0.47 -7.64
CA GLY A 313 -20.52 -0.97 -7.49
C GLY A 313 -19.23 -1.57 -8.01
N TYR A 314 -19.35 -2.72 -8.69
CA TYR A 314 -18.19 -3.36 -9.30
C TYR A 314 -18.04 -2.98 -10.76
N ILE A 315 -16.93 -2.31 -11.08
CA ILE A 315 -16.61 -1.97 -12.46
C ILE A 315 -15.47 -2.83 -12.98
N PRO A 316 -15.69 -3.52 -14.11
CA PRO A 316 -14.61 -4.33 -14.69
C PRO A 316 -13.65 -3.48 -15.49
N ILE A 317 -12.60 -4.10 -16.04
CA ILE A 317 -11.66 -3.40 -16.90
C ILE A 317 -11.37 -4.26 -18.13
N PRO A 318 -11.33 -3.64 -19.32
CA PRO A 318 -11.06 -4.41 -20.55
C PRO A 318 -9.65 -4.96 -20.59
N GLY A 319 -9.52 -6.25 -20.89
CA GLY A 319 -8.22 -6.90 -20.98
C GLY A 319 -7.63 -7.31 -19.64
N GLN A 320 -8.15 -6.77 -18.55
CA GLN A 320 -7.60 -7.04 -17.23
C GLN A 320 -8.63 -7.66 -16.29
N GLN A 321 -8.19 -8.64 -15.49
CA GLN A 321 -9.06 -9.30 -14.54
C GLN A 321 -8.46 -9.24 -13.13
N ASP A 322 -9.25 -8.77 -12.18
CA ASP A 322 -8.77 -8.52 -10.81
C ASP A 322 -8.41 -9.80 -10.07
N LYS A 323 -9.11 -10.89 -10.37
CA LYS A 323 -8.90 -12.17 -9.69
C LYS A 323 -7.49 -12.71 -9.87
N ASP A 324 -6.99 -12.65 -11.10
CA ASP A 324 -5.66 -13.13 -11.42
C ASP A 324 -4.57 -12.15 -10.98
N ASN A 325 -4.90 -10.86 -11.01
CA ASN A 325 -3.97 -9.83 -10.58
C ASN A 325 -3.67 -9.92 -9.09
N PHE A 326 -4.64 -10.44 -8.33
CA PHE A 326 -4.47 -10.62 -6.90
C PHE A 326 -3.32 -11.57 -6.59
N GLN A 327 -3.32 -12.72 -7.28
CA GLN A 327 -2.26 -13.71 -7.12
C GLN A 327 -0.94 -13.18 -7.66
N GLU A 328 -1.02 -12.39 -8.72
CA GLU A 328 0.16 -11.76 -9.29
C GLU A 328 0.76 -10.76 -8.30
N THR A 329 -0.12 -10.07 -7.58
CA THR A 329 0.30 -9.10 -6.58
C THR A 329 0.93 -9.78 -5.36
N MET A 330 0.37 -10.93 -4.97
CA MET A 330 0.87 -11.68 -3.83
C MET A 330 2.31 -12.14 -4.04
N GLU A 331 2.55 -12.87 -5.14
CA GLU A 331 3.88 -13.39 -5.44
C GLU A 331 4.88 -12.26 -5.64
N ALA A 332 4.41 -11.14 -6.19
CA ALA A 332 5.26 -9.97 -6.40
C ALA A 332 5.81 -9.44 -5.09
N MET A 333 4.99 -9.51 -4.04
CA MET A 333 5.41 -9.10 -2.70
C MET A 333 6.28 -10.17 -2.05
N HIS A 334 6.07 -11.43 -2.45
CA HIS A 334 6.85 -12.53 -1.93
C HIS A 334 8.31 -12.43 -2.38
N ILE A 335 8.51 -12.14 -3.66
CA ILE A 335 9.85 -11.97 -4.22
C ILE A 335 10.58 -10.83 -3.51
N MET A 336 9.82 -9.81 -3.11
CA MET A 336 10.37 -8.68 -2.39
C MET A 336 10.79 -9.08 -0.97
N GLY A 337 10.35 -10.27 -0.55
CA GLY A 337 10.70 -10.81 0.75
C GLY A 337 9.68 -10.56 1.84
N PHE A 338 8.45 -10.25 1.44
CA PHE A 338 7.37 -10.03 2.42
C PHE A 338 6.89 -11.34 3.00
N SER A 339 6.87 -11.44 4.33
CA SER A 339 6.38 -12.63 4.99
C SER A 339 4.86 -12.73 4.85
N HIS A 340 4.32 -13.93 5.02
CA HIS A 340 2.88 -14.15 4.89
C HIS A 340 2.09 -13.35 5.93
N GLU A 341 2.68 -13.18 7.11
CA GLU A 341 2.04 -12.42 8.18
C GLU A 341 1.94 -10.94 7.84
N GLU A 342 2.99 -10.41 7.21
CA GLU A 342 3.02 -9.01 6.81
C GLU A 342 1.97 -8.73 5.74
N ILE A 343 1.88 -9.62 4.76
CA ILE A 343 0.93 -9.47 3.66
C ILE A 343 -0.50 -9.55 4.17
N LEU A 344 -0.78 -10.56 4.99
CA LEU A 344 -2.12 -10.75 5.54
C LEU A 344 -2.53 -9.58 6.42
N SER A 345 -1.56 -8.98 7.11
CA SER A 345 -1.81 -7.82 7.95
C SER A 345 -2.25 -6.63 7.11
N MET A 346 -1.62 -6.48 5.94
CA MET A 346 -1.98 -5.41 5.02
C MET A 346 -3.37 -5.62 4.45
N LEU A 347 -3.72 -6.89 4.21
CA LEU A 347 -5.03 -7.22 3.66
C LEU A 347 -6.14 -6.99 4.68
N LYS A 348 -5.79 -7.02 5.96
CA LYS A 348 -6.74 -6.72 7.02
C LYS A 348 -7.08 -5.23 7.01
N VAL A 349 -6.05 -4.40 6.84
CA VAL A 349 -6.22 -2.95 6.80
C VAL A 349 -7.08 -2.53 5.61
N VAL A 350 -6.79 -3.11 4.45
CA VAL A 350 -7.58 -2.87 3.25
C VAL A 350 -9.05 -3.24 3.49
N SER A 351 -9.26 -4.36 4.17
CA SER A 351 -10.61 -4.80 4.50
C SER A 351 -11.28 -3.87 5.50
N SER A 352 -10.50 -3.38 6.46
CA SER A 352 -11.03 -2.52 7.51
C SER A 352 -11.43 -1.15 6.96
N VAL A 353 -10.68 -0.67 5.97
CA VAL A 353 -10.97 0.62 5.34
C VAL A 353 -12.37 0.62 4.74
N LEU A 354 -12.72 -0.47 4.07
CA LEU A 354 -14.04 -0.62 3.47
C LEU A 354 -15.10 -0.79 4.55
N GLN A 355 -14.74 -1.48 5.63
CA GLN A 355 -15.67 -1.73 6.73
C GLN A 355 -16.07 -0.44 7.45
N PHE A 356 -15.22 0.58 7.37
CA PHE A 356 -15.52 1.88 7.95
C PHE A 356 -16.83 2.46 7.41
N GLY A 357 -16.96 2.46 6.09
CA GLY A 357 -18.13 3.01 5.43
C GLY A 357 -19.42 2.29 5.79
N ASN A 358 -19.32 1.00 6.08
CA ASN A 358 -20.49 0.18 6.38
C ASN A 358 -21.11 0.50 7.74
N ILE A 359 -20.41 1.31 8.54
CA ILE A 359 -20.95 1.77 9.81
C ILE A 359 -22.12 2.72 9.58
N SER A 360 -23.26 2.41 10.18
CA SER A 360 -24.48 3.18 9.94
C SER A 360 -24.88 4.02 11.16
N PHE A 361 -24.78 5.34 11.00
CA PHE A 361 -25.25 6.28 12.01
C PHE A 361 -26.67 6.73 11.65
N LYS A 362 -27.50 6.98 12.67
CA LYS A 362 -28.86 7.41 12.42
C LYS A 362 -29.24 8.67 13.19
N LYS A 363 -30.36 9.26 12.80
CA LYS A 363 -30.83 10.54 13.33
C LYS A 363 -32.30 10.49 13.72
N GLU A 364 -32.60 10.92 14.95
CA GLU A 364 -33.98 10.96 15.41
C GLU A 364 -34.25 12.18 16.27
N ARG A 365 -35.53 12.57 16.31
CA ARG A 365 -35.98 13.69 17.13
C ARG A 365 -36.45 13.23 18.51
N THR A 367 -33.11 15.18 20.80
CA THR A 367 -31.92 16.00 20.94
C THR A 367 -30.91 15.72 19.82
N ASP A 368 -29.91 16.58 19.69
CA ASP A 368 -28.96 16.45 18.60
C ASP A 368 -27.77 15.59 19.00
N GLN A 369 -27.70 14.37 18.48
CA GLN A 369 -26.56 13.50 18.72
C GLN A 369 -26.52 12.38 17.68
N ALA A 370 -25.36 11.75 17.52
CA ALA A 370 -25.23 10.60 16.64
C ALA A 370 -25.73 9.35 17.35
N SER A 371 -26.20 8.36 16.58
CA SER A 371 -26.63 7.10 17.17
C SER A 371 -26.36 5.92 16.25
N MET A 372 -25.97 4.80 16.84
CA MET A 372 -25.68 3.60 16.06
C MET A 372 -26.52 2.42 16.56
N PRO A 373 -27.72 2.26 16.00
CA PRO A 373 -28.67 1.19 16.35
C PRO A 373 -28.18 -0.18 15.90
N GLU A 374 -27.22 -0.20 14.98
CA GLU A 374 -26.74 -1.45 14.41
C GLU A 374 -25.37 -1.82 14.99
N ASN A 375 -25.34 -2.91 15.75
CA ASN A 375 -24.10 -3.34 16.40
C ASN A 375 -23.30 -4.35 15.58
N THR A 376 -23.89 -4.85 14.49
CA THR A 376 -23.24 -5.91 13.73
C THR A 376 -22.00 -5.35 13.04
N VAL A 377 -22.07 -4.09 12.61
CA VAL A 377 -20.91 -3.42 12.05
C VAL A 377 -20.14 -2.90 13.26
N ALA A 378 -18.95 -2.34 13.03
CA ALA A 378 -18.07 -1.81 14.08
C ALA A 378 -17.55 -2.93 15.00
N GLN A 379 -18.17 -4.10 14.94
CA GLN A 379 -17.66 -5.29 15.60
C GLN A 379 -16.60 -5.88 14.70
N LYS A 380 -16.92 -5.89 13.41
CA LYS A 380 -15.99 -6.34 12.38
C LYS A 380 -14.80 -5.40 12.30
N LEU A 381 -15.09 -4.11 12.41
CA LEU A 381 -14.06 -3.07 12.33
C LEU A 381 -13.09 -3.16 13.49
N CYS A 382 -13.61 -3.40 14.68
CA CYS A 382 -12.77 -3.47 15.87
C CYS A 382 -12.06 -4.82 15.96
N HIS A 383 -12.58 -5.82 15.25
CA HIS A 383 -11.92 -7.13 15.21
C HIS A 383 -10.77 -7.13 14.21
N LEU A 384 -11.00 -6.52 13.04
CA LEU A 384 -9.96 -6.40 12.03
C LEU A 384 -8.82 -5.56 12.55
N LEU A 385 -9.17 -4.49 13.27
CA LEU A 385 -8.18 -3.65 13.93
C LEU A 385 -7.98 -4.14 15.37
N GLY A 386 -7.25 -3.38 16.17
CA GLY A 386 -6.96 -3.77 17.54
C GLY A 386 -7.76 -3.02 18.58
N MET A 387 -8.91 -2.49 18.18
CA MET A 387 -9.68 -1.61 19.07
C MET A 387 -10.72 -2.36 19.90
N ASN A 388 -10.88 -1.91 21.14
CA ASN A 388 -11.94 -2.41 22.01
C ASN A 388 -13.30 -1.90 21.54
N VAL A 389 -14.23 -2.82 21.31
CA VAL A 389 -15.52 -2.48 20.72
C VAL A 389 -16.32 -1.49 21.58
N MET A 390 -16.15 -1.57 22.90
CA MET A 390 -16.85 -0.68 23.81
C MET A 390 -16.18 0.69 23.86
N GLU A 391 -14.86 0.71 23.88
CA GLU A 391 -14.10 1.95 23.85
C GLU A 391 -14.36 2.71 22.56
N PHE A 392 -14.38 1.98 21.46
CA PHE A 392 -14.59 2.58 20.13
C PHE A 392 -15.97 3.20 20.00
N THR A 393 -17.00 2.47 20.40
CA THR A 393 -18.37 2.96 20.33
C THR A 393 -18.53 4.27 21.09
N ARG A 394 -17.92 4.34 22.27
CA ARG A 394 -17.94 5.56 23.07
C ARG A 394 -17.11 6.66 22.40
N ALA A 395 -15.99 6.27 21.80
CA ALA A 395 -15.08 7.22 21.18
C ALA A 395 -15.64 7.84 19.90
N ILE A 396 -16.20 7.01 19.02
CA ILE A 396 -16.67 7.49 17.73
C ILE A 396 -17.93 8.36 17.88
N LEU A 397 -18.79 8.01 18.84
CA LEU A 397 -20.00 8.77 19.11
C LEU A 397 -19.72 9.99 19.97
N THR A 398 -18.90 9.81 21.00
CA THR A 398 -18.61 10.88 21.95
C THR A 398 -17.12 10.94 22.29
N PRO A 399 -16.32 11.57 21.43
CA PRO A 399 -14.87 11.66 21.54
C PRO A 399 -14.39 12.45 22.76
N ARG A 400 -13.15 12.23 23.17
CA ARG A 400 -12.54 12.98 24.26
C ARG A 400 -11.49 13.94 23.72
N ILE A 401 -11.77 15.23 23.84
CA ILE A 401 -10.92 16.27 23.28
C ILE A 401 -10.20 17.07 24.36
N LYS A 402 -8.87 17.03 24.33
CA LYS A 402 -8.05 17.70 25.32
C LYS A 402 -8.02 19.21 25.08
N VAL A 408 -12.62 17.40 27.26
CA VAL A 408 -13.22 16.24 27.91
C VAL A 408 -14.61 15.94 27.36
N GLN A 409 -14.71 14.83 26.63
CA GLN A 409 -15.99 14.23 26.23
C GLN A 409 -16.84 15.20 25.40
N LYS A 410 -16.43 15.38 24.15
CA LYS A 410 -17.12 16.24 23.20
C LYS A 410 -18.20 15.45 22.46
N ALA A 411 -19.33 16.09 22.17
CA ALA A 411 -20.43 15.43 21.47
C ALA A 411 -20.34 15.65 19.96
N GLN A 412 -20.68 14.61 19.20
CA GLN A 412 -20.67 14.69 17.74
C GLN A 412 -22.05 14.36 17.17
N THR A 413 -22.40 15.04 16.09
CA THR A 413 -23.68 14.83 15.43
C THR A 413 -23.62 13.74 14.37
N LYS A 414 -24.70 13.63 13.59
CA LYS A 414 -24.80 12.68 12.49
C LYS A 414 -23.85 13.04 11.36
N GLU A 415 -23.75 14.33 11.07
CA GLU A 415 -22.92 14.79 9.96
C GLU A 415 -21.43 14.67 10.31
N GLN A 416 -21.11 14.91 11.58
CA GLN A 416 -19.73 14.83 12.06
C GLN A 416 -19.21 13.40 12.10
N ALA A 417 -20.08 12.46 12.43
CA ALA A 417 -19.69 11.06 12.59
C ALA A 417 -19.27 10.41 11.27
N ASP A 418 -20.10 10.58 10.25
CA ASP A 418 -19.79 10.01 8.93
C ASP A 418 -18.51 10.58 8.36
N PHE A 419 -18.29 11.87 8.58
CA PHE A 419 -17.07 12.53 8.12
C PHE A 419 -15.85 12.02 8.90
N ALA A 420 -16.01 11.87 10.21
CA ALA A 420 -14.94 11.36 11.05
C ALA A 420 -14.57 9.93 10.68
N VAL A 421 -15.57 9.14 10.31
CA VAL A 421 -15.36 7.76 9.88
C VAL A 421 -14.60 7.74 8.55
N GLU A 422 -15.03 8.59 7.61
CA GLU A 422 -14.40 8.68 6.30
C GLU A 422 -12.93 9.06 6.42
N ALA A 423 -12.64 10.01 7.29
CA ALA A 423 -11.27 10.49 7.47
C ALA A 423 -10.38 9.41 8.08
N LEU A 424 -10.94 8.62 8.99
CA LEU A 424 -10.21 7.52 9.60
C LEU A 424 -9.83 6.48 8.56
N ALA A 425 -10.74 6.21 7.63
CA ALA A 425 -10.48 5.29 6.53
C ALA A 425 -9.42 5.85 5.59
N LYS A 426 -9.52 7.14 5.30
CA LYS A 426 -8.57 7.81 4.43
C LYS A 426 -7.18 7.88 5.07
N ALA A 427 -7.16 8.17 6.37
CA ALA A 427 -5.90 8.26 7.10
C ALA A 427 -5.22 6.90 7.23
N THR A 428 -6.01 5.89 7.57
CA THR A 428 -5.49 4.54 7.76
C THR A 428 -4.88 3.99 6.47
N TYR A 429 -5.59 4.20 5.35
CA TYR A 429 -5.10 3.71 4.07
C TYR A 429 -3.85 4.47 3.63
N GLU A 430 -3.79 5.76 3.95
CA GLU A 430 -2.62 6.57 3.62
C GLU A 430 -1.42 6.13 4.45
N ARG A 431 -1.66 5.82 5.72
CA ARG A 431 -0.61 5.32 6.61
C ARG A 431 -0.18 3.92 6.18
N LEU A 432 -1.13 3.16 5.62
CA LEU A 432 -0.82 1.84 5.08
C LEU A 432 0.11 1.96 3.89
N PHE A 433 -0.12 2.98 3.06
CA PHE A 433 0.68 3.20 1.86
C PHE A 433 2.10 3.62 2.20
N ARG A 434 2.23 4.57 3.12
CA ARG A 434 3.55 5.06 3.53
C ARG A 434 4.35 3.97 4.23
N TRP A 435 3.64 3.01 4.85
CA TRP A 435 4.31 1.88 5.48
C TRP A 435 4.82 0.91 4.41
N LEU A 436 4.00 0.69 3.39
CA LEU A 436 4.35 -0.19 2.28
C LEU A 436 5.61 0.32 1.57
N VAL A 437 5.72 1.64 1.47
CA VAL A 437 6.88 2.26 0.85
C VAL A 437 8.14 2.03 1.69
N HIS A 438 8.04 2.34 2.98
CA HIS A 438 9.16 2.18 3.90
C HIS A 438 9.57 0.72 4.05
N ARG A 439 8.60 -0.18 3.93
CA ARG A 439 8.87 -1.61 4.02
C ARG A 439 9.64 -2.08 2.79
N ILE A 440 9.34 -1.48 1.65
CA ILE A 440 10.07 -1.77 0.41
C ILE A 440 11.49 -1.24 0.50
N ASN A 441 11.64 -0.04 1.08
CA ASN A 441 12.95 0.56 1.27
C ASN A 441 13.86 -0.28 2.15
N LYS A 442 13.25 -1.03 3.07
CA LYS A 442 14.01 -1.95 3.92
C LYS A 442 14.45 -3.18 3.13
N ALA A 443 13.72 -3.48 2.07
CA ALA A 443 14.02 -4.65 1.25
C ALA A 443 14.98 -4.29 0.11
N LEU A 444 15.50 -3.07 0.16
CA LEU A 444 16.46 -2.60 -0.83
C LEU A 444 17.87 -2.70 -0.27
N ASP A 445 18.79 -3.22 -1.08
CA ASP A 445 20.14 -3.51 -0.61
C ASP A 445 21.03 -2.27 -0.56
N ARG A 446 21.56 -1.99 0.62
CA ARG A 446 22.57 -0.95 0.78
C ARG A 446 23.90 -1.61 1.15
N THR A 447 24.85 -1.58 0.22
CA THR A 447 26.12 -2.28 0.40
C THR A 447 27.19 -1.37 1.01
N LYS A 448 26.82 -0.11 1.25
CA LYS A 448 27.73 0.83 1.88
C LYS A 448 26.97 1.75 2.85
N ARG A 449 27.51 1.93 4.04
CA ARG A 449 26.95 2.90 4.99
C ARG A 449 26.91 4.27 4.32
N GLN A 450 28.08 4.87 4.17
CA GLN A 450 28.32 5.91 3.16
C GLN A 450 27.24 6.97 3.02
N GLY A 451 27.15 7.90 3.96
CA GLY A 451 26.23 9.03 3.80
C GLY A 451 26.53 9.65 2.45
N ALA A 452 25.51 9.70 1.60
CA ALA A 452 25.72 9.98 0.19
C ALA A 452 24.89 11.11 -0.40
N SER A 453 24.99 11.24 -1.72
CA SER A 453 24.22 12.20 -2.51
C SER A 453 23.35 11.41 -3.48
N PHE A 454 22.28 12.04 -3.98
CA PHE A 454 21.30 11.29 -4.77
C PHE A 454 20.88 11.95 -6.08
N ILE A 455 20.37 11.13 -6.98
CA ILE A 455 19.71 11.60 -8.20
C ILE A 455 18.27 11.09 -8.20
N GLY A 456 17.32 12.00 -8.05
CA GLY A 456 15.93 11.63 -7.97
C GLY A 456 15.21 11.49 -9.31
N ILE A 457 14.27 10.55 -9.37
CA ILE A 457 13.40 10.41 -10.53
C ILE A 457 11.95 10.57 -10.11
N LEU A 458 11.31 11.64 -10.54
CA LEU A 458 9.93 11.92 -10.14
C LEU A 458 8.93 11.39 -11.16
N ASP A 459 8.11 10.44 -10.74
CA ASP A 459 7.05 9.91 -11.59
C ASP A 459 5.72 10.41 -11.03
N ILE A 460 5.09 11.32 -11.76
CA ILE A 460 3.84 11.92 -11.31
C ILE A 460 2.88 12.14 -12.48
N ALA A 461 1.59 12.01 -12.20
CA ALA A 461 0.56 12.22 -13.21
C ALA A 461 0.61 13.65 -13.73
N GLY A 462 0.51 13.80 -15.05
CA GLY A 462 0.60 15.11 -15.69
C GLY A 462 -0.62 15.99 -15.44
N PHE A 463 -0.63 17.14 -16.09
CA PHE A 463 -1.73 18.09 -15.98
C PHE A 463 -3.02 17.44 -16.49
N GLU A 464 -4.05 17.44 -15.65
CA GLU A 464 -5.32 16.81 -16.00
C GLU A 464 -6.39 17.83 -16.36
N ILE A 465 -6.97 17.69 -17.55
CA ILE A 465 -8.09 18.52 -17.96
C ILE A 465 -9.26 17.66 -18.43
N PHE A 466 -10.35 17.67 -17.68
CA PHE A 466 -11.56 16.95 -18.06
C PHE A 466 -12.65 17.90 -18.52
N GLU A 467 -13.81 17.34 -18.86
CA GLU A 467 -14.99 18.12 -19.21
C GLU A 467 -15.76 18.49 -17.95
N LEU A 468 -15.29 18.01 -16.81
CA LEU A 468 -15.92 18.30 -15.53
C LEU A 468 -14.93 18.99 -14.59
N ASN A 469 -13.82 18.33 -14.28
CA ASN A 469 -12.79 18.86 -13.39
C ASN A 469 -13.28 19.19 -11.98
N SER A 470 -13.37 18.16 -11.16
CA SER A 470 -13.77 18.29 -9.76
C SER A 470 -12.60 18.72 -8.89
N PHE A 471 -12.78 18.65 -7.58
CA PHE A 471 -11.77 19.08 -6.61
C PHE A 471 -10.44 18.34 -6.77
N GLU A 472 -10.48 17.07 -7.15
CA GLU A 472 -9.27 16.29 -7.35
C GLU A 472 -8.44 16.85 -8.50
N GLN A 473 -9.11 17.42 -9.49
CA GLN A 473 -8.45 17.98 -10.66
C GLN A 473 -7.80 19.32 -10.34
N LEU A 474 -8.40 20.06 -9.41
CA LEU A 474 -7.83 21.33 -8.98
C LEU A 474 -6.50 21.09 -8.26
N CYS A 475 -6.43 20.02 -7.50
CA CYS A 475 -5.24 19.67 -6.74
C CYS A 475 -4.08 19.25 -7.64
N ILE A 476 -4.39 18.41 -8.63
CA ILE A 476 -3.35 17.88 -9.52
C ILE A 476 -2.86 18.95 -10.49
N ASN A 477 -3.70 19.96 -10.74
CA ASN A 477 -3.29 21.10 -11.56
C ASN A 477 -2.47 22.09 -10.74
N TYR A 478 -2.82 22.21 -9.47
CA TYR A 478 -2.13 23.11 -8.55
C TYR A 478 -0.68 22.68 -8.32
N THR A 479 -0.43 21.38 -8.25
CA THR A 479 0.91 20.88 -8.06
C THR A 479 1.72 20.93 -9.36
N ASN A 480 1.04 20.69 -10.48
CA ASN A 480 1.68 20.77 -11.79
C ASN A 480 1.97 22.21 -12.17
N GLU A 481 1.24 23.14 -11.55
CA GLU A 481 1.47 24.56 -11.77
C GLU A 481 2.83 24.94 -11.20
N LYS A 482 3.10 24.50 -9.97
CA LYS A 482 4.39 24.74 -9.32
C LYS A 482 5.52 24.00 -10.03
N LEU A 483 5.20 22.84 -10.59
CA LEU A 483 6.18 22.04 -11.31
C LEU A 483 6.63 22.75 -12.59
N GLN A 484 5.67 23.32 -13.31
CA GLN A 484 5.99 24.07 -14.52
C GLN A 484 6.72 25.35 -14.17
N GLN A 485 6.39 25.91 -13.01
CA GLN A 485 7.08 27.09 -12.51
C GLN A 485 8.55 26.77 -12.24
N LEU A 486 8.79 25.55 -11.76
CA LEU A 486 10.14 25.08 -11.50
C LEU A 486 10.94 25.01 -12.80
N PHE A 487 10.28 24.61 -13.88
CA PHE A 487 10.92 24.56 -15.19
C PHE A 487 11.27 25.97 -15.67
N ASN A 488 10.29 26.88 -15.59
CA ASN A 488 10.48 28.26 -16.04
C ASN A 488 11.63 28.94 -15.31
N HIS A 489 11.71 28.72 -14.01
CA HIS A 489 12.81 29.28 -13.21
C HIS A 489 14.13 28.64 -13.60
N THR A 490 14.10 27.33 -13.85
CA THR A 490 15.31 26.61 -14.25
C THR A 490 15.82 27.09 -15.58
N MET A 491 14.92 27.24 -16.55
CA MET A 491 15.26 27.76 -17.86
C MET A 491 15.76 29.20 -17.76
N PHE A 492 15.20 29.94 -16.81
CA PHE A 492 15.62 31.32 -16.56
C PHE A 492 17.06 31.38 -16.06
N ILE A 493 17.43 30.44 -15.20
CA ILE A 493 18.78 30.39 -14.66
C ILE A 493 19.77 29.84 -15.68
N LEU A 494 19.38 28.76 -16.36
CA LEU A 494 20.25 28.10 -17.32
C LEU A 494 20.57 28.97 -18.53
N GLU A 495 19.61 29.78 -18.95
CA GLU A 495 19.82 30.65 -20.11
C GLU A 495 20.61 31.90 -19.76
N GLN A 496 20.37 32.46 -18.58
CA GLN A 496 21.05 33.72 -18.22
C GLN A 496 22.53 33.47 -17.94
N GLU A 497 22.89 32.22 -17.63
CA GLU A 497 24.29 31.87 -17.46
C GLU A 497 24.89 31.48 -18.81
N GLU A 498 24.03 31.27 -19.79
CA GLU A 498 24.47 31.02 -21.16
C GLU A 498 24.85 32.32 -21.86
N TYR A 499 24.06 33.37 -21.59
CA TYR A 499 24.33 34.69 -22.14
C TYR A 499 25.65 35.25 -21.61
N GLN A 500 25.94 34.96 -20.35
CA GLN A 500 27.18 35.42 -19.73
C GLN A 500 28.39 34.73 -20.33
N ARG A 501 28.25 33.44 -20.65
CA ARG A 501 29.34 32.68 -21.25
C ARG A 501 29.64 33.18 -22.66
N GLU A 502 28.63 33.74 -23.32
CA GLU A 502 28.80 34.29 -24.65
C GLU A 502 29.09 35.78 -24.57
N GLY A 503 29.10 36.30 -23.35
CA GLY A 503 29.39 37.71 -23.12
C GLY A 503 28.31 38.64 -23.62
N ILE A 504 27.09 38.12 -23.77
CA ILE A 504 25.97 38.93 -24.23
C ILE A 504 25.21 39.50 -23.03
N GLU A 505 25.08 40.82 -23.00
CA GLU A 505 24.32 41.46 -21.94
C GLU A 505 22.88 41.70 -22.39
N TRP A 506 21.96 40.94 -21.82
CA TRP A 506 20.54 41.16 -22.05
C TRP A 506 19.78 40.79 -20.79
N ASN A 507 18.82 41.63 -20.40
CA ASN A 507 18.08 41.41 -19.16
C ASN A 507 16.63 41.00 -19.39
N PHE A 508 16.21 39.96 -18.66
CA PHE A 508 14.85 39.44 -18.76
C PHE A 508 14.35 39.03 -17.38
N ILE A 509 13.05 39.20 -17.16
CA ILE A 509 12.44 38.87 -15.87
C ILE A 509 12.34 37.35 -15.70
N ASP A 510 12.26 36.90 -14.46
CA ASP A 510 12.11 35.48 -14.16
C ASP A 510 10.80 34.97 -14.77
N PHE A 511 10.90 33.89 -15.54
CA PHE A 511 9.74 33.33 -16.22
C PHE A 511 8.87 32.54 -15.25
N GLY A 512 9.42 32.22 -14.09
CA GLY A 512 8.69 31.51 -13.05
C GLY A 512 7.62 32.39 -12.42
N LEU A 513 7.82 33.70 -12.51
CA LEU A 513 6.90 34.66 -11.91
C LEU A 513 5.57 34.74 -12.65
N ASP A 514 5.50 34.15 -13.84
CA ASP A 514 4.29 34.16 -14.64
C ASP A 514 3.21 33.28 -14.04
N LEU A 515 3.62 32.21 -13.36
CA LEU A 515 2.68 31.30 -12.73
C LEU A 515 2.38 31.70 -11.30
N GLN A 516 3.13 32.67 -10.79
CA GLN A 516 2.97 33.11 -9.40
C GLN A 516 1.57 33.65 -9.07
N PRO A 517 0.96 34.48 -9.94
CA PRO A 517 -0.39 34.91 -9.58
C PRO A 517 -1.39 33.76 -9.56
N CYS A 518 -1.25 32.82 -10.48
CA CYS A 518 -2.13 31.66 -10.55
C CYS A 518 -1.97 30.78 -9.30
N ILE A 519 -0.73 30.68 -8.82
CA ILE A 519 -0.44 29.91 -7.62
C ILE A 519 -1.04 30.59 -6.39
N ASP A 520 -0.83 31.90 -6.28
CA ASP A 520 -1.35 32.67 -5.15
C ASP A 520 -2.87 32.72 -5.18
N LEU A 521 -3.44 32.59 -6.37
CA LEU A 521 -4.90 32.51 -6.52
C LEU A 521 -5.41 31.28 -5.79
N ILE A 522 -4.75 30.15 -6.03
CA ILE A 522 -5.06 28.90 -5.34
C ILE A 522 -4.50 28.90 -3.92
N GLU A 523 -3.18 29.04 -3.81
CA GLU A 523 -2.50 28.92 -2.53
C GLU A 523 -2.07 30.27 -1.95
N ARG A 524 -2.75 30.65 -0.87
CA ARG A 524 -2.36 31.79 -0.02
C ARG A 524 -3.37 31.82 1.12
N PRO A 525 -2.90 32.06 2.36
CA PRO A 525 -3.95 32.12 3.38
C PRO A 525 -4.90 33.30 3.20
N ALA A 526 -4.38 34.52 3.09
CA ALA A 526 -5.26 35.65 2.78
C ALA A 526 -4.60 36.78 2.00
N ASN A 527 -4.91 36.93 0.71
CA ASN A 527 -4.61 38.18 0.02
C ASN A 527 -5.51 38.51 -1.17
N PRO A 528 -6.84 38.54 -1.00
CA PRO A 528 -7.70 38.04 0.08
C PRO A 528 -7.76 36.52 -0.10
N PRO A 529 -8.28 35.76 0.89
CA PRO A 529 -8.08 34.31 0.91
C PRO A 529 -8.41 33.58 -0.40
N GLY A 530 -7.51 32.67 -0.77
CA GLY A 530 -7.59 31.91 -2.01
C GLY A 530 -8.65 30.83 -2.03
N VAL A 531 -8.67 30.06 -3.13
CA VAL A 531 -9.65 29.01 -3.32
C VAL A 531 -9.55 27.93 -2.24
N LEU A 532 -8.33 27.58 -1.86
CA LEU A 532 -8.13 26.58 -0.83
C LEU A 532 -8.48 27.15 0.55
N ALA A 533 -8.05 28.38 0.80
CA ALA A 533 -8.30 29.04 2.07
C ALA A 533 -9.79 29.31 2.31
N LEU A 534 -10.49 29.67 1.24
CA LEU A 534 -11.93 29.92 1.31
C LEU A 534 -12.71 28.63 1.50
N LEU A 535 -12.19 27.54 0.96
CA LEU A 535 -12.83 26.25 1.06
C LEU A 535 -12.72 25.70 2.48
N ASP A 536 -11.62 26.03 3.15
CA ASP A 536 -11.42 25.62 4.54
C ASP A 536 -12.35 26.38 5.48
N GLU A 537 -12.65 27.62 5.13
CA GLU A 537 -13.48 28.47 5.96
C GLU A 537 -14.96 28.08 5.84
N GLU A 538 -15.36 27.69 4.64
CA GLU A 538 -16.75 27.30 4.39
C GLU A 538 -17.06 25.92 4.97
N CYS A 539 -16.02 25.12 5.20
CA CYS A 539 -16.19 23.81 5.81
C CYS A 539 -16.35 23.93 7.33
N TRP A 540 -15.95 25.08 7.86
CA TRP A 540 -16.06 25.35 9.29
C TRP A 540 -17.52 25.54 9.70
N PHE A 541 -18.34 26.02 8.77
CA PHE A 541 -19.74 26.29 9.04
C PHE A 541 -20.65 25.26 8.37
N PRO A 542 -21.47 24.57 9.17
CA PRO A 542 -22.34 23.47 8.72
C PRO A 542 -23.43 23.91 7.73
N LYS A 543 -23.90 25.15 7.85
CA LYS A 543 -25.00 25.63 7.02
C LYS A 543 -24.51 26.11 5.66
N ALA A 544 -23.20 26.14 5.47
CA ALA A 544 -22.63 26.55 4.20
C ALA A 544 -22.81 25.46 3.15
N THR A 545 -22.90 25.85 1.89
CA THR A 545 -23.09 24.90 0.79
C THR A 545 -22.10 25.16 -0.33
N ASP A 546 -22.11 24.30 -1.34
CA ASP A 546 -21.22 24.45 -2.48
C ASP A 546 -21.53 25.75 -3.22
N LYS A 547 -22.78 26.17 -3.16
CA LYS A 547 -23.22 27.39 -3.83
C LYS A 547 -22.68 28.63 -3.12
N THR A 548 -22.69 28.61 -1.80
CA THR A 548 -22.19 29.72 -1.00
C THR A 548 -20.67 29.83 -1.10
N PHE A 549 -20.02 28.72 -1.44
CA PHE A 549 -18.57 28.72 -1.65
C PHE A 549 -18.21 29.47 -2.93
N VAL A 550 -18.97 29.21 -3.99
CA VAL A 550 -18.76 29.87 -5.27
C VAL A 550 -19.02 31.36 -5.18
N GLU A 551 -20.15 31.72 -4.58
CA GLU A 551 -20.54 33.13 -4.42
C GLU A 551 -19.48 33.90 -3.65
N LYS A 552 -18.92 33.28 -2.63
CA LYS A 552 -17.89 33.94 -1.82
C LYS A 552 -16.56 33.98 -2.57
N LEU A 553 -16.31 32.96 -3.39
CA LEU A 553 -15.09 32.89 -4.17
C LEU A 553 -15.07 34.00 -5.23
N VAL A 554 -16.19 34.15 -5.93
CA VAL A 554 -16.35 35.21 -6.91
C VAL A 554 -16.25 36.57 -6.22
N GLN A 555 -16.93 36.69 -5.07
CA GLN A 555 -16.93 37.92 -4.30
C GLN A 555 -15.55 38.30 -3.78
N GLU A 556 -14.87 37.35 -3.15
CA GLU A 556 -13.55 37.62 -2.57
C GLU A 556 -12.57 38.05 -3.65
N GLN A 557 -12.36 37.20 -4.65
CA GLN A 557 -11.60 37.63 -5.82
C GLN A 557 -12.40 37.45 -7.10
N GLY A 558 -12.88 38.56 -7.65
CA GLY A 558 -13.29 38.62 -9.04
C GLY A 558 -12.25 39.43 -9.80
N SER A 559 -11.42 40.13 -9.02
CA SER A 559 -10.44 41.06 -9.55
C SER A 559 -9.20 40.34 -10.10
N HIS A 560 -8.93 39.16 -9.59
CA HIS A 560 -7.74 38.40 -9.98
C HIS A 560 -7.72 38.13 -11.48
N SER A 561 -6.57 38.42 -12.10
CA SER A 561 -6.40 38.27 -13.54
C SER A 561 -6.58 36.83 -14.02
N LYS A 562 -6.17 35.89 -13.18
CA LYS A 562 -6.22 34.48 -13.54
C LYS A 562 -7.56 33.84 -13.14
N PHE A 563 -8.47 34.66 -12.60
CA PHE A 563 -9.78 34.20 -12.22
C PHE A 563 -10.83 34.73 -13.18
N GLN A 564 -11.66 33.84 -13.73
CA GLN A 564 -12.70 34.24 -14.67
C GLN A 564 -14.00 33.48 -14.42
N LYS A 565 -15.08 34.00 -14.98
CA LYS A 565 -16.40 33.41 -14.84
C LYS A 565 -16.95 32.94 -16.19
N PRO A 566 -17.84 31.94 -16.17
CA PRO A 566 -18.45 31.43 -17.41
C PRO A 566 -19.19 32.51 -18.21
N ARG A 567 -19.38 32.26 -19.50
CA ARG A 567 -19.88 33.26 -20.44
C ARG A 567 -21.21 33.90 -20.03
N GLN A 568 -22.29 33.13 -20.16
CA GLN A 568 -23.64 33.64 -19.92
C GLN A 568 -24.58 32.54 -19.42
N LEU A 569 -25.85 32.90 -19.22
CA LEU A 569 -26.87 31.98 -18.72
C LEU A 569 -26.40 31.32 -17.43
N LYS A 570 -26.67 30.03 -17.31
CA LYS A 570 -26.05 29.22 -16.26
C LYS A 570 -25.25 28.08 -16.88
N ASP A 571 -23.94 28.19 -16.82
CA ASP A 571 -23.05 27.16 -17.33
C ASP A 571 -22.92 26.01 -16.33
N LYS A 572 -22.53 24.84 -16.83
CA LYS A 572 -22.22 23.70 -15.98
C LYS A 572 -21.23 24.07 -14.88
N ALA A 573 -20.02 24.45 -15.29
CA ALA A 573 -18.98 24.84 -14.35
C ALA A 573 -19.28 26.15 -13.65
N ASP A 574 -18.89 26.24 -12.39
CA ASP A 574 -19.10 27.44 -11.58
C ASP A 574 -18.11 28.56 -11.89
N PHE A 575 -16.83 28.21 -11.99
CA PHE A 575 -15.79 29.20 -12.26
C PHE A 575 -14.62 28.63 -13.05
N CYS A 576 -13.69 29.50 -13.43
CA CYS A 576 -12.54 29.09 -14.23
C CYS A 576 -11.24 29.70 -13.73
N ILE A 577 -10.14 28.96 -13.87
CA ILE A 577 -8.82 29.43 -13.46
C ILE A 577 -7.83 29.31 -14.62
N ILE A 578 -7.12 30.40 -14.91
CA ILE A 578 -6.13 30.40 -15.98
C ILE A 578 -4.80 29.79 -15.54
N HIS A 579 -4.42 28.68 -16.17
CA HIS A 579 -3.15 28.04 -15.90
C HIS A 579 -2.17 28.26 -17.06
N TYR A 580 -1.00 27.67 -16.95
CA TYR A 580 -0.03 27.69 -18.04
C TYR A 580 -0.55 26.85 -19.20
N ALA A 581 -1.30 25.80 -18.87
CA ALA A 581 -1.87 24.91 -19.86
C ALA A 581 -3.01 25.59 -20.62
N GLY A 582 -3.77 26.41 -19.91
CA GLY A 582 -4.88 27.12 -20.52
C GLY A 582 -6.00 27.38 -19.53
N LYS A 583 -7.18 27.71 -20.05
CA LYS A 583 -8.35 27.98 -19.23
C LYS A 583 -9.14 26.70 -18.99
N VAL A 584 -9.33 26.35 -17.72
CA VAL A 584 -10.07 25.15 -17.36
C VAL A 584 -11.31 25.49 -16.54
N ASP A 585 -12.37 24.70 -16.73
CA ASP A 585 -13.64 24.97 -16.09
C ASP A 585 -13.87 24.05 -14.89
N TYR A 586 -13.97 24.64 -13.70
CA TYR A 586 -14.19 23.88 -12.48
C TYR A 586 -15.64 23.95 -12.02
N LYS A 587 -16.19 22.80 -11.64
CA LYS A 587 -17.51 22.75 -11.03
C LYS A 587 -17.36 22.43 -9.55
N ALA A 588 -18.01 23.22 -8.70
CA ALA A 588 -17.76 23.18 -7.26
C ALA A 588 -18.63 22.16 -6.52
N ASP A 589 -19.37 21.36 -7.28
CA ASP A 589 -20.27 20.37 -6.69
C ASP A 589 -19.55 19.40 -5.76
N GLU A 590 -20.09 19.25 -4.55
CA GLU A 590 -19.56 18.34 -3.53
C GLU A 590 -18.13 18.66 -3.13
N TRP A 591 -17.71 19.92 -3.28
CA TRP A 591 -16.36 20.32 -2.90
C TRP A 591 -16.23 20.43 -1.39
N LEU A 592 -17.28 20.91 -0.73
CA LEU A 592 -17.29 21.00 0.72
C LEU A 592 -17.24 19.60 1.35
N MET A 593 -17.83 18.64 0.66
CA MET A 593 -17.85 17.25 1.13
C MET A 593 -16.48 16.61 0.98
N LYS A 594 -15.83 16.86 -0.14
CA LYS A 594 -14.54 16.23 -0.45
C LYS A 594 -13.38 16.85 0.32
N ASN A 595 -13.57 18.07 0.84
CA ASN A 595 -12.50 18.76 1.54
C ASN A 595 -12.47 18.43 3.03
N MET A 596 -13.51 17.78 3.52
CA MET A 596 -13.61 17.46 4.95
C MET A 596 -12.68 16.31 5.32
N ASP A 597 -11.76 16.57 6.24
CA ASP A 597 -10.92 15.52 6.80
C ASP A 597 -10.74 15.71 8.31
N PRO A 598 -11.85 15.68 9.06
CA PRO A 598 -11.74 15.83 10.51
C PRO A 598 -11.15 14.59 11.18
N LEU A 599 -10.19 14.77 12.07
CA LEU A 599 -9.54 13.63 12.71
C LEU A 599 -10.02 13.47 14.15
N ASN A 600 -10.59 12.31 14.44
CA ASN A 600 -11.01 11.99 15.79
C ASN A 600 -9.80 11.59 16.63
N ASP A 601 -9.52 12.36 17.67
CA ASP A 601 -8.30 12.15 18.46
C ASP A 601 -8.50 11.03 19.47
N ASN A 602 -9.75 10.70 19.74
CA ASN A 602 -10.07 9.61 20.66
C ASN A 602 -9.89 8.25 19.98
N VAL A 603 -10.37 8.15 18.74
CA VAL A 603 -10.26 6.93 17.96
C VAL A 603 -8.82 6.72 17.47
N ALA A 604 -8.14 7.82 17.16
CA ALA A 604 -6.77 7.77 16.68
C ALA A 604 -5.85 7.21 17.76
N THR A 605 -6.12 7.57 19.01
CA THR A 605 -5.34 7.08 20.14
C THR A 605 -5.61 5.58 20.35
N LEU A 606 -6.82 5.15 20.05
CA LEU A 606 -7.18 3.74 20.15
C LEU A 606 -6.42 2.90 19.13
N LEU A 607 -6.24 3.46 17.93
CA LEU A 607 -5.49 2.79 16.88
C LEU A 607 -4.00 2.79 17.18
N HIS A 608 -3.55 3.82 17.89
CA HIS A 608 -2.17 3.90 18.34
C HIS A 608 -1.92 2.85 19.44
N GLN A 609 -2.92 2.69 20.30
CA GLN A 609 -2.83 1.75 21.42
C GLN A 609 -3.40 0.38 21.04
N SER A 610 -3.74 0.22 19.77
CA SER A 610 -4.34 -1.00 19.24
C SER A 610 -3.54 -2.26 19.59
N SER A 611 -4.25 -3.33 19.91
CA SER A 611 -3.63 -4.60 20.30
C SER A 611 -2.91 -5.25 19.13
N ASP A 612 -3.31 -4.89 17.92
CA ASP A 612 -2.64 -5.40 16.72
C ASP A 612 -1.35 -4.62 16.49
N ARG A 613 -0.23 -5.34 16.47
CA ARG A 613 1.08 -4.72 16.35
C ARG A 613 1.26 -4.02 15.01
N PHE A 614 0.60 -4.53 13.97
CA PHE A 614 0.68 -3.93 12.65
C PHE A 614 -0.06 -2.59 12.64
N VAL A 615 -1.28 -2.59 13.15
CA VAL A 615 -2.10 -1.39 13.21
C VAL A 615 -1.46 -0.34 14.13
N ALA A 616 -0.88 -0.79 15.22
CA ALA A 616 -0.21 0.09 16.16
C ALA A 616 0.98 0.82 15.53
N GLU A 617 1.71 0.12 14.67
CA GLU A 617 2.86 0.69 13.99
C GLU A 617 2.46 1.81 13.02
N LEU A 618 1.39 1.59 12.28
CA LEU A 618 0.87 2.59 11.33
C LEU A 618 0.50 3.88 12.04
N TRP A 619 -0.17 3.75 13.18
CA TRP A 619 -0.66 4.90 13.92
C TRP A 619 0.31 5.34 15.02
N LYS A 620 1.50 4.74 15.04
CA LYS A 620 2.55 5.06 16.01
C LYS A 620 2.80 6.56 16.18
N ASP A 621 2.85 7.29 15.07
CA ASP A 621 3.06 8.73 15.14
C ASP A 621 1.79 9.53 14.92
N VAL A 622 1.26 10.11 16.00
CA VAL A 622 0.05 10.92 15.92
C VAL A 622 0.42 12.40 16.10
N ASP A 623 -0.30 13.26 15.39
CA ASP A 623 0.03 14.69 15.34
C ASP A 623 0.07 15.32 16.74
N ARG A 651 -7.24 20.66 10.10
CA ARG A 651 -7.00 19.48 9.28
C ARG A 651 -8.02 19.35 8.16
N THR A 652 -7.76 20.03 7.04
CA THR A 652 -8.58 19.88 5.85
C THR A 652 -7.78 19.21 4.75
N VAL A 653 -8.49 18.55 3.82
CA VAL A 653 -7.86 17.86 2.70
C VAL A 653 -6.94 18.77 1.92
N GLY A 654 -7.45 19.95 1.56
CA GLY A 654 -6.66 20.94 0.84
C GLY A 654 -5.49 21.45 1.66
N GLN A 655 -5.65 21.48 2.98
CA GLN A 655 -4.59 21.92 3.88
C GLN A 655 -3.44 20.92 3.89
N LEU A 656 -3.77 19.64 3.84
CA LEU A 656 -2.77 18.59 3.84
C LEU A 656 -2.08 18.48 2.48
N TYR A 657 -2.85 18.71 1.41
CA TYR A 657 -2.31 18.68 0.06
C TYR A 657 -1.28 19.79 -0.14
N LYS A 658 -1.61 20.97 0.36
CA LYS A 658 -0.71 22.12 0.32
C LYS A 658 0.54 21.81 1.15
N GLU A 659 0.34 21.16 2.29
CA GLU A 659 1.42 20.78 3.18
C GLU A 659 2.32 19.72 2.55
N SER A 660 1.73 18.76 1.87
CA SER A 660 2.47 17.68 1.24
C SER A 660 3.24 18.16 0.01
N LEU A 661 2.66 19.12 -0.71
CA LEU A 661 3.32 19.68 -1.89
C LEU A 661 4.51 20.55 -1.51
N THR A 662 4.37 21.31 -0.43
CA THR A 662 5.44 22.16 0.06
C THR A 662 6.65 21.30 0.45
N LYS A 663 6.37 20.08 0.90
CA LYS A 663 7.42 19.13 1.25
C LYS A 663 8.15 18.64 0.00
N LEU A 664 7.39 18.43 -1.07
CA LEU A 664 7.95 17.94 -2.33
C LEU A 664 8.77 19.02 -3.04
N MET A 665 8.24 20.24 -3.06
CA MET A 665 8.93 21.36 -3.70
C MET A 665 10.23 21.68 -2.99
N ALA A 666 10.24 21.56 -1.67
CA ALA A 666 11.42 21.84 -0.86
C ALA A 666 12.59 20.94 -1.26
N THR A 667 12.27 19.69 -1.58
CA THR A 667 13.30 18.72 -1.96
C THR A 667 13.80 18.96 -3.38
N LEU A 668 12.89 19.34 -4.27
CA LEU A 668 13.24 19.56 -5.67
C LEU A 668 14.05 20.83 -5.87
N ARG A 669 13.71 21.88 -5.12
CA ARG A 669 14.38 23.17 -5.24
C ARG A 669 15.80 23.12 -4.69
N ASN A 670 16.11 22.07 -3.94
CA ASN A 670 17.46 21.87 -3.43
C ASN A 670 18.30 21.00 -4.36
N THR A 671 17.70 20.61 -5.48
CA THR A 671 18.40 19.80 -6.47
C THR A 671 18.44 20.50 -7.83
N ASN A 672 19.08 19.86 -8.79
CA ASN A 672 19.11 20.37 -10.16
C ASN A 672 18.17 19.57 -11.05
N PRO A 673 17.04 20.19 -11.44
CA PRO A 673 15.97 19.50 -12.17
C PRO A 673 16.28 19.21 -13.64
N ASN A 674 15.86 18.04 -14.09
CA ASN A 674 15.84 17.69 -15.50
C ASN A 674 14.45 17.20 -15.88
N PHE A 675 14.08 17.36 -17.14
CA PHE A 675 12.69 17.14 -17.54
C PHE A 675 12.53 16.20 -18.73
N VAL A 676 11.75 15.15 -18.53
CA VAL A 676 11.44 14.19 -19.59
C VAL A 676 9.94 14.17 -19.84
N ARG A 677 9.55 14.31 -21.10
CA ARG A 677 8.13 14.36 -21.46
C ARG A 677 7.71 13.12 -22.24
N CYS A 678 6.89 12.29 -21.60
CA CYS A 678 6.38 11.07 -22.23
C CYS A 678 5.02 11.34 -22.88
N ILE A 679 4.91 11.02 -24.16
CA ILE A 679 3.71 11.33 -24.92
C ILE A 679 3.02 10.07 -25.45
N ILE A 680 1.69 10.04 -25.38
CA ILE A 680 0.92 8.94 -25.94
C ILE A 680 0.41 9.30 -27.33
N PRO A 681 0.89 8.59 -28.36
CA PRO A 681 0.55 8.88 -29.75
C PRO A 681 -0.91 8.58 -30.10
N ASN A 682 -1.49 7.55 -29.47
CA ASN A 682 -2.86 7.16 -29.77
C ASN A 682 -3.52 6.38 -28.65
N HIS A 683 -4.86 6.36 -28.67
CA HIS A 683 -5.63 5.64 -27.67
C HIS A 683 -5.76 4.16 -27.99
N GLU A 684 -5.32 3.78 -29.20
CA GLU A 684 -5.49 2.42 -29.68
C GLU A 684 -4.32 1.51 -29.32
N LYS A 685 -3.31 2.08 -28.67
CA LYS A 685 -2.13 1.32 -28.23
C LYS A 685 -1.49 0.57 -29.39
N ARG A 686 -1.37 1.23 -30.54
CA ARG A 686 -0.83 0.60 -31.73
C ARG A 686 0.33 1.41 -32.29
N ALA A 687 1.27 0.73 -32.94
CA ALA A 687 2.46 1.37 -33.47
C ALA A 687 2.22 1.91 -34.88
N GLY A 688 2.84 3.06 -35.18
CA GLY A 688 2.76 3.61 -36.52
C GLY A 688 1.68 4.65 -36.69
N LYS A 689 0.92 4.87 -35.61
CA LYS A 689 -0.18 5.83 -35.64
C LYS A 689 -0.03 6.90 -34.57
N LEU A 690 -0.24 8.15 -34.97
CA LEU A 690 -0.13 9.28 -34.06
C LEU A 690 -1.35 10.18 -34.17
N ASP A 691 -2.05 10.37 -33.05
CA ASP A 691 -3.20 11.26 -33.02
C ASP A 691 -2.72 12.68 -32.70
N PRO A 692 -2.79 13.57 -33.70
CA PRO A 692 -2.25 14.93 -33.60
C PRO A 692 -2.93 15.77 -32.52
N HIS A 693 -4.24 15.63 -32.36
CA HIS A 693 -4.97 16.37 -31.35
C HIS A 693 -4.60 15.88 -29.95
N LEU A 694 -4.39 14.57 -29.82
CA LEU A 694 -4.00 13.98 -28.56
C LEU A 694 -2.61 14.46 -28.14
N VAL A 695 -1.71 14.56 -29.11
CA VAL A 695 -0.36 15.06 -28.86
C VAL A 695 -0.40 16.54 -28.52
N LEU A 696 -1.17 17.31 -29.29
CA LEU A 696 -1.32 18.75 -29.07
C LEU A 696 -1.81 19.04 -27.66
N ASP A 697 -2.85 18.33 -27.23
CA ASP A 697 -3.40 18.51 -25.89
C ASP A 697 -2.35 18.21 -24.82
N GLN A 698 -1.54 17.20 -25.06
CA GLN A 698 -0.48 16.83 -24.11
C GLN A 698 0.61 17.90 -24.08
N LEU A 699 0.91 18.48 -25.24
CA LEU A 699 1.94 19.51 -25.34
C LEU A 699 1.55 20.77 -24.57
N ARG A 700 0.24 21.00 -24.44
CA ARG A 700 -0.26 22.13 -23.67
C ARG A 700 -0.19 21.82 -22.18
N CYS A 701 -0.38 20.56 -21.84
CA CYS A 701 -0.44 20.13 -20.43
C CYS A 701 0.93 20.00 -19.79
N ASN A 702 1.91 19.49 -20.53
CA ASN A 702 3.23 19.20 -19.97
C ASN A 702 4.14 20.42 -19.92
N GLY A 703 3.78 21.47 -20.64
CA GLY A 703 4.53 22.71 -20.62
C GLY A 703 5.56 22.85 -21.73
N VAL A 704 5.53 21.93 -22.70
CA VAL A 704 6.44 22.00 -23.84
C VAL A 704 6.17 23.26 -24.66
N LEU A 705 4.90 23.54 -24.92
CA LEU A 705 4.51 24.75 -25.63
C LEU A 705 4.77 25.98 -24.78
N GLU A 706 4.73 25.80 -23.46
CA GLU A 706 5.04 26.87 -22.53
C GLU A 706 6.53 27.21 -22.61
N GLY A 707 7.35 26.17 -22.78
CA GLY A 707 8.77 26.37 -22.96
C GLY A 707 9.07 27.07 -24.27
N ILE A 708 8.27 26.75 -25.29
CA ILE A 708 8.37 27.41 -26.59
C ILE A 708 8.01 28.89 -26.47
N ARG A 709 6.99 29.17 -25.66
CA ARG A 709 6.53 30.53 -25.44
C ARG A 709 7.61 31.42 -24.86
N ILE A 710 8.48 30.84 -24.02
CA ILE A 710 9.51 31.60 -23.34
C ILE A 710 10.70 31.98 -24.22
N CYS A 711 11.21 31.01 -24.97
CA CYS A 711 12.37 31.24 -25.82
C CYS A 711 12.12 32.27 -26.92
N ARG A 712 10.87 32.37 -27.37
CA ARG A 712 10.50 33.31 -28.43
C ARG A 712 10.78 34.76 -28.04
N GLN A 713 10.66 35.05 -26.75
CA GLN A 713 10.88 36.40 -26.24
C GLN A 713 12.35 36.79 -26.37
N GLY A 714 13.22 35.78 -26.32
CA GLY A 714 14.65 35.98 -26.40
C GLY A 714 15.22 35.74 -27.78
N PHE A 715 16.43 35.21 -27.82
CA PHE A 715 17.09 34.86 -29.07
C PHE A 715 17.31 33.35 -29.12
N PRO A 716 16.26 32.60 -29.46
CA PRO A 716 16.26 31.14 -29.40
C PRO A 716 17.28 30.48 -30.32
N ASN A 717 17.40 30.97 -31.55
CA ASN A 717 18.31 30.38 -32.51
C ASN A 717 19.74 30.83 -32.25
N ARG A 718 20.61 29.88 -31.97
CA ARG A 718 22.00 30.18 -31.69
C ARG A 718 22.90 29.36 -32.60
N ILE A 719 23.62 30.06 -33.48
CA ILE A 719 24.41 29.43 -34.51
C ILE A 719 25.88 29.78 -34.36
N VAL A 720 26.76 28.78 -34.40
CA VAL A 720 28.20 29.01 -34.29
C VAL A 720 28.69 29.72 -35.54
N PHE A 721 29.82 30.42 -35.40
CA PHE A 721 30.36 31.26 -36.47
C PHE A 721 30.60 30.51 -37.78
N GLN A 722 31.23 29.35 -37.71
CA GLN A 722 31.59 28.60 -38.91
C GLN A 722 30.40 28.04 -39.70
N GLU A 723 29.41 27.49 -39.00
CA GLU A 723 28.28 26.88 -39.70
C GLU A 723 27.31 27.94 -40.20
N PHE A 724 27.41 29.14 -39.64
CA PHE A 724 26.64 30.28 -40.15
C PHE A 724 27.29 30.80 -41.43
N ARG A 725 28.62 30.83 -41.43
CA ARG A 725 29.38 31.28 -42.59
C ARG A 725 29.18 30.34 -43.76
N GLN A 726 29.46 29.06 -43.55
CA GLN A 726 29.35 28.04 -44.60
C GLN A 726 27.99 28.02 -45.29
N ARG A 727 26.94 28.18 -44.50
CA ARG A 727 25.58 28.14 -45.03
C ARG A 727 25.22 29.37 -45.85
N TYR A 728 25.39 30.55 -45.26
CA TYR A 728 24.88 31.79 -45.84
C TYR A 728 25.89 32.65 -46.60
N GLU A 729 27.13 32.17 -46.73
CA GLU A 729 28.19 32.95 -47.37
C GLU A 729 27.83 33.37 -48.80
N ILE A 730 26.99 32.59 -49.45
CA ILE A 730 26.60 32.86 -50.83
C ILE A 730 25.77 34.14 -50.95
N LEU A 731 25.23 34.60 -49.83
CA LEU A 731 24.44 35.82 -49.80
C LEU A 731 25.33 37.05 -49.88
N THR A 732 26.58 36.91 -49.43
CA THR A 732 27.54 38.00 -49.46
C THR A 732 28.86 37.54 -50.08
N PRO A 733 28.87 37.37 -51.41
CA PRO A 733 30.01 36.78 -52.11
C PRO A 733 31.31 37.58 -51.99
N ASN A 734 31.24 38.89 -52.21
CA ASN A 734 32.45 39.70 -52.23
C ASN A 734 32.72 40.41 -50.90
N ALA A 735 31.81 40.24 -49.95
CA ALA A 735 31.99 40.83 -48.63
C ALA A 735 33.16 40.15 -47.94
N ILE A 736 33.13 38.82 -47.96
CA ILE A 736 34.14 37.99 -47.31
C ILE A 736 35.36 37.79 -48.22
N PRO A 737 36.56 37.97 -47.66
CA PRO A 737 37.84 37.68 -48.32
C PRO A 737 37.99 36.21 -48.69
N LYS A 738 39.16 35.89 -49.23
CA LYS A 738 39.46 34.56 -49.78
C LYS A 738 39.85 33.56 -48.68
N GLY A 739 39.46 33.85 -47.45
CA GLY A 739 39.71 32.97 -46.32
C GLY A 739 40.97 33.16 -45.50
N PHE A 740 41.11 34.39 -44.98
CA PHE A 740 42.14 34.72 -44.01
C PHE A 740 41.61 34.40 -42.61
N MET A 741 40.42 33.80 -42.59
CA MET A 741 39.78 33.24 -41.40
C MET A 741 39.48 34.15 -40.21
N ASP A 742 39.85 33.63 -39.03
CA ASP A 742 39.58 34.17 -37.69
C ASP A 742 38.12 33.93 -37.30
N GLY A 743 37.26 33.77 -38.30
CA GLY A 743 35.91 33.26 -38.17
C GLY A 743 34.86 34.09 -37.45
N LYS A 744 35.27 35.01 -36.60
CA LYS A 744 34.30 35.88 -35.91
C LYS A 744 33.97 37.09 -36.78
N GLN A 745 35.02 37.68 -37.35
CA GLN A 745 34.90 38.91 -38.12
C GLN A 745 34.31 38.61 -39.49
N ALA A 746 34.38 37.34 -39.89
CA ALA A 746 33.78 36.89 -41.13
C ALA A 746 32.26 37.04 -41.04
N CYS A 747 31.71 36.77 -39.86
CA CYS A 747 30.28 36.90 -39.65
C CYS A 747 29.89 38.36 -39.47
N GLU A 748 30.77 39.13 -38.84
CA GLU A 748 30.54 40.56 -38.67
C GLU A 748 30.53 41.28 -40.01
N ARG A 749 31.24 40.72 -40.98
CA ARG A 749 31.26 41.27 -42.32
C ARG A 749 29.99 40.90 -43.07
N MET A 750 29.52 39.68 -42.84
CA MET A 750 28.29 39.20 -43.47
C MET A 750 27.07 39.99 -43.02
N ILE A 751 26.98 40.23 -41.71
CA ILE A 751 25.87 40.98 -41.15
C ILE A 751 25.88 42.42 -41.64
N ARG A 752 27.08 43.00 -41.76
CA ARG A 752 27.24 44.36 -42.24
C ARG A 752 26.81 44.47 -43.70
N ALA A 753 27.23 43.48 -44.50
CA ALA A 753 26.87 43.44 -45.90
C ALA A 753 25.38 43.19 -46.10
N LEU A 754 24.82 42.27 -45.33
CA LEU A 754 23.38 41.98 -45.38
C LEU A 754 22.53 43.13 -44.84
N GLU A 755 23.17 44.06 -44.14
CA GLU A 755 22.50 45.22 -43.57
C GLU A 755 21.43 44.81 -42.54
N LEU A 756 21.57 43.59 -42.03
CA LEU A 756 20.64 43.02 -41.06
C LEU A 756 20.42 43.92 -39.85
N ASP A 757 19.16 44.12 -39.48
CA ASP A 757 18.78 44.97 -38.36
C ASP A 757 19.45 44.50 -37.07
N PRO A 758 20.11 45.41 -36.35
CA PRO A 758 20.80 45.12 -35.08
C PRO A 758 19.91 44.58 -33.96
N ASN A 759 18.60 44.74 -34.09
CA ASN A 759 17.68 44.27 -33.06
C ASN A 759 17.30 42.80 -33.28
N LEU A 760 17.61 42.29 -34.46
CA LEU A 760 17.26 40.91 -34.81
C LEU A 760 18.36 39.89 -34.47
N TYR A 761 19.52 40.37 -34.05
CA TYR A 761 20.63 39.46 -33.75
C TYR A 761 21.49 39.93 -32.57
N ARG A 762 22.24 39.00 -32.00
CA ARG A 762 23.23 39.30 -30.97
C ARG A 762 24.48 38.47 -31.20
N ILE A 763 25.64 39.10 -31.10
CA ILE A 763 26.91 38.41 -31.33
C ILE A 763 27.56 38.00 -30.02
N GLY A 764 27.61 36.69 -29.78
CA GLY A 764 28.20 36.14 -28.57
C GLY A 764 29.66 35.84 -28.77
N GLN A 765 30.26 35.16 -27.80
CA GLN A 765 31.68 34.84 -27.88
C GLN A 765 31.97 33.78 -28.94
N SER A 766 31.35 32.62 -28.80
CA SER A 766 31.51 31.53 -29.78
C SER A 766 30.39 31.45 -30.82
N LYS A 767 29.30 32.18 -30.61
CA LYS A 767 28.10 31.99 -31.42
C LYS A 767 27.34 33.29 -31.70
N ILE A 768 26.41 33.22 -32.65
CA ILE A 768 25.53 34.35 -32.93
C ILE A 768 24.09 34.03 -32.55
N PHE A 769 23.49 34.90 -31.75
CA PHE A 769 22.13 34.68 -31.27
C PHE A 769 21.15 35.34 -32.24
N PHE A 770 20.09 34.62 -32.60
CA PHE A 770 19.12 35.13 -33.56
C PHE A 770 17.70 35.08 -33.02
N ARG A 771 16.89 36.08 -33.40
CA ARG A 771 15.47 36.07 -33.10
C ARG A 771 14.75 35.06 -33.99
N ALA A 772 13.56 34.64 -33.57
CA ALA A 772 12.76 33.73 -34.37
C ALA A 772 12.31 34.37 -35.67
N GLY A 773 12.42 33.63 -36.76
CA GLY A 773 12.00 34.12 -38.07
C GLY A 773 13.13 34.71 -38.88
N VAL A 774 14.24 35.02 -38.22
CA VAL A 774 15.39 35.61 -38.90
C VAL A 774 16.03 34.61 -39.86
N LEU A 775 16.31 33.40 -39.36
CA LEU A 775 16.93 32.37 -40.17
C LEU A 775 15.99 31.88 -41.26
N ALA A 776 14.69 32.03 -41.04
CA ALA A 776 13.70 31.67 -42.05
C ALA A 776 13.86 32.56 -43.27
N HIS A 777 14.16 33.83 -43.02
CA HIS A 777 14.39 34.80 -44.09
C HIS A 777 15.70 34.50 -44.83
N LEU A 778 16.78 34.32 -44.07
CA LEU A 778 18.09 34.08 -44.64
C LEU A 778 18.14 32.75 -45.41
N GLU A 779 17.38 31.78 -44.95
CA GLU A 779 17.32 30.48 -45.62
C GLU A 779 16.57 30.61 -46.94
N GLU A 780 15.62 31.55 -46.98
CA GLU A 780 14.84 31.79 -48.17
C GLU A 780 15.64 32.62 -49.18
N GLU A 781 16.47 33.51 -48.67
CA GLU A 781 17.35 34.31 -49.52
C GLU A 781 18.44 33.43 -50.12
N ARG A 782 18.83 32.39 -49.39
CA ARG A 782 19.83 31.44 -49.87
C ARG A 782 19.35 30.68 -51.08
N ALA A 783 18.13 30.18 -51.01
CA ALA A 783 17.55 29.37 -52.08
C ALA A 783 17.50 30.12 -53.40
N SER A 784 17.11 31.39 -53.35
CA SER A 784 17.05 32.23 -54.53
C SER A 784 18.44 32.53 -55.06
N GLU A 785 19.35 32.90 -54.16
CA GLU A 785 20.71 33.26 -54.53
C GLU A 785 21.51 32.06 -55.02
N GLN A 786 21.20 30.89 -54.49
CA GLN A 786 21.91 29.66 -54.88
C GLN A 786 21.68 29.34 -56.35
N THR A 787 20.42 29.30 -56.75
CA THR A 787 20.05 29.00 -58.14
C THR A 787 20.48 30.15 -59.06
N LYS A 788 20.52 31.36 -58.51
CA LYS A 788 20.92 32.53 -59.29
C LYS A 788 22.42 32.50 -59.57
N SER A 789 23.21 32.19 -58.54
CA SER A 789 24.66 32.13 -58.69
C SER A 789 25.09 30.94 -59.54
N ASP A 790 24.35 29.84 -59.43
CA ASP A 790 24.65 28.65 -60.22
C ASP A 790 24.31 28.87 -61.69
N TYR A 791 23.29 29.67 -61.94
CA TYR A 791 22.90 29.99 -63.30
C TYR A 791 23.92 30.89 -63.98
N LEU A 792 24.26 31.99 -63.32
CA LEU A 792 25.18 32.98 -63.88
C LEU A 792 26.60 32.41 -64.08
N LYS A 793 26.91 31.32 -63.39
CA LYS A 793 28.18 30.63 -63.56
C LYS A 793 28.17 29.83 -64.86
N ARG A 794 27.29 28.85 -64.93
CA ARG A 794 27.19 27.97 -66.10
C ARG A 794 26.74 28.71 -67.36
N ALA A 795 26.15 29.88 -67.19
CA ALA A 795 25.76 30.71 -68.34
C ALA A 795 27.00 31.34 -68.98
N ASN A 796 27.84 31.96 -68.15
CA ASN A 796 29.06 32.61 -68.62
C ASN A 796 30.03 31.63 -69.25
N GLU A 797 30.16 30.45 -68.65
CA GLU A 797 31.05 29.42 -69.15
C GLU A 797 30.56 28.89 -70.50
N LEU A 798 29.24 28.94 -70.70
CA LEU A 798 28.65 28.53 -71.97
C LEU A 798 28.82 29.61 -73.03
N VAL A 799 28.54 30.85 -72.65
CA VAL A 799 28.64 31.99 -73.58
C VAL A 799 30.07 32.23 -74.04
N GLN A 800 31.00 32.25 -73.09
CA GLN A 800 32.41 32.46 -73.41
C GLN A 800 32.93 31.34 -74.29
N TRP A 801 32.44 30.12 -74.06
CA TRP A 801 32.81 28.97 -74.88
C TRP A 801 32.39 29.18 -76.33
N ILE A 802 31.19 29.72 -76.51
CA ILE A 802 30.68 30.04 -77.84
C ILE A 802 31.52 31.13 -78.49
N ASN A 803 31.80 32.18 -77.73
CA ASN A 803 32.60 33.29 -78.22
C ASN A 803 34.04 32.89 -78.54
N ASP A 804 34.57 31.93 -77.79
CA ASP A 804 35.93 31.45 -78.03
C ASP A 804 35.99 30.49 -79.22
N LYS A 805 34.93 29.71 -79.42
CA LYS A 805 34.90 28.75 -80.52
C LYS A 805 34.57 29.46 -81.83
N GLN A 806 33.65 30.40 -81.80
CA GLN A 806 33.24 31.13 -83.00
C GLN A 806 34.40 31.97 -83.53
N ALA A 807 35.18 32.54 -82.62
CA ALA A 807 36.36 33.30 -82.99
C ALA A 807 37.38 32.38 -83.65
N SER A 808 37.38 31.12 -83.23
CA SER A 808 38.26 30.12 -83.80
C SER A 808 37.73 29.63 -85.14
N LEU A 809 36.41 29.65 -85.29
CA LEU A 809 35.76 29.22 -86.52
C LEU A 809 35.95 30.25 -87.64
N GLU A 810 36.14 31.50 -87.24
CA GLU A 810 36.32 32.58 -88.22
C GLU A 810 37.78 32.72 -88.64
N SER A 811 38.66 31.94 -88.02
CA SER A 811 40.07 31.94 -88.37
C SER A 811 40.27 31.29 -89.74
N ARG A 812 40.89 32.04 -90.65
CA ARG A 812 41.03 31.59 -92.03
C ARG A 812 42.37 30.93 -92.35
N ASP A 813 43.22 30.76 -91.34
CA ASP A 813 44.52 30.12 -91.58
C ASP A 813 44.41 28.62 -91.34
N PHE A 814 44.43 27.85 -92.42
CA PHE A 814 44.27 26.41 -92.37
C PHE A 814 45.59 25.64 -92.50
N GLY A 815 46.69 26.36 -92.67
CA GLY A 815 47.98 25.72 -92.90
C GLY A 815 48.46 25.85 -94.34
N ASP A 816 49.72 25.51 -94.57
CA ASP A 816 50.36 25.72 -95.87
C ASP A 816 50.34 24.50 -96.79
N SER A 817 49.81 23.38 -96.31
CA SER A 817 49.80 22.16 -97.11
C SER A 817 48.41 21.54 -97.24
N ILE A 818 48.31 20.47 -98.00
CA ILE A 818 47.04 19.80 -98.24
C ILE A 818 46.64 18.90 -97.07
N GLU A 819 47.64 18.41 -96.34
CA GLU A 819 47.40 17.56 -95.18
C GLU A 819 46.82 18.36 -94.02
N SER A 820 47.23 19.62 -93.93
CA SER A 820 46.77 20.51 -92.87
C SER A 820 45.30 20.90 -93.06
N VAL A 821 44.86 20.98 -94.30
CA VAL A 821 43.50 21.39 -94.60
C VAL A 821 42.48 20.34 -94.16
N GLN A 822 42.72 19.09 -94.52
CA GLN A 822 41.82 18.00 -94.15
C GLN A 822 41.92 17.69 -92.66
N SER A 823 42.98 18.16 -92.03
CA SER A 823 43.14 18.01 -90.58
C SER A 823 42.05 18.79 -89.85
N PHE A 824 41.68 19.94 -90.41
CA PHE A 824 40.59 20.73 -89.86
C PHE A 824 39.24 20.15 -90.26
N MET A 825 39.21 19.49 -91.42
CA MET A 825 37.99 18.85 -91.90
C MET A 825 37.58 17.71 -91.00
N ASN A 826 38.57 16.94 -90.55
CA ASN A 826 38.32 15.82 -89.64
C ASN A 826 38.01 16.31 -88.23
N ALA A 827 38.58 17.45 -87.86
CA ALA A 827 38.36 18.04 -86.55
C ALA A 827 37.00 18.72 -86.44
N HIS A 828 36.51 19.26 -87.56
CA HIS A 828 35.23 19.97 -87.57
C HIS A 828 34.05 19.02 -87.58
N LYS A 829 34.18 17.91 -88.30
CA LYS A 829 33.09 16.95 -88.39
C LYS A 829 33.01 16.12 -87.12
N GLU A 830 34.13 16.01 -86.41
CA GLU A 830 34.18 15.29 -85.15
C GLU A 830 33.74 16.23 -84.02
N TYR A 831 33.69 17.52 -84.33
CA TYR A 831 33.25 18.52 -83.37
C TYR A 831 31.73 18.53 -83.24
N LYS A 832 31.05 18.40 -84.38
CA LYS A 832 29.60 18.46 -84.42
C LYS A 832 28.97 17.19 -83.86
N LYS A 833 29.69 16.08 -84.00
CA LYS A 833 29.17 14.77 -83.58
C LYS A 833 29.57 14.45 -82.14
N THR A 834 30.42 15.28 -81.54
CA THR A 834 30.90 15.01 -80.18
C THR A 834 30.73 16.20 -79.24
N GLU A 835 31.45 17.29 -79.53
CA GLU A 835 31.51 18.44 -78.63
C GLU A 835 30.24 19.29 -78.62
N LYS A 836 29.55 19.38 -79.75
CA LYS A 836 28.36 20.21 -79.86
C LYS A 836 27.14 19.72 -79.04
N PRO A 837 26.78 18.43 -79.14
CA PRO A 837 25.55 18.00 -78.43
C PRO A 837 25.48 18.29 -76.91
N PRO A 838 26.57 18.10 -76.14
CA PRO A 838 26.41 18.45 -74.72
C PRO A 838 26.24 19.95 -74.51
N LYS A 839 26.91 20.74 -75.33
CA LYS A 839 26.79 22.19 -75.26
C LYS A 839 25.48 22.64 -75.89
N GLY A 840 24.95 21.79 -76.76
CA GLY A 840 23.73 22.11 -77.48
C GLY A 840 22.46 22.03 -76.63
N GLN A 841 22.31 20.95 -75.90
CA GLN A 841 21.11 20.74 -75.10
C GLN A 841 21.25 21.31 -73.70
N GLU A 842 22.42 21.87 -73.39
CA GLU A 842 22.61 22.57 -72.13
C GLU A 842 21.90 23.91 -72.20
N VAL A 843 21.76 24.42 -73.43
CA VAL A 843 20.99 25.64 -73.68
C VAL A 843 19.52 25.41 -73.36
N SER A 844 19.03 24.22 -73.70
CA SER A 844 17.64 23.86 -73.43
C SER A 844 17.40 23.65 -71.95
N GLU A 845 18.45 23.26 -71.23
CA GLU A 845 18.36 23.06 -69.79
C GLU A 845 18.41 24.41 -69.07
N LEU A 846 19.29 25.29 -69.52
CA LEU A 846 19.43 26.61 -68.93
C LEU A 846 18.16 27.45 -69.11
N GLU A 847 17.46 27.23 -70.21
CA GLU A 847 16.20 27.93 -70.45
C GLU A 847 15.12 27.38 -69.52
N ALA A 848 15.18 26.08 -69.28
CA ALA A 848 14.25 25.42 -68.36
C ALA A 848 14.53 25.87 -66.92
N ILE A 849 15.82 26.04 -66.61
CA ILE A 849 16.23 26.51 -65.29
C ILE A 849 15.84 27.97 -65.08
N TYR A 850 16.09 28.79 -66.08
CA TYR A 850 15.74 30.21 -66.04
C TYR A 850 14.24 30.39 -65.81
N ASN A 851 13.45 29.57 -66.48
CA ASN A 851 12.00 29.57 -66.28
C ASN A 851 11.65 29.05 -64.89
N SER A 852 12.30 27.98 -64.48
CA SER A 852 12.08 27.41 -63.15
C SER A 852 12.50 28.40 -62.06
N LEU A 853 13.52 29.20 -62.37
CA LEU A 853 13.97 30.25 -61.46
C LEU A 853 12.93 31.34 -61.36
N GLN A 854 12.41 31.77 -62.50
CA GLN A 854 11.43 32.85 -62.57
C GLN A 854 10.14 32.48 -61.84
N THR A 855 9.82 31.20 -61.81
CA THR A 855 8.64 30.71 -61.09
C THR A 855 8.81 30.79 -59.58
N LYS A 856 9.86 30.17 -59.06
CA LYS A 856 10.08 30.14 -57.61
C LYS A 856 10.37 31.53 -57.06
N LEU A 857 10.83 32.42 -57.93
CA LEU A 857 11.16 33.79 -57.58
C LEU A 857 9.95 34.62 -57.16
N ARG A 858 8.83 34.40 -57.84
CA ARG A 858 7.60 35.16 -57.59
C ARG A 858 6.67 34.46 -56.61
N LEU A 859 7.15 33.37 -56.01
CA LEU A 859 6.41 32.70 -54.96
C LEU A 859 6.91 33.20 -53.61
N ILE A 860 7.95 34.03 -53.68
CA ILE A 860 8.59 34.60 -52.50
C ILE A 860 8.08 36.03 -52.29
N LYS A 861 7.11 36.44 -53.12
CA LYS A 861 6.62 37.81 -53.13
C LYS A 861 7.78 38.75 -53.42
N ARG A 862 8.25 38.72 -54.67
CA ARG A 862 9.40 39.50 -55.09
C ARG A 862 9.22 40.02 -56.51
N GLU A 863 10.31 40.51 -57.09
CA GLU A 863 10.35 40.99 -58.46
C GLU A 863 11.17 40.03 -59.31
N PRO A 864 10.87 39.94 -60.61
CA PRO A 864 11.62 39.02 -61.48
C PRO A 864 13.07 39.44 -61.67
N PHE A 865 13.90 38.45 -62.01
CA PHE A 865 15.33 38.65 -62.20
C PHE A 865 15.74 38.96 -63.63
N VAL A 866 16.59 39.98 -63.77
CA VAL A 866 17.09 40.41 -65.07
C VAL A 866 18.54 39.94 -65.24
N ALA A 867 18.78 39.21 -66.32
CA ALA A 867 20.11 38.67 -66.59
C ALA A 867 20.93 39.63 -67.45
N PRO A 868 22.08 40.08 -66.93
CA PRO A 868 22.98 41.03 -67.59
C PRO A 868 23.80 40.39 -68.70
N ALA A 869 24.27 41.22 -69.62
CA ALA A 869 25.15 40.80 -70.72
C ALA A 869 24.53 39.68 -71.57
N GLY A 870 23.22 39.76 -71.77
CA GLY A 870 22.50 38.84 -72.63
C GLY A 870 22.59 37.38 -72.21
N LEU A 871 22.32 37.10 -70.93
CA LEU A 871 22.34 35.73 -70.44
C LEU A 871 20.93 35.12 -70.46
N THR A 872 19.95 35.91 -70.89
CA THR A 872 18.58 35.44 -71.01
C THR A 872 18.46 34.37 -72.09
N PRO A 873 17.59 33.37 -71.86
CA PRO A 873 17.41 32.23 -72.78
C PRO A 873 17.17 32.64 -74.23
N ASN A 874 16.48 33.75 -74.44
CA ASN A 874 16.20 34.24 -75.78
C ASN A 874 17.42 34.89 -76.42
N GLU A 875 18.33 35.37 -75.57
CA GLU A 875 19.59 35.92 -76.07
C GLU A 875 20.69 34.87 -76.14
N ILE A 876 20.43 33.71 -75.53
CA ILE A 876 21.38 32.60 -75.58
C ILE A 876 21.30 31.84 -76.90
N ASP A 877 20.08 31.46 -77.29
CA ASP A 877 19.87 30.74 -78.54
C ASP A 877 20.10 31.65 -79.74
N SER A 878 20.06 32.95 -79.51
CA SER A 878 20.37 33.94 -80.54
C SER A 878 21.87 33.92 -80.84
N THR A 879 22.67 33.71 -79.80
CA THR A 879 24.11 33.59 -79.98
C THR A 879 24.43 32.19 -80.49
N TRP A 880 23.58 31.23 -80.14
CA TRP A 880 23.75 29.85 -80.58
C TRP A 880 23.39 29.70 -82.06
N SER A 881 22.37 30.45 -82.51
CA SER A 881 21.98 30.41 -83.90
C SER A 881 22.98 31.17 -84.77
N ALA A 882 23.64 32.16 -84.17
CA ALA A 882 24.70 32.89 -84.85
C ALA A 882 25.95 32.05 -84.93
N LEU A 883 26.11 31.14 -83.98
CA LEU A 883 27.24 30.22 -83.95
C LEU A 883 27.12 29.11 -84.99
N GLU A 884 25.89 28.67 -85.24
CA GLU A 884 25.67 27.55 -86.15
C GLU A 884 25.74 27.92 -87.62
N LYS A 885 25.60 29.22 -87.92
CA LYS A 885 25.71 29.66 -89.31
C LYS A 885 27.17 29.97 -89.66
N ALA A 886 28.01 30.06 -88.64
CA ALA A 886 29.42 30.35 -88.83
C ALA A 886 30.22 29.08 -89.03
N GLU A 887 29.57 27.95 -88.84
CA GLU A 887 30.21 26.65 -88.99
C GLU A 887 30.35 26.26 -90.47
N GLN A 888 29.30 26.50 -91.25
CA GLN A 888 29.32 26.20 -92.67
C GLN A 888 30.26 27.15 -93.42
N GLU A 889 30.26 28.42 -93.00
CA GLU A 889 31.16 29.41 -93.59
C GLU A 889 32.61 28.99 -93.36
N HIS A 890 32.83 28.28 -92.26
CA HIS A 890 34.12 27.67 -91.97
C HIS A 890 34.29 26.39 -92.79
N ALA A 891 33.20 25.64 -92.93
CA ALA A 891 33.21 24.37 -93.65
C ALA A 891 33.24 24.55 -95.17
N GLU A 892 32.57 25.59 -95.66
CA GLU A 892 32.51 25.84 -97.09
C GLU A 892 33.84 26.41 -97.59
N ALA A 893 34.44 27.28 -96.77
CA ALA A 893 35.73 27.86 -97.10
C ALA A 893 36.83 26.80 -96.98
N LEU A 894 36.49 25.67 -96.35
CA LEU A 894 37.42 24.56 -96.19
C LEU A 894 37.57 23.77 -97.49
N ARG A 895 36.46 23.56 -98.20
CA ARG A 895 36.51 22.81 -99.44
C ARG A 895 37.02 23.67 -100.59
N ILE A 896 36.93 24.99 -100.44
CA ILE A 896 37.48 25.91 -101.43
C ILE A 896 39.00 25.92 -101.33
N GLU A 897 39.50 25.93 -100.10
CA GLU A 897 40.94 25.89 -99.86
C GLU A 897 41.46 24.48 -100.12
N LEU A 898 40.57 23.49 -100.08
CA LEU A 898 40.96 22.12 -100.36
C LEU A 898 41.29 21.92 -101.83
N LYS A 899 40.40 22.39 -102.71
CA LYS A 899 40.62 22.33 -104.15
C LYS A 899 41.86 23.14 -104.54
N ARG A 900 41.98 24.32 -103.94
CA ARG A 900 43.10 25.22 -104.19
C ARG A 900 44.43 24.54 -103.84
N GLN A 901 44.47 23.84 -102.71
CA GLN A 901 45.66 23.14 -102.27
C GLN A 901 46.00 21.98 -103.20
N LYS A 902 44.97 21.39 -103.81
CA LYS A 902 45.16 20.28 -104.73
C LYS A 902 45.66 20.77 -106.08
N LYS A 903 45.25 21.97 -106.46
CA LYS A 903 45.67 22.56 -107.72
C LYS A 903 47.10 23.10 -107.62
N ILE A 904 47.52 23.38 -106.38
CA ILE A 904 48.90 23.79 -106.12
C ILE A 904 49.80 22.57 -106.14
N ALA A 905 49.30 21.47 -105.58
CA ALA A 905 50.06 20.23 -105.50
C ALA A 905 50.47 19.72 -106.87
N VAL A 906 49.53 19.71 -107.81
CA VAL A 906 49.81 19.22 -109.15
C VAL A 906 50.71 20.18 -109.93
N LEU A 907 50.52 21.48 -109.73
CA LEU A 907 51.32 22.48 -110.42
C LEU A 907 52.75 22.48 -109.89
N LEU A 908 52.90 22.29 -108.58
CA LEU A 908 54.21 22.21 -107.96
C LEU A 908 54.89 20.90 -108.36
N GLN A 909 54.09 19.87 -108.59
CA GLN A 909 54.63 18.57 -109.01
C GLN A 909 55.20 18.65 -110.43
N LYS A 910 54.49 19.35 -111.31
CA LYS A 910 54.94 19.54 -112.68
C LYS A 910 56.13 20.49 -112.72
N TYR A 911 56.14 21.48 -111.85
CA TYR A 911 57.22 22.45 -111.78
C TYR A 911 58.53 21.78 -111.37
N ASN A 912 58.44 20.89 -110.39
CA ASN A 912 59.61 20.14 -109.93
C ASN A 912 60.05 19.09 -110.94
N ARG A 913 59.09 18.57 -111.70
CA ARG A 913 59.38 17.56 -112.71
C ARG A 913 60.18 18.17 -113.85
N ILE A 914 59.76 19.34 -114.30
CA ILE A 914 60.43 20.03 -115.40
C ILE A 914 61.84 20.49 -115.00
N LEU A 915 61.93 21.11 -113.83
CA LEU A 915 63.19 21.69 -113.37
C LEU A 915 64.26 20.63 -113.10
N LYS A 916 63.85 19.50 -112.52
CA LYS A 916 64.80 18.45 -112.19
C LYS A 916 65.04 17.51 -113.36
N LYS A 917 64.28 17.71 -114.43
CA LYS A 917 64.53 17.00 -115.68
C LYS A 917 65.68 17.67 -116.43
N LEU A 918 65.79 18.98 -116.28
CA LEU A 918 66.87 19.73 -116.90
C LEU A 918 68.15 19.61 -116.07
N GLU A 919 67.98 19.21 -114.81
CA GLU A 919 69.10 19.01 -113.90
C GLU A 919 70.04 17.92 -114.42
N ASN A 920 69.48 16.75 -114.70
CA ASN A 920 70.24 15.61 -115.19
C ASN A 920 70.75 15.86 -116.61
N TRP A 921 69.98 16.62 -117.37
CA TRP A 921 70.34 16.95 -118.74
C TRP A 921 71.58 17.84 -118.75
N ALA A 922 71.62 18.77 -117.81
CA ALA A 922 72.77 19.68 -117.67
C ALA A 922 73.99 18.91 -117.21
N THR A 923 73.75 17.87 -116.40
CA THR A 923 74.82 17.06 -115.83
C THR A 923 75.44 16.12 -116.87
N THR A 924 74.62 15.32 -117.53
CA THR A 924 75.11 14.29 -118.44
C THR A 924 75.56 14.85 -119.78
N LYS A 925 75.21 16.10 -120.07
CA LYS A 925 75.66 16.74 -121.31
C LYS A 925 76.93 17.55 -121.06
N SER A 926 77.41 17.52 -119.84
CA SER A 926 78.64 18.23 -119.47
C SER A 926 79.87 17.40 -119.81
N VAL A 927 79.64 16.20 -120.35
CA VAL A 927 80.72 15.31 -120.74
C VAL A 927 81.44 15.82 -121.97
N TYR A 928 80.81 16.75 -122.69
CA TYR A 928 81.40 17.33 -123.89
C TYR A 928 81.91 18.73 -123.61
N LYS A 946 81.72 19.15 -135.28
CA LYS A 946 80.62 19.47 -136.19
C LYS A 946 79.30 18.96 -135.60
N ASN A 947 79.39 18.13 -134.57
CA ASN A 947 78.23 17.67 -133.83
C ASN A 947 77.96 18.56 -132.63
N LEU A 948 78.85 19.53 -132.41
CA LEU A 948 78.75 20.41 -131.25
C LEU A 948 77.64 21.44 -131.40
N GLU A 949 77.58 22.10 -132.55
CA GLU A 949 76.56 23.12 -132.78
C GLU A 949 75.19 22.47 -132.96
N ALA A 950 75.19 21.19 -133.28
CA ALA A 950 73.96 20.41 -133.38
C ALA A 950 73.35 20.21 -132.00
N PHE A 951 74.21 19.94 -131.04
CA PHE A 951 73.80 19.77 -129.64
C PHE A 951 73.61 21.13 -128.99
N ASP A 952 74.19 22.16 -129.59
CA ASP A 952 74.06 23.53 -129.10
C ASP A 952 72.69 24.09 -129.48
N GLY A 953 72.17 23.64 -130.61
CA GLY A 953 70.86 24.05 -131.07
C GLY A 953 69.79 23.39 -130.22
N GLU A 954 70.03 22.14 -129.84
CA GLU A 954 69.12 21.40 -128.97
C GLU A 954 68.96 22.11 -127.63
N CYS A 955 70.00 22.83 -127.23
CA CYS A 955 70.02 23.54 -125.96
C CYS A 955 68.99 24.67 -125.90
N GLN A 956 69.03 25.56 -126.90
CA GLN A 956 68.20 26.75 -126.88
C GLN A 956 66.74 26.47 -127.21
N SER A 957 66.48 25.35 -127.87
CA SER A 957 65.11 24.95 -128.16
C SER A 957 64.45 24.38 -126.91
N LEU A 958 65.19 23.50 -126.23
CA LEU A 958 64.73 22.90 -124.97
C LEU A 958 64.65 23.97 -123.89
N GLU A 959 65.50 24.98 -123.98
CA GLU A 959 65.51 26.08 -123.03
C GLU A 959 64.23 26.91 -123.13
N GLY A 960 63.92 27.35 -124.35
CA GLY A 960 62.75 28.17 -124.59
C GLY A 960 61.43 27.46 -124.29
N GLN A 961 61.39 26.16 -124.57
CA GLN A 961 60.19 25.37 -124.34
C GLN A 961 59.95 25.14 -122.86
N SER A 962 61.00 24.79 -122.13
CA SER A 962 60.89 24.56 -120.69
C SER A 962 60.58 25.84 -119.94
N ASN A 963 61.24 26.92 -120.32
CA ASN A 963 61.02 28.23 -119.69
C ASN A 963 59.59 28.71 -119.89
N SER A 964 59.04 28.44 -121.06
CA SER A 964 57.67 28.84 -121.37
C SER A 964 56.68 28.04 -120.54
N ASP A 965 57.02 26.78 -120.26
CA ASP A 965 56.17 25.92 -119.45
C ASP A 965 56.30 26.26 -117.97
N LEU A 966 57.51 26.64 -117.55
CA LEU A 966 57.75 27.06 -116.18
C LEU A 966 57.06 28.39 -115.90
N LEU A 967 57.04 29.26 -116.89
CA LEU A 967 56.35 30.55 -116.77
C LEU A 967 54.84 30.35 -116.72
N SER A 968 54.36 29.31 -117.40
CA SER A 968 52.94 29.02 -117.41
C SER A 968 52.48 28.52 -116.03
N ILE A 969 53.34 27.76 -115.38
CA ILE A 969 53.03 27.23 -114.05
C ILE A 969 53.02 28.34 -113.00
N LEU A 970 54.04 29.19 -113.05
CA LEU A 970 54.15 30.30 -112.11
C LEU A 970 53.00 31.28 -112.24
N ALA A 971 52.55 31.51 -113.47
CA ALA A 971 51.44 32.43 -113.74
C ALA A 971 50.14 31.91 -113.16
N GLN A 972 49.93 30.60 -113.24
CA GLN A 972 48.72 29.98 -112.71
C GLN A 972 48.74 29.94 -111.18
N LEU A 973 49.93 29.98 -110.59
CA LEU A 973 50.07 29.96 -109.14
C LEU A 973 49.76 31.30 -108.50
N THR A 974 50.04 32.39 -109.22
CA THR A 974 49.84 33.73 -108.69
C THR A 974 48.36 34.08 -108.53
N GLU A 975 47.52 33.60 -109.45
CA GLU A 975 46.09 33.84 -109.38
C GLU A 975 45.45 32.94 -108.30
N LEU A 976 46.16 31.88 -107.93
CA LEU A 976 45.74 31.02 -106.84
C LEU A 976 46.31 31.51 -105.51
N ASN A 977 47.05 32.62 -105.58
CA ASN A 977 47.66 33.24 -104.41
C ASN A 977 48.58 32.32 -103.62
N TYR A 978 49.63 31.83 -104.27
CA TYR A 978 50.62 30.98 -103.63
C TYR A 978 51.60 31.89 -102.90
N ASN A 979 52.00 31.53 -101.69
CA ASN A 979 52.91 32.38 -100.92
C ASN A 979 54.38 31.96 -101.00
N GLY A 980 54.65 30.88 -101.71
CA GLY A 980 56.01 30.47 -101.97
C GLY A 980 56.50 30.80 -103.37
N VAL A 981 55.83 31.76 -104.03
CA VAL A 981 56.16 32.11 -105.41
C VAL A 981 57.62 32.56 -105.63
N PRO A 982 58.11 33.56 -104.87
CA PRO A 982 59.50 33.90 -105.20
C PRO A 982 60.49 32.81 -104.79
N GLU A 983 60.09 31.96 -103.86
CA GLU A 983 60.93 30.85 -103.41
C GLU A 983 61.25 29.93 -104.57
N LEU A 984 60.23 29.68 -105.39
CA LEU A 984 60.36 28.90 -106.62
C LEU A 984 61.01 29.69 -107.76
N THR A 985 60.68 30.97 -107.86
CA THR A 985 61.18 31.80 -108.94
C THR A 985 62.69 32.05 -108.85
N GLU A 986 63.17 32.29 -107.64
CA GLU A 986 64.60 32.49 -107.43
C GLU A 986 65.40 31.22 -107.69
N ARG A 987 64.87 30.09 -107.24
CA ARG A 987 65.50 28.80 -107.44
C ARG A 987 65.61 28.47 -108.93
N LYS A 988 64.62 28.90 -109.69
CA LYS A 988 64.65 28.79 -111.15
C LYS A 988 65.82 29.58 -111.74
N ASP A 989 65.98 30.82 -111.27
CA ASP A 989 67.02 31.70 -111.78
C ASP A 989 68.42 31.20 -111.42
N THR A 990 68.50 30.43 -110.34
CA THR A 990 69.78 29.84 -109.92
C THR A 990 70.20 28.75 -110.90
N PHE A 991 69.22 28.02 -111.43
CA PHE A 991 69.51 26.98 -112.42
C PHE A 991 69.86 27.60 -113.76
N PHE A 992 69.40 28.84 -113.98
CA PHE A 992 69.75 29.57 -115.19
C PHE A 992 71.24 29.83 -115.20
N ALA A 993 71.80 30.06 -114.01
CA ALA A 993 73.24 30.19 -113.83
C ALA A 993 73.92 28.84 -114.04
N GLN A 994 73.22 27.77 -113.66
CA GLN A 994 73.73 26.41 -113.83
C GLN A 994 73.74 26.02 -115.31
N GLN A 995 72.72 26.47 -116.04
CA GLN A 995 72.64 26.21 -117.47
C GLN A 995 73.64 27.08 -118.22
N TRP A 996 73.89 28.28 -117.67
CA TRP A 996 74.85 29.21 -118.24
C TRP A 996 76.26 28.62 -118.18
N THR A 997 76.53 27.82 -117.16
CA THR A 997 77.82 27.13 -117.06
C THR A 997 77.92 26.03 -118.11
N GLY A 998 76.79 25.41 -118.46
CA GLY A 998 76.76 24.38 -119.47
C GLY A 998 76.98 24.86 -120.88
N VAL A 999 76.47 26.05 -121.19
CA VAL A 999 76.65 26.64 -122.51
C VAL A 999 78.06 27.23 -122.64
N LYS A 1000 78.60 27.71 -121.52
CA LYS A 1000 79.93 28.29 -121.48
C LYS A 1000 81.01 27.22 -121.60
N SER A 1001 80.69 26.01 -121.11
CA SER A 1001 81.63 24.90 -121.15
C SER A 1001 81.87 24.42 -122.58
N SER A 1002 80.83 24.49 -123.41
CA SER A 1002 80.94 24.08 -124.80
C SER A 1002 81.86 25.04 -125.58
N ALA A 1003 81.76 26.33 -125.25
CA ALA A 1003 82.61 27.34 -125.87
C ALA A 1003 84.05 27.20 -125.39
N ASP B 9 -15.85 4.37 37.18
CA ASP B 9 -15.27 3.22 36.47
C ASP B 9 -15.80 3.12 35.04
N PRO B 10 -14.89 3.03 34.04
CA PRO B 10 -15.25 2.54 32.70
C PRO B 10 -15.25 1.02 32.74
N GLU B 11 -15.81 0.32 31.76
CA GLU B 11 -16.33 -1.05 31.94
C GLU B 11 -15.33 -2.11 32.43
N ARG B 12 -14.13 -2.03 31.88
CA ARG B 12 -13.10 -3.08 31.94
C ARG B 12 -13.20 -3.94 33.19
N TYR B 13 -14.34 -4.57 33.35
CA TYR B 13 -14.56 -5.56 34.41
C TYR B 13 -15.01 -6.70 33.53
N LEU B 14 -14.90 -6.49 32.22
CA LEU B 14 -15.30 -7.47 31.23
C LEU B 14 -14.08 -7.92 30.42
N PHE B 15 -13.49 -6.98 29.69
CA PHE B 15 -12.35 -7.30 28.84
C PHE B 15 -11.07 -7.51 29.64
N VAL B 16 -10.27 -8.48 29.20
CA VAL B 16 -9.07 -8.90 29.91
C VAL B 16 -7.95 -7.87 29.79
N ASP B 17 -7.84 -7.23 28.63
CA ASP B 17 -6.79 -6.25 28.39
C ASP B 17 -6.93 -5.02 29.29
N ARG B 18 -8.15 -4.75 29.72
CA ARG B 18 -8.41 -3.58 30.55
C ARG B 18 -8.41 -3.92 32.05
N ALA B 19 -8.12 -5.17 32.37
CA ALA B 19 -8.20 -5.66 33.74
C ALA B 19 -7.05 -5.11 34.60
N VAL B 20 -7.04 -5.50 35.87
CA VAL B 20 -6.04 -5.01 36.81
C VAL B 20 -5.01 -6.08 37.13
N LYS B 33 12.43 -23.32 34.55
CA LYS B 33 11.23 -22.69 35.08
C LYS B 33 9.99 -23.55 34.87
N LYS B 34 10.18 -24.79 34.43
CA LYS B 34 9.07 -25.69 34.21
C LYS B 34 8.27 -25.92 35.49
N LEU B 35 7.00 -25.55 35.48
CA LEU B 35 6.16 -25.63 36.67
C LEU B 35 4.99 -26.59 36.50
N VAL B 36 4.58 -27.20 37.60
CA VAL B 36 3.39 -28.05 37.61
C VAL B 36 2.57 -27.76 38.87
N TRP B 37 1.27 -28.05 38.80
CA TRP B 37 0.41 -27.87 39.97
C TRP B 37 0.57 -29.06 40.90
N ILE B 38 0.47 -28.83 42.20
CA ILE B 38 0.48 -29.90 43.18
C ILE B 38 -0.62 -29.64 44.22
N PRO B 39 -1.18 -30.72 44.80
CA PRO B 39 -2.24 -30.58 45.81
C PRO B 39 -1.76 -29.82 47.05
N SER B 40 -2.68 -29.10 47.69
CA SER B 40 -2.32 -28.32 48.86
C SER B 40 -3.52 -28.05 49.76
N GLU B 41 -3.25 -27.46 50.92
CA GLU B 41 -4.28 -27.02 51.85
C GLU B 41 -4.41 -25.51 51.87
N ARG B 42 -3.40 -24.85 52.44
CA ARG B 42 -3.37 -23.40 52.62
C ARG B 42 -3.83 -22.66 51.36
N HIS B 43 -3.03 -22.71 50.31
CA HIS B 43 -3.53 -22.38 48.98
C HIS B 43 -4.29 -23.58 48.43
N GLY B 44 -5.23 -23.34 47.53
CA GLY B 44 -5.97 -24.42 46.91
C GLY B 44 -5.04 -25.36 46.17
N PHE B 45 -4.21 -24.78 45.32
CA PHE B 45 -3.14 -25.49 44.62
C PHE B 45 -1.92 -24.59 44.50
N GLU B 46 -0.74 -25.18 44.52
CA GLU B 46 0.49 -24.40 44.36
C GLU B 46 1.33 -24.96 43.22
N ALA B 47 2.45 -24.30 42.96
CA ALA B 47 3.33 -24.67 41.85
C ALA B 47 4.63 -25.26 42.35
N ALA B 48 5.23 -26.13 41.54
CA ALA B 48 6.51 -26.75 41.90
C ALA B 48 7.35 -27.04 40.66
N SER B 49 8.66 -26.91 40.80
CA SER B 49 9.59 -27.22 39.71
C SER B 49 10.08 -28.65 39.81
N ILE B 50 10.09 -29.36 38.69
CA ILE B 50 10.41 -30.78 38.69
C ILE B 50 11.92 -31.02 38.80
N LYS B 51 12.34 -31.64 39.90
CA LYS B 51 13.74 -31.95 40.11
C LYS B 51 13.99 -33.44 40.37
N GLU B 52 13.72 -33.87 41.60
CA GLU B 52 14.04 -35.23 42.03
C GLU B 52 12.94 -36.24 41.74
N GLU B 53 13.32 -37.43 41.30
CA GLU B 53 12.40 -38.54 41.10
C GLU B 53 12.81 -39.78 41.90
N ARG B 54 11.87 -40.38 42.62
CA ARG B 54 12.16 -41.58 43.39
C ARG B 54 11.27 -42.75 42.95
N GLY B 55 11.87 -43.75 42.34
CA GLY B 55 11.14 -44.89 41.81
C GLY B 55 10.16 -44.49 40.73
N ASP B 56 8.91 -44.95 40.83
CA ASP B 56 7.89 -44.60 39.86
C ASP B 56 7.04 -43.41 40.31
N GLU B 57 7.37 -42.87 41.49
CA GLU B 57 6.64 -41.72 42.01
C GLU B 57 7.56 -40.50 42.06
N VAL B 58 6.99 -39.31 41.88
CA VAL B 58 7.81 -38.11 41.85
C VAL B 58 7.55 -37.20 43.05
N MET B 59 8.62 -36.67 43.65
CA MET B 59 8.49 -35.65 44.68
C MET B 59 9.34 -34.44 44.35
N VAL B 60 8.72 -33.32 44.04
CA VAL B 60 9.49 -32.14 43.64
C VAL B 60 9.12 -30.92 44.47
N GLU B 61 9.96 -29.89 44.43
CA GLU B 61 9.65 -28.66 45.14
C GLU B 61 10.24 -27.40 44.52
N LEU B 62 9.45 -26.33 44.58
CA LEU B 62 9.84 -24.93 44.80
C LEU B 62 8.57 -24.12 44.64
N ALA B 63 8.54 -22.92 45.21
CA ALA B 63 7.31 -22.14 45.27
C ALA B 63 7.50 -20.76 45.87
N GLU B 64 6.37 -20.08 46.02
CA GLU B 64 6.30 -18.79 46.70
C GLU B 64 6.71 -18.97 48.16
N ASN B 65 6.48 -20.17 48.68
CA ASN B 65 6.77 -20.49 50.07
C ASN B 65 8.27 -20.73 50.34
N GLY B 66 8.89 -21.58 49.54
CA GLY B 66 10.27 -21.95 49.75
C GLY B 66 10.44 -23.01 50.82
N ASN B 72 2.12 -37.17 46.17
CA ASN B 72 2.56 -38.33 45.40
C ASN B 72 2.77 -37.97 43.94
N LYS B 73 2.31 -36.78 43.55
CA LYS B 73 2.48 -36.25 42.18
C LYS B 73 1.70 -37.04 41.14
N ASP B 74 1.05 -38.12 41.56
CA ASP B 74 0.27 -38.94 40.63
C ASP B 74 -1.12 -38.35 40.47
N ASP B 75 -1.41 -37.30 41.25
CA ASP B 75 -2.67 -36.60 41.17
C ASP B 75 -2.56 -35.44 40.17
N ILE B 76 -1.41 -35.36 39.51
CA ILE B 76 -1.07 -34.27 38.58
C ILE B 76 -1.30 -34.76 37.14
N GLN B 77 -2.20 -34.19 36.33
CA GLN B 77 -2.82 -32.83 36.33
C GLN B 77 -1.83 -31.68 36.16
N LYS B 78 -1.30 -31.60 34.93
CA LYS B 78 -0.28 -30.64 34.50
C LYS B 78 -0.76 -29.18 34.44
N MET B 79 0.20 -28.26 34.38
CA MET B 79 -0.07 -26.82 34.38
C MET B 79 -0.01 -26.21 32.97
N ASN B 80 -0.86 -25.21 32.74
CA ASN B 80 -0.96 -24.53 31.45
C ASN B 80 0.08 -23.42 31.25
N PRO B 81 0.56 -23.26 30.00
CA PRO B 81 1.46 -22.16 29.60
C PRO B 81 0.82 -20.79 29.79
N PRO B 82 1.65 -19.73 29.89
CA PRO B 82 1.19 -18.35 30.10
C PRO B 82 0.23 -17.84 29.02
N LYS B 83 0.24 -18.47 27.85
CA LYS B 83 -0.66 -18.10 26.76
C LYS B 83 -2.13 -18.24 27.15
N PHE B 84 -2.41 -19.23 28.00
CA PHE B 84 -3.77 -19.58 28.35
C PHE B 84 -4.26 -18.86 29.60
N SER B 85 -3.46 -17.93 30.11
CA SER B 85 -3.82 -17.14 31.28
C SER B 85 -5.09 -16.30 31.03
N LYS B 86 -6.05 -16.42 31.94
CA LYS B 86 -7.29 -15.66 31.91
C LYS B 86 -8.10 -15.84 30.61
N VAL B 87 -8.35 -17.08 30.24
CA VAL B 87 -9.17 -17.38 29.07
C VAL B 87 -10.64 -17.04 29.32
N GLU B 88 -11.35 -16.70 28.24
CA GLU B 88 -12.78 -16.44 28.34
C GLU B 88 -13.56 -17.76 28.38
N ASP B 89 -13.03 -18.76 27.67
CA ASP B 89 -13.61 -20.10 27.69
C ASP B 89 -12.57 -21.10 28.18
N MET B 90 -12.94 -21.90 29.19
CA MET B 90 -12.02 -22.83 29.81
C MET B 90 -11.90 -24.14 29.04
N ALA B 91 -12.68 -24.25 27.97
CA ALA B 91 -12.56 -25.39 27.06
C ALA B 91 -11.33 -25.22 26.17
N GLU B 92 -10.74 -24.02 26.22
CA GLU B 92 -9.57 -23.69 25.43
C GLU B 92 -8.26 -24.14 26.07
N LEU B 93 -8.30 -24.49 27.36
CA LEU B 93 -7.10 -24.97 28.04
C LEU B 93 -6.59 -26.27 27.45
N THR B 94 -5.30 -26.31 27.17
CA THR B 94 -4.66 -27.52 26.66
C THR B 94 -4.48 -28.53 27.79
N CYS B 95 -4.45 -28.02 29.01
CA CYS B 95 -4.40 -28.87 30.19
C CYS B 95 -5.70 -28.71 30.99
N LEU B 96 -6.53 -29.75 30.99
CA LEU B 96 -7.82 -29.69 31.67
C LEU B 96 -7.81 -30.47 32.97
N ASN B 97 -7.84 -29.75 34.08
CA ASN B 97 -7.88 -30.35 35.41
C ASN B 97 -8.39 -29.36 36.44
N GLU B 98 -8.81 -29.88 37.60
CA GLU B 98 -9.36 -29.04 38.65
C GLU B 98 -8.38 -27.95 39.10
N ALA B 99 -7.09 -28.24 38.99
CA ALA B 99 -6.05 -27.29 39.37
C ALA B 99 -6.02 -26.08 38.43
N SER B 100 -6.09 -26.34 37.14
CA SER B 100 -6.08 -25.28 36.14
C SER B 100 -7.37 -24.47 36.18
N VAL B 101 -8.48 -25.15 36.42
CA VAL B 101 -9.78 -24.50 36.52
C VAL B 101 -9.83 -23.52 37.69
N LEU B 102 -9.30 -23.94 38.83
CA LEU B 102 -9.24 -23.09 40.01
C LEU B 102 -8.42 -21.84 39.76
N HIS B 103 -7.25 -22.01 39.14
CA HIS B 103 -6.34 -20.89 38.89
C HIS B 103 -6.95 -19.84 37.97
N ASN B 104 -7.46 -20.27 36.82
CA ASN B 104 -8.02 -19.35 35.83
C ASN B 104 -9.18 -18.53 36.37
N LEU B 105 -10.06 -19.17 37.13
CA LEU B 105 -11.16 -18.48 37.77
C LEU B 105 -10.64 -17.49 38.80
N LYS B 106 -9.66 -17.94 39.58
CA LYS B 106 -9.03 -17.10 40.60
C LYS B 106 -8.27 -15.94 39.97
N ASP B 107 -7.58 -16.23 38.86
CA ASP B 107 -6.78 -15.23 38.18
C ASP B 107 -7.66 -14.13 37.58
N ARG B 108 -8.83 -14.52 37.10
CA ARG B 108 -9.77 -13.55 36.53
C ARG B 108 -10.52 -12.79 37.61
N TYR B 109 -10.77 -13.44 38.74
CA TYR B 109 -11.51 -12.83 39.84
C TYR B 109 -10.73 -11.67 40.46
N TYR B 110 -9.45 -11.88 40.70
CA TYR B 110 -8.60 -10.84 41.27
C TYR B 110 -8.29 -9.73 40.26
N SER B 111 -8.59 -10.01 38.99
CA SER B 111 -8.40 -9.01 37.93
C SER B 111 -9.69 -8.23 37.70
N GLY B 112 -10.75 -8.60 38.41
CA GLY B 112 -12.02 -7.91 38.32
C GLY B 112 -13.01 -8.56 37.38
N LEU B 113 -12.61 -9.67 36.76
CA LEU B 113 -13.49 -10.36 35.83
C LEU B 113 -14.23 -11.49 36.55
N ILE B 114 -15.53 -11.31 36.75
CA ILE B 114 -16.32 -12.30 37.48
C ILE B 114 -16.98 -13.35 36.58
N TYR B 115 -16.97 -13.11 35.27
CA TYR B 115 -17.62 -14.03 34.34
C TYR B 115 -16.60 -14.89 33.58
N THR B 116 -16.87 -16.19 33.51
CA THR B 116 -16.02 -17.10 32.76
C THR B 116 -16.85 -18.26 32.22
N TYR B 117 -16.53 -18.70 31.00
CA TYR B 117 -17.18 -19.86 30.42
C TYR B 117 -16.35 -21.12 30.62
N SER B 118 -16.95 -22.15 31.22
CA SER B 118 -16.33 -23.47 31.22
C SER B 118 -17.21 -24.41 30.40
N GLY B 119 -16.73 -24.77 29.21
CA GLY B 119 -17.54 -25.54 28.28
C GLY B 119 -18.85 -24.82 28.00
N LEU B 120 -19.96 -25.50 28.23
CA LEU B 120 -21.28 -24.91 28.06
C LEU B 120 -21.64 -24.01 29.24
N PHE B 121 -21.04 -24.28 30.40
CA PHE B 121 -21.33 -23.53 31.61
C PHE B 121 -20.95 -22.06 31.50
N CYS B 122 -21.70 -21.21 32.20
CA CYS B 122 -21.31 -19.83 32.40
C CYS B 122 -21.05 -19.61 33.89
N VAL B 123 -19.79 -19.42 34.24
CA VAL B 123 -19.41 -19.31 35.64
C VAL B 123 -19.31 -17.86 36.08
N VAL B 124 -20.14 -17.48 37.03
CA VAL B 124 -20.11 -16.13 37.58
C VAL B 124 -19.85 -16.17 39.09
N ILE B 125 -18.72 -15.58 39.49
CA ILE B 125 -18.36 -15.50 40.90
C ILE B 125 -18.79 -14.15 41.46
N ASN B 126 -19.57 -14.18 42.54
CA ASN B 126 -20.11 -12.96 43.13
C ASN B 126 -18.99 -11.99 43.55
N PRO B 127 -18.96 -10.81 42.91
CA PRO B 127 -17.96 -9.78 43.22
C PRO B 127 -18.19 -9.11 44.57
N TYR B 128 -19.43 -9.19 45.06
CA TYR B 128 -19.85 -8.45 46.25
C TYR B 128 -19.56 -6.95 46.09
N LYS B 129 -19.73 -6.48 44.85
CA LYS B 129 -19.58 -5.07 44.52
C LYS B 129 -20.62 -4.69 43.49
N ASN B 130 -20.82 -3.39 43.29
CA ASN B 130 -21.68 -2.93 42.21
C ASN B 130 -20.82 -2.50 41.03
N LEU B 131 -20.85 -3.31 39.98
CA LEU B 131 -20.06 -3.05 38.78
C LEU B 131 -20.89 -2.28 37.77
N PRO B 132 -20.30 -1.24 37.16
CA PRO B 132 -21.07 -0.41 36.21
C PRO B 132 -21.29 -1.12 34.88
N ILE B 133 -21.75 -2.37 34.96
CA ILE B 133 -22.21 -3.11 33.80
C ILE B 133 -23.74 -3.03 33.78
N TYR B 134 -24.37 -3.83 32.92
CA TYR B 134 -25.82 -3.97 32.91
C TYR B 134 -26.53 -2.66 32.58
N SER B 135 -26.03 -1.97 31.54
CA SER B 135 -26.65 -0.73 31.07
C SER B 135 -27.18 -0.92 29.65
N GLU B 136 -28.12 -0.06 29.27
CA GLU B 136 -28.79 -0.16 27.96
C GLU B 136 -27.81 -0.18 26.79
N ASN B 137 -26.71 0.54 26.92
CA ASN B 137 -25.67 0.55 25.90
C ASN B 137 -25.02 -0.83 25.75
N ILE B 138 -24.77 -1.48 26.88
CA ILE B 138 -24.14 -2.80 26.90
C ILE B 138 -25.10 -3.87 26.38
N ILE B 139 -26.38 -3.74 26.73
CA ILE B 139 -27.39 -4.67 26.25
C ILE B 139 -27.47 -4.63 24.73
N GLU B 140 -27.52 -3.42 24.18
CA GLU B 140 -27.59 -3.24 22.74
C GLU B 140 -26.28 -3.68 22.06
N MET B 141 -25.22 -3.80 22.84
CA MET B 141 -23.92 -4.20 22.31
C MET B 141 -23.76 -5.72 22.28
N TYR B 142 -24.63 -6.41 23.02
CA TYR B 142 -24.62 -7.88 23.03
C TYR B 142 -25.67 -8.50 22.11
N ARG B 143 -26.48 -7.66 21.47
CA ARG B 143 -27.57 -8.13 20.63
C ARG B 143 -27.10 -8.83 19.37
N GLY B 144 -27.72 -9.98 19.07
CA GLY B 144 -27.47 -10.69 17.83
C GLY B 144 -26.05 -11.20 17.65
N LYS B 145 -25.30 -11.22 18.74
CA LYS B 145 -23.90 -11.66 18.68
C LYS B 145 -23.72 -13.04 19.29
N LYS B 146 -22.78 -13.80 18.75
CA LYS B 146 -22.46 -15.11 19.28
C LYS B 146 -21.68 -14.99 20.59
N ARG B 147 -21.37 -16.12 21.21
CA ARG B 147 -20.79 -16.10 22.54
C ARG B 147 -19.31 -15.74 22.55
N HIS B 148 -18.61 -16.13 21.49
CA HIS B 148 -17.17 -15.89 21.41
C HIS B 148 -16.83 -14.46 20.96
N GLU B 149 -17.81 -13.79 20.35
CA GLU B 149 -17.59 -12.45 19.81
C GLU B 149 -17.45 -11.40 20.91
N MET B 150 -17.95 -11.72 22.10
CA MET B 150 -17.87 -10.80 23.24
C MET B 150 -17.39 -11.55 24.48
N PRO B 151 -16.79 -10.81 25.44
CA PRO B 151 -16.34 -11.41 26.70
C PRO B 151 -17.49 -12.06 27.47
N PRO B 152 -17.17 -12.99 28.38
CA PRO B 152 -18.20 -13.68 29.16
C PRO B 152 -19.11 -12.72 29.91
N HIS B 153 -20.41 -12.92 29.78
CA HIS B 153 -21.40 -12.10 30.48
C HIS B 153 -22.72 -12.86 30.58
N ILE B 154 -23.56 -12.46 31.53
CA ILE B 154 -24.86 -13.09 31.73
C ILE B 154 -25.79 -12.78 30.55
N TYR B 155 -25.51 -11.68 29.85
CA TYR B 155 -26.34 -11.26 28.73
C TYR B 155 -26.18 -12.19 27.53
N ALA B 156 -24.98 -12.75 27.36
CA ALA B 156 -24.71 -13.64 26.24
C ALA B 156 -25.52 -14.93 26.35
N ILE B 157 -25.67 -15.43 27.58
CA ILE B 157 -26.46 -16.62 27.84
C ILE B 157 -27.94 -16.35 27.56
N SER B 158 -28.39 -15.17 27.98
CA SER B 158 -29.76 -14.74 27.71
C SER B 158 -29.97 -14.60 26.20
N GLU B 159 -29.01 -13.95 25.55
CA GLU B 159 -29.05 -13.75 24.11
C GLU B 159 -29.02 -15.08 23.37
N SER B 160 -28.22 -16.01 23.86
CA SER B 160 -28.13 -17.34 23.28
C SER B 160 -29.49 -18.03 23.37
N ALA B 161 -30.15 -17.86 24.51
CA ALA B 161 -31.46 -18.45 24.74
C ALA B 161 -32.51 -17.78 23.85
N TYR B 162 -32.50 -16.46 23.83
CA TYR B 162 -33.48 -15.70 23.06
C TYR B 162 -33.34 -15.95 21.56
N ARG B 163 -32.10 -16.00 21.08
CA ARG B 163 -31.84 -16.21 19.66
C ARG B 163 -32.19 -17.64 19.24
N CYS B 164 -32.00 -18.59 20.14
CA CYS B 164 -32.34 -19.98 19.87
C CYS B 164 -33.86 -20.17 19.89
N MET B 165 -34.55 -19.39 20.72
CA MET B 165 -36.00 -19.51 20.84
C MET B 165 -36.69 -19.18 19.52
N LEU B 166 -36.24 -18.12 18.87
CA LEU B 166 -36.82 -17.70 17.61
C LEU B 166 -36.35 -18.56 16.44
N GLN B 167 -35.04 -18.83 16.38
CA GLN B 167 -34.46 -19.56 15.27
C GLN B 167 -34.69 -21.07 15.34
N ASP B 168 -34.47 -21.66 16.52
CA ASP B 168 -34.56 -23.10 16.68
C ASP B 168 -35.96 -23.55 17.04
N ARG B 169 -36.90 -22.59 17.09
CA ARG B 169 -38.35 -22.86 17.12
C ARG B 169 -38.84 -23.56 18.39
N GLU B 170 -37.93 -23.88 19.29
CA GLU B 170 -38.28 -24.63 20.50
C GLU B 170 -38.09 -23.80 21.76
N ASP B 171 -38.78 -24.18 22.83
CA ASP B 171 -38.74 -23.46 24.10
C ASP B 171 -37.35 -23.50 24.75
N GLN B 172 -37.08 -22.55 25.64
CA GLN B 172 -35.77 -22.44 26.26
C GLN B 172 -35.85 -22.49 27.79
N SER B 173 -34.76 -22.92 28.41
CA SER B 173 -34.66 -22.93 29.87
C SER B 173 -33.25 -22.61 30.32
N ILE B 174 -33.12 -21.81 31.38
CA ILE B 174 -31.81 -21.46 31.91
C ILE B 174 -31.67 -21.93 33.35
N LEU B 175 -30.78 -22.89 33.58
CA LEU B 175 -30.62 -23.49 34.90
C LEU B 175 -29.50 -22.82 35.68
N CYS B 176 -29.88 -22.13 36.76
CA CYS B 176 -28.92 -21.43 37.60
C CYS B 176 -28.69 -22.20 38.90
N THR B 177 -27.43 -22.47 39.20
CA THR B 177 -27.07 -23.25 40.39
C THR B 177 -26.23 -22.42 41.36
N GLY B 178 -26.50 -22.56 42.65
CA GLY B 178 -25.79 -21.84 43.68
C GLY B 178 -26.58 -21.70 44.95
N GLU B 179 -26.25 -20.67 45.74
CA GLU B 179 -26.93 -20.43 47.01
C GLU B 179 -27.73 -19.14 46.96
N SER B 180 -28.40 -18.81 48.07
CA SER B 180 -29.22 -17.61 48.14
C SER B 180 -28.35 -16.36 48.30
N GLY B 181 -27.24 -16.51 49.00
CA GLY B 181 -26.32 -15.40 49.22
C GLY B 181 -25.30 -15.27 48.10
N ALA B 182 -25.54 -15.97 47.00
CA ALA B 182 -24.65 -15.93 45.85
C ALA B 182 -25.10 -14.88 44.85
N GLY B 183 -26.15 -14.14 45.20
CA GLY B 183 -26.70 -13.13 44.31
C GLY B 183 -27.44 -13.76 43.14
N LYS B 184 -28.03 -14.93 43.37
CA LYS B 184 -28.78 -15.63 42.33
C LYS B 184 -30.05 -14.88 41.97
N THR B 185 -30.58 -14.11 42.91
CA THR B 185 -31.74 -13.28 42.63
C THR B 185 -31.33 -12.10 41.76
N GLU B 186 -30.15 -11.55 42.04
CA GLU B 186 -29.61 -10.46 41.25
C GLU B 186 -29.23 -10.93 39.86
N ASN B 187 -28.67 -12.14 39.78
CA ASN B 187 -28.24 -12.71 38.51
C ASN B 187 -29.45 -13.07 37.64
N THR B 188 -30.52 -13.51 38.28
CA THR B 188 -31.76 -13.82 37.57
C THR B 188 -32.39 -12.53 37.05
N LYS B 189 -32.24 -11.46 37.83
CA LYS B 189 -32.76 -10.15 37.46
C LYS B 189 -32.10 -9.64 36.18
N LYS B 190 -30.80 -9.89 36.04
CA LYS B 190 -30.05 -9.44 34.87
C LYS B 190 -30.50 -10.18 33.61
N VAL B 191 -30.85 -11.45 33.77
CA VAL B 191 -31.37 -12.23 32.65
C VAL B 191 -32.71 -11.66 32.18
N ILE B 192 -33.56 -11.33 33.15
CA ILE B 192 -34.86 -10.73 32.84
C ILE B 192 -34.67 -9.32 32.30
N GLN B 193 -33.67 -8.62 32.85
CA GLN B 193 -33.35 -7.27 32.40
C GLN B 193 -32.99 -7.25 30.91
N TYR B 194 -32.24 -8.25 30.48
CA TYR B 194 -31.83 -8.37 29.08
C TYR B 194 -33.01 -8.70 28.17
N LEU B 195 -33.75 -9.74 28.54
CA LEU B 195 -34.88 -10.22 27.75
C LEU B 195 -35.97 -9.15 27.59
N ALA B 196 -36.05 -8.25 28.56
CA ALA B 196 -37.03 -7.17 28.53
C ALA B 196 -36.63 -6.07 27.56
N HIS B 197 -35.35 -5.74 27.54
CA HIS B 197 -34.84 -4.66 26.69
C HIS B 197 -34.81 -5.08 25.22
N VAL B 198 -34.64 -6.37 24.96
CA VAL B 198 -34.59 -6.87 23.59
C VAL B 198 -35.96 -6.90 22.95
N ALA B 199 -36.95 -7.34 23.71
CA ALA B 199 -38.33 -7.39 23.21
C ALA B 199 -39.14 -6.21 23.75
N SER B 200 -39.48 -5.27 22.88
CA SER B 200 -40.21 -4.08 23.29
C SER B 200 -41.53 -3.92 22.53
N SER B 201 -42.64 -4.00 23.26
CA SER B 201 -43.96 -3.83 22.67
C SER B 201 -45.01 -3.58 23.75
N LEU B 214 -44.83 -6.26 34.88
CA LEU B 214 -44.37 -7.46 34.18
C LEU B 214 -42.95 -7.80 34.57
N GLU B 215 -42.24 -6.83 35.13
CA GLU B 215 -40.86 -7.00 35.56
C GLU B 215 -40.67 -6.56 37.01
N ARG B 216 -40.92 -5.27 37.25
CA ARG B 216 -40.79 -4.69 38.58
C ARG B 216 -41.60 -5.43 39.65
N GLN B 217 -42.80 -5.86 39.27
CA GLN B 217 -43.67 -6.56 40.23
C GLN B 217 -43.23 -8.01 40.41
N LEU B 218 -42.48 -8.53 39.46
CA LEU B 218 -41.94 -9.87 39.55
C LEU B 218 -40.81 -9.92 40.58
N LEU B 219 -40.22 -8.77 40.84
CA LEU B 219 -39.16 -8.66 41.83
C LEU B 219 -39.75 -8.45 43.22
N GLN B 220 -41.04 -8.12 43.25
CA GLN B 220 -41.74 -7.94 44.51
C GLN B 220 -42.33 -9.27 44.99
N ALA B 221 -42.31 -10.26 44.09
CA ALA B 221 -42.80 -11.59 44.42
C ALA B 221 -41.77 -12.40 45.20
N ASN B 222 -40.50 -12.07 44.99
CA ASN B 222 -39.39 -12.77 45.65
C ASN B 222 -39.43 -12.76 47.20
N PRO B 223 -39.68 -11.58 47.81
CA PRO B 223 -39.72 -11.62 49.29
C PRO B 223 -40.93 -12.38 49.83
N ILE B 224 -41.99 -12.50 49.04
CA ILE B 224 -43.17 -13.23 49.45
C ILE B 224 -42.87 -14.73 49.51
N LEU B 225 -42.32 -15.27 48.43
CA LEU B 225 -41.95 -16.67 48.37
C LEU B 225 -40.83 -16.99 49.36
N GLU B 226 -39.98 -16.00 49.62
CA GLU B 226 -38.88 -16.18 50.56
C GLU B 226 -39.39 -16.44 51.97
N SER B 227 -40.51 -15.84 52.33
CA SER B 227 -41.09 -16.03 53.65
C SER B 227 -41.64 -17.45 53.82
N PHE B 228 -42.48 -17.86 52.88
CA PHE B 228 -43.12 -19.17 52.95
C PHE B 228 -42.25 -20.31 52.42
N GLY B 229 -41.28 -20.01 51.57
CA GLY B 229 -40.49 -21.04 50.92
C GLY B 229 -39.06 -21.22 51.41
N ASN B 230 -38.56 -20.29 52.22
CA ASN B 230 -37.18 -20.36 52.69
C ASN B 230 -37.10 -20.54 54.20
N ALA B 231 -36.00 -21.12 54.65
CA ALA B 231 -35.78 -21.36 56.06
C ALA B 231 -34.29 -21.41 56.40
N LYS B 232 -33.97 -21.26 57.68
CA LYS B 232 -32.58 -21.30 58.12
C LYS B 232 -32.07 -22.72 58.26
N THR B 233 -31.02 -23.04 57.52
CA THR B 233 -30.34 -24.33 57.65
C THR B 233 -29.06 -24.14 58.46
N VAL B 234 -28.29 -25.22 58.61
CA VAL B 234 -27.05 -25.14 59.36
C VAL B 234 -26.00 -24.29 58.64
N LYS B 235 -25.87 -24.49 57.33
CA LYS B 235 -24.90 -23.74 56.54
C LYS B 235 -25.39 -22.34 56.17
N ASN B 236 -26.70 -22.18 56.04
CA ASN B 236 -27.27 -20.92 55.56
C ASN B 236 -28.43 -20.42 56.41
N ASP B 237 -28.43 -19.11 56.67
CA ASP B 237 -29.51 -18.49 57.43
C ASP B 237 -30.75 -18.30 56.57
N ASN B 238 -30.53 -18.17 55.26
CA ASN B 238 -31.64 -18.08 54.31
C ASN B 238 -31.39 -19.03 53.14
N SER B 239 -32.24 -20.05 53.02
CA SER B 239 -32.05 -21.07 51.99
C SER B 239 -33.37 -21.45 51.32
N SER B 240 -33.38 -21.48 50.00
CA SER B 240 -34.57 -21.89 49.27
C SER B 240 -34.71 -23.40 49.34
N ARG B 241 -35.84 -23.85 49.88
CA ARG B 241 -36.11 -25.27 50.02
C ARG B 241 -36.94 -25.79 48.86
N PHE B 242 -37.21 -24.90 47.91
CA PHE B 242 -38.01 -25.24 46.75
C PHE B 242 -37.32 -24.79 45.47
N GLY B 243 -37.60 -25.47 44.37
CA GLY B 243 -37.13 -25.02 43.08
C GLY B 243 -38.05 -23.95 42.53
N LYS B 244 -37.48 -22.95 41.87
CA LYS B 244 -38.25 -21.85 41.32
C LYS B 244 -38.05 -21.74 39.82
N PHE B 245 -39.14 -21.91 39.07
CA PHE B 245 -39.07 -21.83 37.61
C PHE B 245 -39.83 -20.61 37.14
N ILE B 246 -39.10 -19.61 36.67
CA ILE B 246 -39.71 -18.38 36.18
C ILE B 246 -39.83 -18.41 34.67
N ARG B 247 -41.06 -18.46 34.19
CA ARG B 247 -41.33 -18.58 32.76
C ARG B 247 -41.65 -17.22 32.14
N ILE B 248 -40.76 -16.75 31.26
CA ILE B 248 -41.00 -15.52 30.54
C ILE B 248 -41.65 -15.85 29.20
N ASN B 249 -42.91 -15.46 29.03
CA ASN B 249 -43.68 -15.83 27.86
C ASN B 249 -43.53 -14.83 26.71
N PHE B 250 -43.22 -15.36 25.54
CA PHE B 250 -43.09 -14.56 24.33
C PHE B 250 -44.16 -14.93 23.32
N ASP B 251 -44.65 -13.93 22.59
CA ASP B 251 -45.63 -14.17 21.53
C ASP B 251 -44.93 -14.76 20.30
N VAL B 252 -45.69 -14.94 19.22
CA VAL B 252 -45.14 -15.51 18.00
C VAL B 252 -44.15 -14.55 17.36
N THR B 253 -44.28 -13.25 17.67
CA THR B 253 -43.40 -12.24 17.11
C THR B 253 -42.14 -12.03 17.96
N GLY B 254 -42.12 -12.64 19.14
CA GLY B 254 -40.95 -12.57 20.00
C GLY B 254 -40.98 -11.46 21.03
N TYR B 255 -42.18 -10.97 21.34
CA TYR B 255 -42.33 -9.92 22.36
C TYR B 255 -42.97 -10.49 23.62
N ILE B 256 -42.62 -9.91 24.77
CA ILE B 256 -43.09 -10.44 26.05
C ILE B 256 -44.55 -10.09 26.31
N VAL B 257 -45.38 -11.12 26.47
CA VAL B 257 -46.79 -10.92 26.78
C VAL B 257 -47.07 -11.05 28.28
N GLY B 258 -46.04 -11.40 29.05
CA GLY B 258 -46.18 -11.58 30.48
C GLY B 258 -45.26 -12.66 31.03
N ALA B 259 -45.47 -13.02 32.29
CA ALA B 259 -44.67 -14.05 32.93
C ALA B 259 -45.46 -14.82 33.99
N ASN B 260 -45.00 -16.02 34.31
CA ASN B 260 -45.64 -16.83 35.36
C ASN B 260 -44.64 -17.74 36.06
N ILE B 261 -44.89 -18.01 37.33
CA ILE B 261 -43.97 -18.80 38.15
C ILE B 261 -44.49 -20.21 38.39
N GLU B 262 -43.58 -21.19 38.29
CA GLU B 262 -43.90 -22.56 38.66
C GLU B 262 -42.94 -23.01 39.76
N THR B 263 -43.44 -23.86 40.66
CA THR B 263 -42.62 -24.33 41.78
C THR B 263 -42.53 -25.86 41.78
N TYR B 264 -41.32 -26.35 42.05
CA TYR B 264 -41.07 -27.79 42.07
C TYR B 264 -40.30 -28.19 43.33
N LEU B 265 -40.55 -29.41 43.79
CA LEU B 265 -39.77 -30.02 44.87
C LEU B 265 -39.74 -29.19 46.15
N LEU B 266 -40.89 -28.70 46.59
CA LEU B 266 -40.97 -28.02 47.87
C LEU B 266 -40.71 -29.02 48.99
N GLU B 267 -39.95 -28.61 49.99
CA GLU B 267 -39.64 -29.50 51.10
C GLU B 267 -40.67 -29.29 52.22
N LYS B 268 -41.55 -30.25 52.38
CA LYS B 268 -42.64 -30.15 53.35
C LYS B 268 -42.29 -30.79 54.69
N SER B 269 -41.18 -31.51 54.74
CA SER B 269 -40.76 -32.18 55.96
C SER B 269 -40.18 -31.20 56.96
N ARG B 270 -39.83 -30.02 56.48
CA ARG B 270 -39.25 -28.98 57.31
C ARG B 270 -40.30 -28.32 58.20
N ALA B 271 -41.55 -28.38 57.77
CA ALA B 271 -42.65 -27.76 58.50
C ALA B 271 -42.96 -28.47 59.80
N VAL B 272 -43.08 -29.80 59.73
CA VAL B 272 -43.43 -30.60 60.90
C VAL B 272 -42.25 -30.88 61.81
N ARG B 273 -41.03 -30.89 61.26
CA ARG B 273 -39.84 -31.15 62.06
C ARG B 273 -38.61 -30.50 61.44
N GLN B 274 -37.63 -30.19 62.29
CA GLN B 274 -36.38 -29.58 61.84
C GLN B 274 -35.19 -30.22 62.52
N ALA B 275 -34.04 -30.18 61.85
CA ALA B 275 -32.79 -30.69 62.43
C ALA B 275 -32.27 -29.72 63.48
N LYS B 276 -31.21 -30.13 64.19
CA LYS B 276 -30.60 -29.30 65.21
C LYS B 276 -30.08 -28.00 64.60
N ASP B 277 -30.29 -26.89 65.32
CA ASP B 277 -29.84 -25.56 64.89
C ASP B 277 -30.59 -25.06 63.65
N GLU B 278 -31.48 -25.88 63.11
CA GLU B 278 -32.23 -25.53 61.91
C GLU B 278 -33.65 -25.09 62.24
N ARG B 279 -34.17 -24.18 61.42
CA ARG B 279 -35.50 -23.62 61.62
C ARG B 279 -36.45 -24.04 60.50
N THR B 280 -37.75 -24.01 60.79
CA THR B 280 -38.75 -24.19 59.75
C THR B 280 -38.88 -22.89 58.96
N PHE B 281 -39.84 -22.84 58.05
CA PHE B 281 -40.00 -21.69 57.16
C PHE B 281 -40.17 -20.37 57.91
N HIS B 282 -39.63 -19.31 57.32
CA HIS B 282 -39.57 -18.00 57.96
C HIS B 282 -40.92 -17.46 58.42
N ILE B 283 -41.95 -17.70 57.63
CA ILE B 283 -43.28 -17.14 57.89
C ILE B 283 -43.82 -17.53 59.27
N PHE B 284 -43.42 -18.71 59.76
CA PHE B 284 -43.86 -19.19 61.07
C PHE B 284 -43.30 -18.33 62.20
N TYR B 285 -42.02 -18.00 62.11
CA TYR B 285 -41.38 -17.20 63.15
C TYR B 285 -41.76 -15.73 63.03
N GLN B 286 -42.06 -15.30 61.81
CA GLN B 286 -42.49 -13.93 61.57
C GLN B 286 -43.89 -13.71 62.10
N LEU B 287 -44.76 -14.70 61.92
CA LEU B 287 -46.14 -14.60 62.37
C LEU B 287 -46.25 -14.57 63.89
N LEU B 288 -45.62 -15.55 64.55
CA LEU B 288 -45.72 -15.69 66.00
C LEU B 288 -45.18 -14.47 66.74
N SER B 289 -44.04 -13.96 66.29
CA SER B 289 -43.40 -12.82 66.93
C SER B 289 -44.01 -11.48 66.50
N GLY B 290 -44.38 -11.37 65.23
CA GLY B 290 -44.78 -10.10 64.66
C GLY B 290 -46.25 -9.73 64.75
N ALA B 291 -47.10 -10.72 65.01
CA ALA B 291 -48.54 -10.49 65.07
C ALA B 291 -48.92 -9.60 66.25
N GLY B 292 -49.99 -8.82 66.08
CA GLY B 292 -50.48 -7.97 67.13
C GLY B 292 -51.28 -8.76 68.14
N GLU B 293 -51.62 -8.13 69.26
CA GLU B 293 -52.37 -8.80 70.33
C GLU B 293 -53.72 -9.30 69.84
N HIS B 294 -54.40 -8.49 69.03
CA HIS B 294 -55.71 -8.85 68.49
C HIS B 294 -55.59 -9.98 67.46
N LEU B 295 -54.48 -10.01 66.74
CA LEU B 295 -54.26 -11.03 65.71
C LEU B 295 -54.02 -12.40 66.32
N LYS B 296 -53.29 -12.45 67.44
CA LYS B 296 -52.99 -13.72 68.10
C LYS B 296 -54.26 -14.38 68.64
N SER B 297 -55.24 -13.57 69.01
CA SER B 297 -56.49 -14.07 69.55
C SER B 297 -57.38 -14.64 68.44
N ASP B 298 -57.25 -14.06 67.25
CA ASP B 298 -58.03 -14.51 66.10
C ASP B 298 -57.43 -15.78 65.48
N LEU B 299 -56.10 -15.84 65.45
CA LEU B 299 -55.41 -16.99 64.88
C LEU B 299 -55.14 -18.07 65.92
N LEU B 300 -55.47 -17.76 67.18
CA LEU B 300 -55.24 -18.66 68.31
C LEU B 300 -53.78 -19.08 68.40
N LEU B 301 -52.89 -18.12 68.31
CA LEU B 301 -51.45 -18.37 68.35
C LEU B 301 -50.95 -18.58 69.78
N GLU B 302 -49.91 -19.40 69.91
CA GLU B 302 -49.34 -19.70 71.22
C GLU B 302 -47.83 -19.44 71.22
N GLY B 303 -47.17 -19.77 72.33
CA GLY B 303 -45.74 -19.57 72.47
C GLY B 303 -44.95 -20.52 71.58
N PHE B 304 -43.65 -20.26 71.46
CA PHE B 304 -42.78 -21.06 70.61
C PHE B 304 -42.54 -22.46 71.17
N ASN B 305 -42.57 -22.58 72.49
CA ASN B 305 -42.36 -23.86 73.14
C ASN B 305 -43.64 -24.67 73.27
N ASN B 306 -44.75 -24.07 72.86
CA ASN B 306 -46.05 -24.72 72.94
C ASN B 306 -46.42 -25.48 71.67
N TYR B 307 -45.57 -25.39 70.66
CA TYR B 307 -45.81 -26.07 69.39
C TYR B 307 -44.86 -27.24 69.17
N ARG B 308 -45.42 -28.41 68.90
CA ARG B 308 -44.65 -29.62 68.68
C ARG B 308 -43.88 -29.58 67.36
N PHE B 309 -44.52 -29.03 66.32
CA PHE B 309 -43.95 -29.01 64.99
C PHE B 309 -42.78 -28.03 64.86
N LEU B 310 -42.53 -27.25 65.90
CA LEU B 310 -41.37 -26.38 65.93
C LEU B 310 -40.26 -27.02 66.77
N SER B 311 -39.21 -27.50 66.11
CA SER B 311 -38.09 -28.12 66.80
C SER B 311 -37.14 -27.06 67.34
N ASN B 312 -36.45 -27.40 68.42
CA ASN B 312 -35.44 -26.53 69.04
C ASN B 312 -36.02 -25.19 69.49
N GLY B 313 -37.32 -25.16 69.76
CA GLY B 313 -37.99 -23.96 70.21
C GLY B 313 -37.84 -22.80 69.25
N TYR B 314 -37.61 -21.61 69.80
CA TYR B 314 -37.39 -20.41 68.99
C TYR B 314 -35.91 -20.13 68.79
N ILE B 315 -35.46 -20.17 67.54
CA ILE B 315 -34.09 -19.82 67.21
C ILE B 315 -34.05 -18.46 66.52
N PRO B 316 -33.27 -17.52 67.07
CA PRO B 316 -33.14 -16.18 66.48
C PRO B 316 -32.14 -16.14 65.33
N ILE B 317 -31.97 -14.96 64.74
CA ILE B 317 -30.97 -14.76 63.70
C ILE B 317 -30.23 -13.45 64.00
N PRO B 318 -28.90 -13.46 63.82
CA PRO B 318 -28.07 -12.29 64.13
C PRO B 318 -28.32 -11.06 63.25
N GLY B 319 -28.45 -11.26 61.94
CA GLY B 319 -28.62 -10.14 61.04
C GLY B 319 -30.06 -9.82 60.63
N GLN B 320 -30.96 -10.78 60.85
CA GLN B 320 -32.34 -10.61 60.42
C GLN B 320 -33.30 -10.71 61.58
N GLN B 321 -34.37 -9.91 61.55
CA GLN B 321 -35.36 -9.91 62.62
C GLN B 321 -36.76 -10.20 62.08
N ASP B 322 -37.41 -11.19 62.67
CA ASP B 322 -38.69 -11.69 62.17
C ASP B 322 -39.83 -10.67 62.33
N LYS B 323 -39.76 -9.87 63.39
CA LYS B 323 -40.81 -8.89 63.68
C LYS B 323 -40.94 -7.87 62.56
N ASP B 324 -39.81 -7.37 62.07
CA ASP B 324 -39.80 -6.39 61.00
C ASP B 324 -40.07 -7.05 59.65
N ASN B 325 -39.59 -8.28 59.49
CA ASN B 325 -39.83 -9.03 58.27
C ASN B 325 -41.31 -9.38 58.11
N PHE B 326 -42.00 -9.54 59.22
CA PHE B 326 -43.43 -9.82 59.21
C PHE B 326 -44.18 -8.67 58.55
N GLN B 327 -43.88 -7.45 58.96
CA GLN B 327 -44.50 -6.27 58.38
C GLN B 327 -44.04 -6.10 56.93
N GLU B 328 -42.79 -6.44 56.67
CA GLU B 328 -42.23 -6.40 55.32
C GLU B 328 -42.92 -7.43 54.43
N THR B 329 -43.25 -8.58 55.01
CA THR B 329 -43.93 -9.64 54.28
C THR B 329 -45.35 -9.22 53.95
N MET B 330 -45.99 -8.53 54.88
CA MET B 330 -47.35 -8.04 54.67
C MET B 330 -47.39 -7.06 53.50
N GLU B 331 -46.56 -6.02 53.59
CA GLU B 331 -46.52 -4.98 52.56
C GLU B 331 -46.12 -5.54 51.20
N ALA B 332 -45.25 -6.53 51.18
CA ALA B 332 -44.83 -7.17 49.95
C ALA B 332 -46.03 -7.83 49.27
N MET B 333 -46.92 -8.38 50.09
CA MET B 333 -48.16 -8.98 49.60
C MET B 333 -49.19 -7.92 49.28
N HIS B 334 -49.11 -6.78 49.96
CA HIS B 334 -50.03 -5.68 49.73
C HIS B 334 -49.84 -5.09 48.34
N ILE B 335 -48.59 -4.84 47.97
CA ILE B 335 -48.24 -4.32 46.65
C ILE B 335 -48.70 -5.28 45.56
N MET B 336 -48.65 -6.58 45.86
CA MET B 336 -49.06 -7.60 44.91
C MET B 336 -50.57 -7.59 44.67
N GLY B 337 -51.31 -6.90 45.53
CA GLY B 337 -52.75 -6.78 45.36
C GLY B 337 -53.53 -7.82 46.13
N PHE B 338 -52.90 -8.40 47.15
CA PHE B 338 -53.56 -9.42 47.97
C PHE B 338 -54.61 -8.77 48.86
N SER B 339 -55.84 -9.27 48.78
CA SER B 339 -56.93 -8.77 49.62
C SER B 339 -56.73 -9.17 51.07
N HIS B 340 -57.37 -8.45 51.98
CA HIS B 340 -57.25 -8.72 53.40
C HIS B 340 -57.77 -10.11 53.79
N GLU B 341 -58.80 -10.56 53.08
CA GLU B 341 -59.39 -11.86 53.35
C GLU B 341 -58.43 -12.97 52.97
N GLU B 342 -57.71 -12.78 51.86
CA GLU B 342 -56.74 -13.75 51.38
C GLU B 342 -55.54 -13.87 52.31
N ILE B 343 -55.03 -12.73 52.77
CA ILE B 343 -53.87 -12.71 53.65
C ILE B 343 -54.17 -13.35 55.01
N LEU B 344 -55.29 -12.96 55.62
CA LEU B 344 -55.69 -13.50 56.91
C LEU B 344 -55.98 -15.00 56.81
N SER B 345 -56.51 -15.43 55.67
CA SER B 345 -56.82 -16.83 55.44
C SER B 345 -55.54 -17.67 55.42
N MET B 346 -54.49 -17.13 54.82
CA MET B 346 -53.21 -17.81 54.77
C MET B 346 -52.60 -17.92 56.16
N LEU B 347 -52.77 -16.87 56.96
CA LEU B 347 -52.24 -16.85 58.32
C LEU B 347 -53.00 -17.83 59.21
N LYS B 348 -54.24 -18.12 58.85
CA LYS B 348 -55.02 -19.13 59.54
C LYS B 348 -54.49 -20.52 59.22
N VAL B 349 -54.19 -20.76 57.96
CA VAL B 349 -53.66 -22.03 57.50
C VAL B 349 -52.29 -22.30 58.13
N VAL B 350 -51.43 -21.28 58.11
CA VAL B 350 -50.13 -21.37 58.74
C VAL B 350 -50.27 -21.72 60.22
N SER B 351 -51.25 -21.10 60.87
CA SER B 351 -51.53 -21.36 62.27
C SER B 351 -52.07 -22.78 62.46
N SER B 352 -52.88 -23.23 61.52
CA SER B 352 -53.50 -24.55 61.61
C SER B 352 -52.48 -25.66 61.42
N VAL B 353 -51.48 -25.40 60.57
CA VAL B 353 -50.42 -26.37 60.32
C VAL B 353 -49.69 -26.71 61.62
N LEU B 354 -49.38 -25.68 62.41
CA LEU B 354 -48.73 -25.88 63.69
C LEU B 354 -49.67 -26.53 64.71
N GLN B 355 -50.95 -26.16 64.63
CA GLN B 355 -51.96 -26.68 65.55
C GLN B 355 -52.19 -28.18 65.37
N PHE B 356 -51.88 -28.69 64.18
CA PHE B 356 -51.98 -30.12 63.92
C PHE B 356 -51.13 -30.92 64.91
N GLY B 357 -49.87 -30.54 65.03
CA GLY B 357 -48.93 -31.23 65.91
C GLY B 357 -49.32 -31.20 67.38
N ASN B 358 -49.99 -30.13 67.79
CA ASN B 358 -50.37 -29.96 69.19
C ASN B 358 -51.48 -30.92 69.63
N ILE B 359 -52.08 -31.62 68.66
CA ILE B 359 -53.06 -32.64 69.00
C ILE B 359 -52.32 -33.79 69.68
N SER B 360 -52.77 -34.15 70.88
CA SER B 360 -52.05 -35.15 71.67
C SER B 360 -52.82 -36.46 71.77
N PHE B 361 -52.26 -37.49 71.15
CA PHE B 361 -52.80 -38.84 71.29
C PHE B 361 -52.01 -39.58 72.38
N LYS B 362 -52.71 -40.40 73.16
CA LYS B 362 -52.06 -41.15 74.21
C LYS B 362 -52.49 -42.62 74.16
N LYS B 363 -51.76 -43.49 74.85
CA LYS B 363 -52.07 -44.91 74.79
C LYS B 363 -52.07 -45.53 76.19
N GLU B 364 -53.20 -46.10 76.59
CA GLU B 364 -53.31 -46.78 77.88
C GLU B 364 -54.32 -47.93 77.82
N ARG B 365 -54.14 -48.92 78.70
CA ARG B 365 -55.10 -50.03 78.86
C ARG B 365 -55.43 -50.73 77.54
N ASN B 366 -56.72 -51.04 77.37
CA ASN B 366 -57.42 -51.39 76.13
C ASN B 366 -56.81 -52.42 75.17
N THR B 367 -56.97 -52.10 73.89
CA THR B 367 -56.57 -52.89 72.73
C THR B 367 -56.01 -51.84 71.80
N ASP B 368 -55.40 -52.22 70.68
CA ASP B 368 -54.67 -51.20 69.95
C ASP B 368 -55.60 -50.41 69.03
N GLN B 369 -55.80 -49.17 69.45
CA GLN B 369 -56.60 -48.16 68.76
C GLN B 369 -56.18 -46.79 69.30
N ALA B 370 -56.45 -45.73 68.56
CA ALA B 370 -56.14 -44.38 69.02
C ALA B 370 -57.20 -43.83 69.97
N SER B 371 -56.78 -42.92 70.84
CA SER B 371 -57.71 -42.23 71.73
C SER B 371 -57.22 -40.80 71.99
N MET B 372 -58.15 -39.85 72.04
CA MET B 372 -57.80 -38.46 72.27
C MET B 372 -58.59 -37.87 73.44
N PRO B 373 -58.02 -37.96 74.66
CA PRO B 373 -58.67 -37.45 75.87
C PRO B 373 -58.75 -35.92 75.90
N GLU B 374 -57.94 -35.25 75.09
CA GLU B 374 -57.87 -33.80 75.10
C GLU B 374 -58.58 -33.19 73.89
N ASN B 375 -59.68 -32.48 74.14
CA ASN B 375 -60.48 -31.89 73.08
C ASN B 375 -60.12 -30.45 72.70
N THR B 376 -59.25 -29.83 73.49
CA THR B 376 -58.97 -28.40 73.34
C THR B 376 -58.23 -28.01 72.06
N VAL B 377 -57.36 -28.89 71.57
CA VAL B 377 -56.61 -28.62 70.34
C VAL B 377 -57.43 -28.86 69.09
N ALA B 378 -58.24 -29.92 69.08
CA ALA B 378 -59.02 -30.27 67.91
C ALA B 378 -60.14 -29.28 67.65
N GLN B 379 -60.45 -28.46 68.65
CA GLN B 379 -61.42 -27.38 68.49
C GLN B 379 -60.82 -26.17 67.80
N LYS B 380 -59.59 -25.82 68.18
CA LYS B 380 -58.87 -24.72 67.54
C LYS B 380 -58.57 -25.03 66.08
N LEU B 381 -58.21 -26.28 65.81
CA LEU B 381 -57.86 -26.71 64.46
C LEU B 381 -59.08 -26.67 63.53
N CYS B 382 -60.23 -27.12 64.06
CA CYS B 382 -61.46 -27.14 63.28
C CYS B 382 -62.07 -25.75 63.14
N HIS B 383 -61.68 -24.84 64.03
CA HIS B 383 -62.15 -23.47 63.96
C HIS B 383 -61.38 -22.68 62.90
N LEU B 384 -60.07 -22.88 62.87
CA LEU B 384 -59.21 -22.25 61.86
C LEU B 384 -59.57 -22.74 60.47
N LEU B 385 -59.83 -24.05 60.37
CA LEU B 385 -60.29 -24.65 59.13
C LEU B 385 -61.82 -24.70 59.11
N GLY B 386 -62.39 -25.38 58.11
CA GLY B 386 -63.84 -25.44 57.97
C GLY B 386 -64.46 -26.75 58.41
N MET B 387 -63.77 -27.49 59.26
CA MET B 387 -64.20 -28.84 59.63
C MET B 387 -65.09 -28.89 60.87
N ASN B 388 -66.06 -29.79 60.83
CA ASN B 388 -66.89 -30.07 62.00
C ASN B 388 -66.08 -30.82 63.06
N VAL B 389 -66.09 -30.28 64.27
CA VAL B 389 -65.23 -30.80 65.34
C VAL B 389 -65.52 -32.25 65.68
N MET B 390 -66.79 -32.66 65.54
CA MET B 390 -67.16 -34.04 65.83
C MET B 390 -66.80 -34.97 64.67
N GLU B 391 -67.02 -34.50 63.45
CA GLU B 391 -66.66 -35.28 62.27
C GLU B 391 -65.16 -35.53 62.20
N PHE B 392 -64.38 -34.48 62.48
CA PHE B 392 -62.93 -34.59 62.43
C PHE B 392 -62.40 -35.57 63.47
N THR B 393 -62.86 -35.43 64.70
CA THR B 393 -62.47 -36.32 65.79
C THR B 393 -62.73 -37.77 65.43
N ARG B 394 -63.90 -38.02 64.84
CA ARG B 394 -64.27 -39.35 64.39
C ARG B 394 -63.41 -39.77 63.19
N ALA B 395 -63.12 -38.81 62.32
CA ALA B 395 -62.36 -39.09 61.11
C ALA B 395 -60.90 -39.41 61.41
N ILE B 396 -60.28 -38.60 62.27
CA ILE B 396 -58.87 -38.77 62.56
C ILE B 396 -58.62 -40.04 63.38
N LEU B 397 -59.55 -40.37 64.28
CA LEU B 397 -59.42 -41.58 65.09
C LEU B 397 -59.88 -42.83 64.36
N THR B 398 -61.02 -42.73 63.67
CA THR B 398 -61.60 -43.87 62.96
C THR B 398 -62.13 -43.45 61.60
N PRO B 399 -61.23 -43.30 60.61
CA PRO B 399 -61.62 -42.84 59.28
C PRO B 399 -62.49 -43.81 58.51
N ARG B 400 -63.25 -43.29 57.55
CA ARG B 400 -64.05 -44.11 56.65
C ARG B 400 -63.45 -44.03 55.25
N ILE B 401 -62.87 -45.13 54.77
CA ILE B 401 -62.21 -45.11 53.47
C ILE B 401 -62.98 -45.95 52.44
N LYS B 402 -63.50 -45.27 51.43
CA LYS B 402 -64.30 -45.96 50.40
C LYS B 402 -63.41 -46.69 49.40
N TYR B 407 -69.05 -51.58 55.04
CA TYR B 407 -67.91 -52.47 55.25
C TYR B 407 -66.69 -51.71 55.74
N VAL B 408 -66.86 -50.43 56.10
CA VAL B 408 -65.71 -49.63 56.44
C VAL B 408 -65.74 -48.85 57.76
N GLN B 409 -64.92 -49.30 58.71
CA GLN B 409 -64.49 -48.48 59.83
C GLN B 409 -63.02 -48.82 60.04
N LYS B 410 -62.12 -47.89 59.70
CA LYS B 410 -60.70 -48.18 59.86
C LYS B 410 -60.19 -47.78 61.24
N ALA B 411 -59.32 -48.62 61.80
CA ALA B 411 -58.75 -48.37 63.11
C ALA B 411 -57.41 -47.66 62.98
N GLN B 412 -57.13 -46.74 63.90
CA GLN B 412 -55.87 -46.02 63.90
C GLN B 412 -55.15 -46.23 65.22
N THR B 413 -53.83 -46.38 65.17
CA THR B 413 -53.06 -46.51 66.39
C THR B 413 -52.60 -45.12 66.82
N LYS B 414 -51.75 -45.05 67.84
CA LYS B 414 -51.21 -43.76 68.26
C LYS B 414 -50.24 -43.26 67.20
N GLU B 415 -49.45 -44.18 66.65
CA GLU B 415 -48.44 -43.84 65.67
C GLU B 415 -49.06 -43.47 64.33
N GLN B 416 -50.14 -44.15 63.98
CA GLN B 416 -50.84 -43.88 62.72
C GLN B 416 -51.53 -42.53 62.76
N ALA B 417 -52.04 -42.17 63.94
CA ALA B 417 -52.75 -40.92 64.10
C ALA B 417 -51.81 -39.73 63.96
N ASP B 418 -50.69 -39.79 64.67
CA ASP B 418 -49.69 -38.72 64.61
C ASP B 418 -49.10 -38.59 63.21
N PHE B 419 -48.90 -39.72 62.53
CA PHE B 419 -48.40 -39.70 61.17
C PHE B 419 -49.41 -39.09 60.21
N ALA B 420 -50.68 -39.46 60.39
CA ALA B 420 -51.75 -38.92 59.57
C ALA B 420 -51.89 -37.42 59.81
N VAL B 421 -51.67 -37.01 61.05
CA VAL B 421 -51.69 -35.60 61.42
C VAL B 421 -50.55 -34.83 60.77
N GLU B 422 -49.35 -35.41 60.83
CA GLU B 422 -48.17 -34.81 60.23
C GLU B 422 -48.32 -34.60 58.73
N ALA B 423 -48.86 -35.61 58.06
CA ALA B 423 -49.01 -35.56 56.61
C ALA B 423 -50.04 -34.51 56.19
N LEU B 424 -51.10 -34.37 56.97
CA LEU B 424 -52.12 -33.36 56.71
C LEU B 424 -51.54 -31.97 56.81
N ALA B 425 -50.65 -31.77 57.79
CA ALA B 425 -49.97 -30.49 57.95
C ALA B 425 -49.03 -30.23 56.78
N LYS B 426 -48.31 -31.26 56.37
CA LYS B 426 -47.39 -31.15 55.24
C LYS B 426 -48.14 -30.92 53.93
N ALA B 427 -49.24 -31.65 53.76
CA ALA B 427 -50.04 -31.52 52.55
C ALA B 427 -50.72 -30.16 52.46
N THR B 428 -51.29 -29.72 53.57
CA THR B 428 -52.01 -28.44 53.61
C THR B 428 -51.07 -27.28 53.33
N TYR B 429 -49.88 -27.31 53.92
CA TYR B 429 -48.90 -26.25 53.73
C TYR B 429 -48.39 -26.23 52.29
N GLU B 430 -48.25 -27.42 51.71
CA GLU B 430 -47.81 -27.51 50.32
C GLU B 430 -48.88 -26.96 49.38
N ARG B 431 -50.13 -27.27 49.69
CA ARG B 431 -51.25 -26.75 48.90
C ARG B 431 -51.40 -25.24 49.12
N LEU B 432 -51.04 -24.79 50.30
CA LEU B 432 -51.03 -23.36 50.60
C LEU B 432 -49.98 -22.66 49.75
N PHE B 433 -48.84 -23.31 49.58
CA PHE B 433 -47.73 -22.76 48.83
C PHE B 433 -48.05 -22.68 47.34
N ARG B 434 -48.61 -23.76 46.79
CA ARG B 434 -48.94 -23.81 45.38
C ARG B 434 -50.05 -22.79 45.05
N TRP B 435 -50.87 -22.48 46.04
CA TRP B 435 -51.89 -21.46 45.86
C TRP B 435 -51.25 -20.08 45.85
N LEU B 436 -50.29 -19.89 46.75
CA LEU B 436 -49.56 -18.63 46.84
C LEU B 436 -48.83 -18.34 45.54
N VAL B 437 -48.35 -19.39 44.90
CA VAL B 437 -47.68 -19.26 43.61
C VAL B 437 -48.67 -18.83 42.53
N HIS B 438 -49.80 -19.53 42.45
CA HIS B 438 -50.82 -19.23 41.46
C HIS B 438 -51.45 -17.86 41.70
N ARG B 439 -51.50 -17.45 42.96
CA ARG B 439 -52.04 -16.15 43.33
C ARG B 439 -51.07 -15.04 42.89
N ILE B 440 -49.78 -15.34 42.95
CA ILE B 440 -48.76 -14.42 42.48
C ILE B 440 -48.81 -14.31 40.96
N ASN B 441 -49.05 -15.43 40.29
CA ASN B 441 -49.16 -15.45 38.84
C ASN B 441 -50.28 -14.55 38.34
N LYS B 442 -51.32 -14.40 39.15
CA LYS B 442 -52.40 -13.47 38.82
C LYS B 442 -51.94 -12.04 39.10
N ALA B 443 -52.43 -11.09 38.30
CA ALA B 443 -52.06 -9.68 38.40
C ALA B 443 -50.57 -9.47 38.19
N LEU B 444 -49.92 -10.45 37.57
CA LEU B 444 -48.48 -10.37 37.28
C LEU B 444 -48.24 -9.96 35.83
N GLY B 451 -49.29 -15.80 23.68
CA GLY B 451 -48.24 -16.61 24.27
C GLY B 451 -47.97 -17.88 23.51
N ALA B 452 -46.73 -18.05 23.06
CA ALA B 452 -46.37 -19.12 22.14
C ALA B 452 -45.21 -19.94 22.69
N SER B 453 -44.06 -19.30 22.81
CA SER B 453 -42.88 -19.94 23.39
C SER B 453 -42.42 -19.19 24.64
N PHE B 454 -41.67 -19.88 25.49
CA PHE B 454 -41.25 -19.29 26.77
C PHE B 454 -39.77 -19.54 27.03
N ILE B 455 -39.18 -18.70 27.89
CA ILE B 455 -37.83 -18.94 28.38
C ILE B 455 -37.84 -19.08 29.90
N GLY B 456 -37.57 -20.29 30.38
CA GLY B 456 -37.60 -20.56 31.80
C GLY B 456 -36.29 -20.26 32.52
N ILE B 457 -36.39 -19.81 33.75
CA ILE B 457 -35.21 -19.65 34.61
C ILE B 457 -35.39 -20.49 35.86
N LEU B 458 -34.57 -21.53 35.99
CA LEU B 458 -34.70 -22.45 37.11
C LEU B 458 -33.80 -22.05 38.28
N ASP B 459 -34.43 -21.71 39.40
CA ASP B 459 -33.71 -21.39 40.62
C ASP B 459 -33.91 -22.53 41.62
N ILE B 460 -32.85 -23.30 41.86
CA ILE B 460 -32.93 -24.44 42.75
C ILE B 460 -31.65 -24.56 43.58
N ALA B 461 -31.79 -25.03 44.81
CA ALA B 461 -30.64 -25.23 45.69
C ALA B 461 -29.68 -26.25 45.09
N GLY B 462 -28.39 -25.95 45.15
CA GLY B 462 -27.37 -26.80 44.56
C GLY B 462 -27.14 -28.09 45.33
N PHE B 463 -26.13 -28.84 44.89
CA PHE B 463 -25.75 -30.09 45.53
C PHE B 463 -25.32 -29.87 46.97
N GLU B 464 -25.93 -30.59 47.89
CA GLU B 464 -25.64 -30.44 49.31
C GLU B 464 -24.79 -31.57 49.87
N ILE B 465 -23.64 -31.21 50.44
CA ILE B 465 -22.82 -32.17 51.16
C ILE B 465 -22.50 -31.65 52.55
N PHE B 466 -23.06 -32.30 53.57
CA PHE B 466 -22.78 -31.94 54.95
C PHE B 466 -21.90 -33.02 55.57
N GLU B 467 -21.57 -32.88 56.85
CA GLU B 467 -20.87 -33.94 57.54
C GLU B 467 -21.92 -34.91 58.07
N LEU B 468 -23.18 -34.46 58.02
CA LEU B 468 -24.34 -35.28 58.36
C LEU B 468 -25.34 -35.21 57.21
N ASN B 469 -25.55 -36.31 56.51
CA ASN B 469 -26.48 -36.31 55.39
C ASN B 469 -27.76 -37.10 55.69
N SER B 470 -28.83 -36.37 56.00
CA SER B 470 -30.12 -37.00 56.27
C SER B 470 -30.90 -37.26 54.98
N PHE B 471 -32.16 -37.63 55.14
CA PHE B 471 -33.04 -37.94 54.02
C PHE B 471 -33.21 -36.77 53.06
N GLU B 472 -33.25 -35.56 53.61
CA GLU B 472 -33.41 -34.35 52.82
C GLU B 472 -32.22 -34.12 51.89
N GLN B 473 -31.04 -34.54 52.33
CA GLN B 473 -29.82 -34.37 51.56
C GLN B 473 -29.76 -35.37 50.41
N LEU B 474 -30.30 -36.56 50.63
CA LEU B 474 -30.37 -37.58 49.59
C LEU B 474 -31.28 -37.11 48.46
N CYS B 475 -32.37 -36.45 48.82
CA CYS B 475 -33.34 -35.97 47.85
C CYS B 475 -32.78 -34.84 46.99
N ILE B 476 -32.11 -33.89 47.64
CA ILE B 476 -31.58 -32.73 46.94
C ILE B 476 -30.38 -33.11 46.07
N ASN B 477 -29.71 -34.19 46.43
CA ASN B 477 -28.62 -34.72 45.62
C ASN B 477 -29.16 -35.55 44.46
N TYR B 478 -30.27 -36.24 44.71
CA TYR B 478 -30.91 -37.08 43.70
C TYR B 478 -31.44 -36.24 42.54
N THR B 479 -31.97 -35.06 42.85
CA THR B 479 -32.51 -34.17 41.82
C THR B 479 -31.41 -33.46 41.05
N ASN B 480 -30.31 -33.13 41.73
CA ASN B 480 -29.17 -32.50 41.07
C ASN B 480 -28.43 -33.50 40.19
N GLU B 481 -28.63 -34.79 40.47
CA GLU B 481 -28.05 -35.84 39.64
C GLU B 481 -28.69 -35.86 38.26
N LYS B 482 -30.01 -35.82 38.23
CA LYS B 482 -30.75 -35.78 36.97
C LYS B 482 -30.50 -34.47 36.22
N LEU B 483 -30.30 -33.40 36.98
CA LEU B 483 -30.01 -32.10 36.39
C LEU B 483 -28.66 -32.10 35.68
N GLN B 484 -27.66 -32.70 36.33
CA GLN B 484 -26.33 -32.80 35.75
C GLN B 484 -26.35 -33.77 34.57
N GLN B 485 -27.21 -34.78 34.66
CA GLN B 485 -27.39 -35.72 33.56
C GLN B 485 -27.95 -35.01 32.33
N LEU B 486 -28.83 -34.03 32.57
CA LEU B 486 -29.39 -33.23 31.51
C LEU B 486 -28.29 -32.44 30.80
N PHE B 487 -27.32 -31.97 31.57
CA PHE B 487 -26.18 -31.25 31.01
C PHE B 487 -25.33 -32.16 30.15
N ASN B 488 -25.01 -33.35 30.65
CA ASN B 488 -24.18 -34.30 29.93
C ASN B 488 -24.79 -34.69 28.59
N HIS B 489 -26.10 -34.91 28.57
CA HIS B 489 -26.80 -35.25 27.33
C HIS B 489 -26.80 -34.06 26.37
N THR B 490 -27.00 -32.87 26.93
CA THR B 490 -27.02 -31.65 26.13
C THR B 490 -25.66 -31.41 25.48
N MET B 491 -24.61 -31.54 26.28
CA MET B 491 -23.24 -31.40 25.81
C MET B 491 -22.93 -32.47 24.77
N PHE B 492 -23.52 -33.65 24.95
CA PHE B 492 -23.38 -34.74 24.00
C PHE B 492 -23.98 -34.38 22.65
N ILE B 493 -25.12 -33.69 22.69
CA ILE B 493 -25.80 -33.27 21.47
C ILE B 493 -25.11 -32.07 20.83
N LEU B 494 -24.75 -31.10 21.65
CA LEU B 494 -24.14 -29.87 21.16
C LEU B 494 -22.77 -30.11 20.51
N GLU B 495 -22.01 -31.06 21.06
CA GLU B 495 -20.69 -31.34 20.51
C GLU B 495 -20.76 -32.22 19.27
N GLN B 496 -21.70 -33.17 19.26
CA GLN B 496 -21.81 -34.09 18.13
C GLN B 496 -22.35 -33.38 16.89
N GLU B 497 -23.03 -32.26 17.10
CA GLU B 497 -23.50 -31.45 15.97
C GLU B 497 -22.41 -30.46 15.54
N GLU B 498 -21.40 -30.31 16.38
CA GLU B 498 -20.25 -29.48 16.05
C GLU B 498 -19.28 -30.24 15.15
N TYR B 499 -19.12 -31.52 15.43
CA TYR B 499 -18.26 -32.39 14.62
C TYR B 499 -18.82 -32.56 13.21
N GLN B 500 -20.14 -32.60 13.10
CA GLN B 500 -20.80 -32.76 11.82
C GLN B 500 -20.61 -31.53 10.93
N ARG B 501 -20.63 -30.36 11.55
CA ARG B 501 -20.43 -29.10 10.82
C ARG B 501 -18.98 -28.96 10.33
N GLU B 502 -18.06 -29.59 11.05
CA GLU B 502 -16.65 -29.54 10.68
C GLU B 502 -16.24 -30.75 9.83
N GLY B 503 -17.18 -31.67 9.61
CA GLY B 503 -16.92 -32.85 8.81
C GLY B 503 -15.94 -33.81 9.46
N ILE B 504 -15.84 -33.71 10.79
CA ILE B 504 -14.96 -34.57 11.56
C ILE B 504 -15.67 -35.82 12.03
N GLU B 505 -15.08 -36.99 11.75
CA GLU B 505 -15.68 -38.25 12.18
C GLU B 505 -15.13 -38.73 13.52
N TRP B 506 -15.95 -38.64 14.54
CA TRP B 506 -15.65 -39.20 15.86
C TRP B 506 -16.91 -39.71 16.53
N ASN B 507 -16.84 -40.89 17.11
CA ASN B 507 -18.00 -41.49 17.77
C ASN B 507 -17.81 -41.57 19.28
N PHE B 508 -18.81 -41.12 20.01
CA PHE B 508 -18.76 -41.16 21.47
C PHE B 508 -20.15 -41.46 22.04
N ILE B 509 -20.17 -42.18 23.15
CA ILE B 509 -21.43 -42.55 23.81
C ILE B 509 -22.01 -41.33 24.52
N ASP B 510 -23.31 -41.35 24.77
CA ASP B 510 -23.98 -40.30 25.50
C ASP B 510 -23.41 -40.21 26.92
N PHE B 511 -23.01 -39.02 27.32
CA PHE B 511 -22.38 -38.82 28.62
C PHE B 511 -23.41 -38.88 29.74
N GLY B 512 -24.69 -38.80 29.38
CA GLY B 512 -25.76 -38.88 30.36
C GLY B 512 -25.89 -40.27 30.96
N LEU B 513 -25.42 -41.27 30.23
CA LEU B 513 -25.48 -42.66 30.70
C LEU B 513 -24.50 -42.93 31.83
N ASP B 514 -23.56 -42.00 32.02
CA ASP B 514 -22.56 -42.14 33.07
C ASP B 514 -23.20 -41.93 34.44
N LEU B 515 -24.22 -41.07 34.49
CA LEU B 515 -24.92 -40.78 35.73
C LEU B 515 -26.13 -41.69 35.93
N GLN B 516 -26.45 -42.47 34.91
CA GLN B 516 -27.61 -43.37 34.95
C GLN B 516 -27.57 -44.42 36.09
N PRO B 517 -26.41 -45.08 36.32
CA PRO B 517 -26.43 -46.05 37.43
C PRO B 517 -26.68 -45.41 38.79
N CYS B 518 -26.14 -44.22 39.02
CA CYS B 518 -26.33 -43.53 40.29
C CYS B 518 -27.81 -43.19 40.49
N ILE B 519 -28.48 -42.83 39.39
CA ILE B 519 -29.90 -42.53 39.42
C ILE B 519 -30.71 -43.79 39.71
N ASP B 520 -30.38 -44.88 39.02
CA ASP B 520 -31.06 -46.14 39.19
C ASP B 520 -30.82 -46.75 40.57
N LEU B 521 -29.68 -46.43 41.17
CA LEU B 521 -29.37 -46.87 42.53
C LEU B 521 -30.38 -46.31 43.51
N ILE B 522 -30.65 -45.02 43.40
CA ILE B 522 -31.65 -44.35 44.21
C ILE B 522 -33.05 -44.68 43.74
N GLU B 523 -33.29 -44.44 42.46
CA GLU B 523 -34.62 -44.55 41.86
C GLU B 523 -34.81 -45.81 41.00
N ARG B 524 -35.65 -46.74 41.47
CA ARG B 524 -36.13 -47.84 40.64
C ARG B 524 -37.18 -48.73 41.33
N PRO B 525 -38.27 -49.03 40.60
CA PRO B 525 -39.41 -49.91 40.94
C PRO B 525 -39.14 -51.42 40.98
N ALA B 526 -38.46 -51.92 39.96
CA ALA B 526 -38.29 -53.37 39.76
C ALA B 526 -37.29 -54.10 40.63
N ASN B 527 -36.99 -55.33 40.22
CA ASN B 527 -36.07 -56.26 40.88
C ASN B 527 -34.77 -55.70 41.48
N PRO B 528 -34.09 -54.76 40.80
CA PRO B 528 -33.06 -54.02 41.55
C PRO B 528 -33.61 -52.82 42.33
N PRO B 529 -34.22 -53.04 43.51
CA PRO B 529 -34.96 -51.97 44.19
C PRO B 529 -34.08 -50.76 44.50
N GLY B 530 -34.58 -49.56 44.25
CA GLY B 530 -33.78 -48.36 44.51
C GLY B 530 -33.73 -48.06 46.00
N VAL B 531 -33.03 -47.00 46.35
CA VAL B 531 -32.92 -46.58 47.75
C VAL B 531 -34.29 -46.14 48.26
N LEU B 532 -35.04 -45.47 47.40
CA LEU B 532 -36.37 -44.97 47.75
C LEU B 532 -37.39 -46.11 47.85
N ALA B 533 -37.31 -47.06 46.92
CA ALA B 533 -38.24 -48.17 46.88
C ALA B 533 -38.10 -49.06 48.11
N LEU B 534 -36.86 -49.23 48.58
CA LEU B 534 -36.61 -50.02 49.77
C LEU B 534 -37.09 -49.26 51.01
N LEU B 535 -37.02 -47.93 50.94
CA LEU B 535 -37.47 -47.10 52.04
C LEU B 535 -38.99 -47.09 52.11
N ASP B 536 -39.62 -47.21 50.95
CA ASP B 536 -41.08 -47.27 50.87
C ASP B 536 -41.60 -48.58 51.44
N GLU B 537 -40.81 -49.65 51.26
CA GLU B 537 -41.20 -50.98 51.69
C GLU B 537 -41.09 -51.14 53.20
N GLU B 538 -40.07 -50.53 53.79
CA GLU B 538 -39.87 -50.64 55.23
C GLU B 538 -40.87 -49.76 55.98
N CYS B 539 -41.42 -48.77 55.29
CA CYS B 539 -42.46 -47.92 55.86
C CYS B 539 -43.81 -48.62 55.79
N TRP B 540 -43.89 -49.64 54.94
CA TRP B 540 -45.11 -50.42 54.77
C TRP B 540 -45.34 -51.29 56.01
N PHE B 541 -44.24 -51.68 56.65
CA PHE B 541 -44.30 -52.53 57.83
C PHE B 541 -43.92 -51.77 59.09
N PRO B 542 -44.84 -51.76 60.08
CA PRO B 542 -44.68 -50.99 61.32
C PRO B 542 -43.51 -51.46 62.19
N LYS B 543 -43.17 -52.74 62.12
CA LYS B 543 -42.12 -53.29 62.97
C LYS B 543 -40.73 -53.05 62.41
N ALA B 544 -40.65 -52.50 61.20
CA ALA B 544 -39.36 -52.21 60.58
C ALA B 544 -38.70 -51.00 61.24
N THR B 545 -37.37 -50.98 61.21
CA THR B 545 -36.60 -49.89 61.81
C THR B 545 -35.55 -49.36 60.84
N ASP B 546 -34.92 -48.26 61.21
CA ASP B 546 -33.87 -47.65 60.39
C ASP B 546 -32.69 -48.59 60.21
N LYS B 547 -32.45 -49.43 61.19
CA LYS B 547 -31.33 -50.36 61.16
C LYS B 547 -31.58 -51.47 60.14
N THR B 548 -32.80 -51.98 60.10
CA THR B 548 -33.16 -53.03 59.16
C THR B 548 -33.21 -52.50 57.73
N PHE B 549 -33.39 -51.19 57.59
CA PHE B 549 -33.39 -50.55 56.29
C PHE B 549 -31.99 -50.58 55.69
N VAL B 550 -30.99 -50.27 56.51
CA VAL B 550 -29.60 -50.29 56.07
C VAL B 550 -29.17 -51.70 55.70
N GLU B 551 -29.47 -52.66 56.58
CA GLU B 551 -29.12 -54.06 56.38
C GLU B 551 -29.72 -54.61 55.09
N LYS B 552 -30.96 -54.22 54.81
CA LYS B 552 -31.65 -54.69 53.61
C LYS B 552 -31.12 -53.98 52.37
N LEU B 553 -30.71 -52.72 52.54
CA LEU B 553 -30.16 -51.94 51.44
C LEU B 553 -28.80 -52.49 51.02
N VAL B 554 -27.95 -52.77 52.00
CA VAL B 554 -26.65 -53.37 51.76
C VAL B 554 -26.80 -54.75 51.12
N GLN B 555 -27.73 -55.54 51.64
CA GLN B 555 -27.97 -56.89 51.13
C GLN B 555 -28.47 -56.85 49.68
N GLU B 556 -29.47 -56.02 49.42
CA GLU B 556 -30.05 -55.94 48.08
C GLU B 556 -29.02 -55.51 47.05
N GLN B 557 -28.43 -54.33 47.24
CA GLN B 557 -27.29 -53.98 46.41
C GLN B 557 -26.09 -53.57 47.25
N GLY B 558 -25.09 -54.45 47.31
CA GLY B 558 -23.74 -54.08 47.68
C GLY B 558 -22.92 -54.13 46.42
N SER B 559 -23.49 -54.77 45.41
CA SER B 559 -22.82 -55.04 44.15
C SER B 559 -22.78 -53.81 43.25
N HIS B 560 -23.73 -52.91 43.44
CA HIS B 560 -23.85 -51.73 42.60
C HIS B 560 -22.57 -50.89 42.64
N SER B 561 -22.09 -50.52 41.46
CA SER B 561 -20.83 -49.79 41.33
C SER B 561 -20.85 -48.45 42.05
N LYS B 562 -22.01 -47.80 42.06
CA LYS B 562 -22.14 -46.48 42.67
C LYS B 562 -22.49 -46.56 44.16
N PHE B 563 -22.61 -47.79 44.67
CA PHE B 563 -22.90 -47.99 46.08
C PHE B 563 -21.70 -48.55 46.84
N GLN B 564 -21.32 -47.87 47.92
CA GLN B 564 -20.20 -48.32 48.75
C GLN B 564 -20.50 -48.11 50.23
N LYS B 565 -19.75 -48.79 51.08
CA LYS B 565 -19.90 -48.64 52.53
C LYS B 565 -18.64 -48.07 53.16
N PRO B 566 -18.78 -47.38 54.30
CA PRO B 566 -17.64 -46.81 55.01
C PRO B 566 -16.61 -47.87 55.43
N LYS B 572 -19.64 -44.63 61.32
CA LYS B 572 -20.66 -43.61 61.58
C LYS B 572 -21.77 -43.67 60.53
N ALA B 573 -21.40 -43.39 59.28
CA ALA B 573 -22.36 -43.41 58.17
C ALA B 573 -22.83 -44.83 57.87
N ASP B 574 -24.10 -44.96 57.51
CA ASP B 574 -24.66 -46.27 57.19
C ASP B 574 -24.26 -46.74 55.79
N PHE B 575 -24.38 -45.85 54.80
CA PHE B 575 -24.03 -46.20 53.44
C PHE B 575 -23.57 -44.97 52.66
N CYS B 576 -23.00 -45.21 51.48
CA CYS B 576 -22.49 -44.13 50.63
C CYS B 576 -22.91 -44.33 49.18
N ILE B 577 -23.12 -43.22 48.48
CA ILE B 577 -23.51 -43.25 47.08
C ILE B 577 -22.55 -42.44 46.22
N ILE B 578 -22.04 -43.04 45.16
CA ILE B 578 -21.14 -42.34 44.26
C ILE B 578 -21.92 -41.46 43.29
N HIS B 579 -21.70 -40.15 43.39
CA HIS B 579 -22.32 -39.19 42.49
C HIS B 579 -21.30 -38.63 41.51
N TYR B 580 -21.74 -37.71 40.67
CA TYR B 580 -20.82 -37.00 39.79
C TYR B 580 -19.94 -36.07 40.64
N ALA B 581 -20.51 -35.59 41.74
CA ALA B 581 -19.79 -34.70 42.64
C ALA B 581 -18.75 -35.47 43.45
N GLY B 582 -19.08 -36.70 43.80
CA GLY B 582 -18.17 -37.53 44.58
C GLY B 582 -18.89 -38.51 45.50
N LYS B 583 -18.15 -39.05 46.46
CA LYS B 583 -18.70 -39.99 47.42
C LYS B 583 -19.22 -39.25 48.66
N VAL B 584 -20.51 -39.46 48.96
CA VAL B 584 -21.12 -38.80 50.11
C VAL B 584 -21.62 -39.82 51.13
N ASP B 585 -21.56 -39.45 52.40
CA ASP B 585 -21.91 -40.36 53.49
C ASP B 585 -23.29 -40.06 54.06
N TYR B 586 -24.20 -41.02 53.93
CA TYR B 586 -25.57 -40.86 54.42
C TYR B 586 -25.80 -41.57 55.75
N LYS B 587 -26.47 -40.89 56.67
CA LYS B 587 -26.90 -41.51 57.93
C LYS B 587 -28.39 -41.75 57.89
N ALA B 588 -28.80 -42.97 58.23
CA ALA B 588 -30.18 -43.42 58.02
C ALA B 588 -31.09 -43.12 59.20
N ASP B 589 -30.58 -42.40 60.19
CA ASP B 589 -31.35 -42.09 61.39
C ASP B 589 -32.65 -41.35 61.05
N GLU B 590 -33.75 -41.86 61.61
CA GLU B 590 -35.08 -41.25 61.44
C GLU B 590 -35.53 -41.16 59.98
N TRP B 591 -35.01 -42.02 59.13
CA TRP B 591 -35.39 -42.00 57.71
C TRP B 591 -36.77 -42.60 57.49
N LEU B 592 -37.10 -43.64 58.24
CA LEU B 592 -38.44 -44.24 58.16
C LEU B 592 -39.49 -43.26 58.65
N MET B 593 -39.11 -42.41 59.61
CA MET B 593 -40.01 -41.41 60.15
C MET B 593 -40.23 -40.27 59.16
N LYS B 594 -39.15 -39.85 58.49
CA LYS B 594 -39.21 -38.72 57.57
C LYS B 594 -39.88 -39.09 56.25
N ASN B 595 -39.95 -40.38 55.95
CA ASN B 595 -40.51 -40.85 54.70
C ASN B 595 -42.02 -41.07 54.77
N MET B 596 -42.57 -41.03 55.99
CA MET B 596 -44.00 -41.28 56.18
C MET B 596 -44.85 -40.10 55.77
N ASP B 597 -45.76 -40.33 54.83
CA ASP B 597 -46.75 -39.33 54.46
C ASP B 597 -48.11 -40.00 54.23
N PRO B 598 -48.64 -40.69 55.25
CA PRO B 598 -49.95 -41.34 55.06
C PRO B 598 -51.08 -40.31 55.05
N LEU B 599 -51.98 -40.42 54.07
CA LEU B 599 -53.05 -39.44 53.96
C LEU B 599 -54.39 -40.03 54.40
N ASN B 600 -55.00 -39.39 55.40
CA ASN B 600 -56.33 -39.79 55.84
C ASN B 600 -57.34 -39.22 54.85
N ASP B 601 -58.07 -40.12 54.19
CA ASP B 601 -58.98 -39.71 53.12
C ASP B 601 -60.31 -39.20 53.67
N ASN B 602 -60.58 -39.53 54.93
CA ASN B 602 -61.79 -39.05 55.58
C ASN B 602 -61.64 -37.60 56.01
N VAL B 603 -60.46 -37.27 56.55
CA VAL B 603 -60.18 -35.90 56.96
C VAL B 603 -59.92 -35.01 55.75
N ALA B 604 -59.33 -35.61 54.71
CA ALA B 604 -59.04 -34.87 53.48
C ALA B 604 -60.34 -34.42 52.79
N THR B 605 -61.34 -35.28 52.84
CA THR B 605 -62.64 -34.96 52.25
C THR B 605 -63.33 -33.86 53.07
N LEU B 606 -63.08 -33.86 54.38
CA LEU B 606 -63.63 -32.84 55.25
C LEU B 606 -63.02 -31.48 54.92
N LEU B 607 -61.73 -31.49 54.57
CA LEU B 607 -61.03 -30.27 54.17
C LEU B 607 -61.48 -29.83 52.79
N HIS B 608 -61.85 -30.81 51.95
CA HIS B 608 -62.39 -30.51 50.63
C HIS B 608 -63.79 -29.93 50.74
N GLN B 609 -64.56 -30.44 51.69
CA GLN B 609 -65.94 -30.01 51.93
C GLN B 609 -66.00 -28.90 52.97
N SER B 610 -64.83 -28.43 53.39
CA SER B 610 -64.72 -27.40 54.42
C SER B 610 -65.55 -26.16 54.13
N SER B 611 -66.14 -25.60 55.19
CA SER B 611 -67.00 -24.43 55.06
C SER B 611 -66.21 -23.18 54.68
N ASP B 612 -64.91 -23.21 54.96
CA ASP B 612 -64.02 -22.11 54.59
C ASP B 612 -63.68 -22.22 53.11
N ARG B 613 -64.01 -21.18 52.35
CA ARG B 613 -63.82 -21.20 50.91
C ARG B 613 -62.34 -21.27 50.54
N PHE B 614 -61.49 -20.69 51.38
CA PHE B 614 -60.05 -20.72 51.15
C PHE B 614 -59.50 -22.12 51.36
N VAL B 615 -59.85 -22.73 52.49
CA VAL B 615 -59.40 -24.07 52.82
C VAL B 615 -59.96 -25.08 51.83
N ALA B 616 -61.21 -24.88 51.43
CA ALA B 616 -61.85 -25.75 50.45
C ALA B 616 -61.13 -25.65 49.11
N GLU B 617 -60.70 -24.45 48.77
CA GLU B 617 -59.97 -24.21 47.53
C GLU B 617 -58.62 -24.91 47.54
N LEU B 618 -57.96 -24.88 48.69
CA LEU B 618 -56.66 -25.54 48.86
C LEU B 618 -56.79 -27.04 48.62
N TRP B 619 -57.84 -27.62 49.18
CA TRP B 619 -58.10 -29.05 49.10
C TRP B 619 -59.04 -29.44 47.96
N LYS B 620 -59.34 -28.47 47.09
CA LYS B 620 -60.23 -28.67 45.95
C LYS B 620 -59.94 -29.94 45.18
N ASP B 621 -58.65 -30.23 44.95
CA ASP B 621 -58.31 -31.49 44.29
C ASP B 621 -57.83 -32.49 45.34
N VAL B 622 -58.70 -33.44 45.67
CA VAL B 622 -58.41 -34.46 46.67
C VAL B 622 -58.09 -35.82 46.03
N ASP B 623 -58.13 -35.89 44.70
CA ASP B 623 -58.07 -37.16 43.99
C ASP B 623 -56.86 -38.03 44.35
N ARG B 624 -57.11 -39.32 44.51
CA ARG B 624 -56.06 -40.28 44.87
C ARG B 624 -56.30 -41.63 44.22
N MET B 649 -51.11 -46.36 44.38
CA MET B 649 -49.81 -45.86 44.84
C MET B 649 -49.77 -45.71 46.35
N PHE B 650 -48.58 -45.83 46.92
CA PHE B 650 -48.40 -45.87 48.37
C PHE B 650 -48.44 -44.47 49.01
N ARG B 651 -48.07 -43.45 48.23
CA ARG B 651 -47.92 -42.09 48.74
C ARG B 651 -46.90 -42.02 49.87
N THR B 652 -45.63 -42.06 49.51
CA THR B 652 -44.55 -41.87 50.46
C THR B 652 -43.85 -40.56 50.11
N VAL B 653 -43.20 -39.94 51.09
CA VAL B 653 -42.50 -38.68 50.88
C VAL B 653 -41.52 -38.78 49.71
N GLY B 654 -40.69 -39.82 49.73
CA GLY B 654 -39.76 -40.07 48.65
C GLY B 654 -40.47 -40.38 47.35
N GLN B 655 -41.64 -41.01 47.44
CA GLN B 655 -42.42 -41.36 46.26
C GLN B 655 -42.99 -40.12 45.58
N LEU B 656 -43.43 -39.15 46.38
CA LEU B 656 -43.99 -37.92 45.83
C LEU B 656 -42.88 -37.01 45.28
N TYR B 657 -41.73 -37.03 45.93
CA TYR B 657 -40.58 -36.26 45.50
C TYR B 657 -40.11 -36.77 44.14
N LYS B 658 -40.10 -38.09 43.99
CA LYS B 658 -39.75 -38.73 42.73
C LYS B 658 -40.73 -38.35 41.62
N GLU B 659 -42.01 -38.30 41.95
CA GLU B 659 -43.05 -37.93 40.99
C GLU B 659 -42.93 -36.46 40.60
N SER B 660 -42.61 -35.62 41.59
CA SER B 660 -42.50 -34.18 41.36
C SER B 660 -41.26 -33.86 40.54
N LEU B 661 -40.20 -34.63 40.72
CA LEU B 661 -38.97 -34.44 39.96
C LEU B 661 -39.18 -34.84 38.50
N THR B 662 -39.90 -35.94 38.31
CA THR B 662 -40.23 -36.42 36.98
C THR B 662 -41.05 -35.37 36.23
N LYS B 663 -41.84 -34.62 36.99
CA LYS B 663 -42.64 -33.53 36.45
C LYS B 663 -41.75 -32.38 35.99
N LEU B 664 -40.70 -32.10 36.76
CA LEU B 664 -39.77 -31.03 36.44
C LEU B 664 -38.91 -31.39 35.24
N MET B 665 -38.46 -32.64 35.20
CA MET B 665 -37.64 -33.12 34.09
C MET B 665 -38.40 -33.09 32.78
N ALA B 666 -39.70 -33.40 32.85
CA ALA B 666 -40.55 -33.40 31.68
C ALA B 666 -40.60 -32.02 31.01
N THR B 667 -40.61 -30.98 31.82
CA THR B 667 -40.67 -29.61 31.31
C THR B 667 -39.33 -29.15 30.75
N LEU B 668 -38.25 -29.54 31.41
CA LEU B 668 -36.91 -29.14 31.01
C LEU B 668 -36.44 -29.87 29.75
N ARG B 669 -36.77 -31.15 29.65
CA ARG B 669 -36.35 -31.96 28.51
C ARG B 669 -37.08 -31.59 27.23
N ASN B 670 -38.16 -30.82 27.35
CA ASN B 670 -38.89 -30.34 26.19
C ASN B 670 -38.40 -28.96 25.76
N THR B 671 -37.39 -28.46 26.46
CA THR B 671 -36.81 -27.17 26.15
C THR B 671 -35.32 -27.30 25.83
N ASN B 672 -34.70 -26.17 25.50
CA ASN B 672 -33.26 -26.12 25.26
C ASN B 672 -32.54 -25.51 26.46
N PRO B 673 -31.82 -26.35 27.21
CA PRO B 673 -31.18 -25.93 28.46
C PRO B 673 -29.94 -25.06 28.29
N ASN B 674 -29.82 -24.06 29.15
CA ASN B 674 -28.59 -23.29 29.29
C ASN B 674 -28.19 -23.28 30.76
N PHE B 675 -26.90 -23.13 31.04
CA PHE B 675 -26.42 -23.35 32.40
C PHE B 675 -25.57 -22.20 32.92
N VAL B 676 -25.97 -21.65 34.05
CA VAL B 676 -25.23 -20.58 34.71
C VAL B 676 -24.80 -21.02 36.10
N ARG B 677 -23.51 -20.86 36.42
CA ARG B 677 -22.97 -21.30 37.69
C ARG B 677 -22.56 -20.12 38.58
N CYS B 678 -23.32 -19.93 39.66
CA CYS B 678 -23.02 -18.86 40.61
C CYS B 678 -22.15 -19.38 41.75
N ILE B 679 -21.02 -18.71 41.98
CA ILE B 679 -20.05 -19.16 42.97
C ILE B 679 -19.85 -18.14 44.08
N ILE B 680 -19.75 -18.62 45.32
CA ILE B 680 -19.47 -17.75 46.46
C ILE B 680 -17.98 -17.80 46.81
N PRO B 681 -17.28 -16.67 46.63
CA PRO B 681 -15.83 -16.59 46.85
C PRO B 681 -15.43 -16.69 48.33
N ASN B 682 -16.28 -16.20 49.23
CA ASN B 682 -15.97 -16.20 50.66
C ASN B 682 -17.21 -16.11 51.54
N HIS B 683 -17.08 -16.50 52.80
CA HIS B 683 -18.19 -16.47 53.74
C HIS B 683 -18.38 -15.08 54.35
N GLU B 684 -17.42 -14.20 54.12
CA GLU B 684 -17.44 -12.87 54.73
C GLU B 684 -18.15 -11.85 53.84
N LYS B 685 -18.58 -12.30 52.67
CA LYS B 685 -19.32 -11.47 51.71
C LYS B 685 -18.58 -10.19 51.33
N ARG B 686 -17.27 -10.27 51.15
CA ARG B 686 -16.49 -9.09 50.78
C ARG B 686 -15.61 -9.32 49.56
N ALA B 687 -15.33 -8.24 48.84
CA ALA B 687 -14.56 -8.28 47.60
C ALA B 687 -13.05 -8.26 47.83
N GLY B 688 -12.33 -8.95 46.95
CA GLY B 688 -10.88 -8.94 46.96
C GLY B 688 -10.28 -10.15 47.67
N LYS B 689 -11.13 -10.97 48.26
CA LYS B 689 -10.67 -12.17 48.95
C LYS B 689 -11.40 -13.40 48.39
N LEU B 690 -10.63 -14.44 48.09
CA LEU B 690 -11.20 -15.67 47.55
C LEU B 690 -10.66 -16.91 48.26
N ASP B 691 -11.57 -17.68 48.86
CA ASP B 691 -11.19 -18.93 49.49
C ASP B 691 -11.24 -20.05 48.47
N PRO B 692 -10.07 -20.59 48.10
CA PRO B 692 -9.94 -21.58 47.03
C PRO B 692 -10.68 -22.89 47.33
N HIS B 693 -10.69 -23.32 48.59
CA HIS B 693 -11.37 -24.55 48.97
C HIS B 693 -12.89 -24.42 48.85
N LEU B 694 -13.40 -23.24 49.18
CA LEU B 694 -14.83 -22.97 49.05
C LEU B 694 -15.24 -23.01 47.59
N VAL B 695 -14.40 -22.46 46.72
CA VAL B 695 -14.63 -22.48 45.29
C VAL B 695 -14.52 -23.90 44.74
N LEU B 696 -13.47 -24.61 45.15
CA LEU B 696 -13.23 -25.98 44.74
C LEU B 696 -14.41 -26.90 45.05
N ASP B 697 -14.92 -26.80 46.28
CA ASP B 697 -16.05 -27.61 46.71
C ASP B 697 -17.27 -27.34 45.85
N GLN B 698 -17.47 -26.07 45.49
CA GLN B 698 -18.60 -25.68 44.65
C GLN B 698 -18.44 -26.19 43.23
N LEU B 699 -17.20 -26.21 42.73
CA LEU B 699 -16.91 -26.69 41.38
C LEU B 699 -17.20 -28.19 41.24
N ARG B 700 -17.11 -28.91 42.35
CA ARG B 700 -17.42 -30.34 42.36
C ARG B 700 -18.93 -30.56 42.41
N CYS B 701 -19.64 -29.65 43.07
CA CYS B 701 -21.06 -29.79 43.27
C CYS B 701 -21.88 -29.38 42.05
N ASN B 702 -21.46 -28.33 41.36
CA ASN B 702 -22.24 -27.78 40.25
C ASN B 702 -22.03 -28.52 38.93
N GLY B 703 -20.96 -29.33 38.86
CA GLY B 703 -20.69 -30.12 37.69
C GLY B 703 -19.72 -29.49 36.71
N VAL B 704 -19.08 -28.40 37.12
CA VAL B 704 -18.09 -27.73 36.29
C VAL B 704 -16.91 -28.65 36.04
N LEU B 705 -16.42 -29.30 37.10
CA LEU B 705 -15.32 -30.24 36.98
C LEU B 705 -15.75 -31.50 36.23
N GLU B 706 -17.04 -31.80 36.30
CA GLU B 706 -17.60 -32.92 35.56
C GLU B 706 -17.59 -32.62 34.06
N GLY B 707 -17.86 -31.36 33.73
CA GLY B 707 -17.79 -30.91 32.35
C GLY B 707 -16.38 -30.97 31.82
N ILE B 708 -15.42 -30.68 32.70
CA ILE B 708 -14.00 -30.76 32.37
C ILE B 708 -13.60 -32.21 32.09
N ARG B 709 -14.14 -33.13 32.88
CA ARG B 709 -13.84 -34.56 32.72
C ARG B 709 -14.27 -35.07 31.35
N ILE B 710 -15.34 -34.49 30.82
CA ILE B 710 -15.90 -34.92 29.54
C ILE B 710 -15.05 -34.42 28.37
N CYS B 711 -14.63 -33.15 28.44
CA CYS B 711 -13.85 -32.55 27.36
C CYS B 711 -12.54 -33.28 27.12
N ARG B 712 -11.96 -33.83 28.18
CA ARG B 712 -10.69 -34.54 28.09
C ARG B 712 -10.76 -35.77 27.18
N GLN B 713 -11.92 -36.43 27.18
CA GLN B 713 -12.12 -37.62 26.37
C GLN B 713 -12.14 -37.31 24.88
N GLY B 714 -12.57 -36.11 24.53
CA GLY B 714 -12.69 -35.70 23.15
C GLY B 714 -11.52 -34.84 22.68
N PHE B 715 -11.82 -33.89 21.79
CA PHE B 715 -10.82 -32.96 21.28
C PHE B 715 -11.20 -31.54 21.70
N PRO B 716 -10.93 -31.18 22.97
CA PRO B 716 -11.37 -29.93 23.58
C PRO B 716 -10.81 -28.68 22.90
N ASN B 717 -9.52 -28.70 22.58
CA ASN B 717 -8.87 -27.54 21.99
C ASN B 717 -9.16 -27.40 20.50
N ARG B 718 -9.78 -26.28 20.14
CA ARG B 718 -10.13 -26.03 18.75
C ARG B 718 -9.58 -24.69 18.29
N ILE B 719 -8.63 -24.74 17.35
CA ILE B 719 -7.94 -23.55 16.89
C ILE B 719 -8.18 -23.34 15.39
N VAL B 720 -8.54 -22.13 15.01
CA VAL B 720 -8.78 -21.81 13.62
C VAL B 720 -7.46 -21.87 12.84
N PHE B 721 -7.54 -22.15 11.55
CA PHE B 721 -6.37 -22.34 10.70
C PHE B 721 -5.42 -21.16 10.74
N GLN B 722 -5.96 -19.95 10.63
CA GLN B 722 -5.14 -18.75 10.61
C GLN B 722 -4.46 -18.54 11.95
N GLU B 723 -5.18 -18.80 13.04
CA GLU B 723 -4.64 -18.59 14.37
C GLU B 723 -3.69 -19.72 14.75
N PHE B 724 -3.83 -20.87 14.08
CA PHE B 724 -2.89 -21.97 14.26
C PHE B 724 -1.62 -21.73 13.47
N ARG B 725 -1.77 -21.22 12.25
CA ARG B 725 -0.63 -20.95 11.39
C ARG B 725 0.25 -19.84 11.96
N GLN B 726 -0.36 -18.67 12.19
CA GLN B 726 0.38 -17.51 12.70
C GLN B 726 1.19 -17.83 13.94
N ARG B 727 0.59 -18.61 14.85
CA ARG B 727 1.22 -18.96 16.11
C ARG B 727 2.38 -19.96 15.92
N TYR B 728 2.08 -21.09 15.29
CA TYR B 728 3.00 -22.22 15.24
C TYR B 728 3.83 -22.37 13.95
N GLU B 729 3.71 -21.43 13.02
CA GLU B 729 4.39 -21.54 11.72
C GLU B 729 5.90 -21.67 11.83
N ILE B 730 6.48 -21.12 12.88
CA ILE B 730 7.93 -21.11 13.04
C ILE B 730 8.46 -22.54 13.27
N LEU B 731 7.57 -23.44 13.64
CA LEU B 731 7.96 -24.84 13.86
C LEU B 731 8.13 -25.57 12.52
N THR B 732 7.43 -25.12 11.50
CA THR B 732 7.51 -25.71 10.17
C THR B 732 7.70 -24.66 9.08
N PRO B 733 8.92 -24.09 8.99
CA PRO B 733 9.23 -22.97 8.11
C PRO B 733 9.05 -23.26 6.61
N ASN B 734 9.57 -24.39 6.15
CA ASN B 734 9.58 -24.72 4.73
C ASN B 734 8.43 -25.62 4.28
N ALA B 735 7.54 -25.95 5.20
CA ALA B 735 6.41 -26.82 4.90
C ALA B 735 5.43 -26.22 3.89
N ILE B 736 5.00 -24.98 4.12
CA ILE B 736 4.03 -24.34 3.24
C ILE B 736 4.68 -23.67 2.03
N PRO B 737 4.15 -23.95 0.82
CA PRO B 737 4.55 -23.28 -0.42
C PRO B 737 4.18 -21.81 -0.43
N LYS B 738 4.67 -21.06 -1.42
CA LYS B 738 4.42 -19.62 -1.45
C LYS B 738 3.04 -19.29 -2.01
N GLY B 739 2.20 -18.68 -1.19
CA GLY B 739 0.89 -18.24 -1.62
C GLY B 739 -0.12 -18.28 -0.49
N PHE B 740 -1.34 -17.80 -0.75
CA PHE B 740 -2.43 -17.96 0.20
C PHE B 740 -3.23 -19.23 -0.09
N MET B 741 -4.05 -19.17 -1.14
CA MET B 741 -4.78 -20.33 -1.64
C MET B 741 -5.62 -20.96 -0.52
N ASP B 742 -5.50 -22.27 -0.37
CA ASP B 742 -6.29 -22.98 0.62
C ASP B 742 -5.71 -22.74 2.01
N GLY B 743 -6.51 -22.15 2.89
CA GLY B 743 -6.16 -22.02 4.29
C GLY B 743 -6.14 -23.34 5.02
N LYS B 744 -6.85 -24.32 4.48
CA LYS B 744 -6.91 -25.65 5.09
C LYS B 744 -5.68 -26.48 4.74
N GLN B 745 -5.26 -26.43 3.48
CA GLN B 745 -4.15 -27.26 3.03
C GLN B 745 -2.83 -26.71 3.56
N ALA B 746 -2.83 -25.43 3.93
CA ALA B 746 -1.66 -24.83 4.56
C ALA B 746 -1.42 -25.49 5.91
N CYS B 747 -2.50 -25.79 6.61
CA CYS B 747 -2.44 -26.48 7.90
C CYS B 747 -2.24 -27.98 7.72
N GLU B 748 -2.80 -28.53 6.64
CA GLU B 748 -2.64 -29.95 6.34
C GLU B 748 -1.18 -30.30 6.08
N ARG B 749 -0.43 -29.32 5.57
CA ARG B 749 1.00 -29.50 5.33
C ARG B 749 1.81 -29.33 6.62
N MET B 750 1.36 -28.42 7.48
CA MET B 750 2.04 -28.18 8.75
C MET B 750 2.00 -29.42 9.65
N ILE B 751 0.82 -30.03 9.74
CA ILE B 751 0.66 -31.24 10.52
C ILE B 751 1.46 -32.38 9.90
N ARG B 752 1.48 -32.43 8.58
CA ARG B 752 2.21 -33.45 7.84
C ARG B 752 3.72 -33.29 8.03
N ALA B 753 4.19 -32.04 8.02
CA ALA B 753 5.61 -31.75 8.20
C ALA B 753 6.05 -32.20 9.58
N LEU B 754 5.24 -31.91 10.58
CA LEU B 754 5.50 -32.40 11.93
C LEU B 754 5.28 -33.91 11.94
N GLU B 755 6.03 -34.60 12.80
CA GLU B 755 5.91 -36.05 12.93
C GLU B 755 4.86 -36.40 13.97
N LEU B 756 4.07 -35.39 14.35
CA LEU B 756 3.04 -35.52 15.37
C LEU B 756 2.12 -36.70 15.13
N ASP B 757 1.94 -37.51 16.16
CA ASP B 757 1.12 -38.72 16.11
C ASP B 757 -0.33 -38.44 15.74
N PRO B 758 -0.86 -39.20 14.76
CA PRO B 758 -2.27 -39.08 14.40
C PRO B 758 -3.18 -39.44 15.58
N ASN B 759 -4.48 -39.31 15.39
CA ASN B 759 -5.49 -39.57 16.43
C ASN B 759 -5.42 -38.52 17.55
N LEU B 760 -4.34 -37.74 17.57
CA LEU B 760 -4.16 -36.69 18.56
C LEU B 760 -4.74 -35.38 18.02
N TYR B 761 -5.13 -35.40 16.76
CA TYR B 761 -5.67 -34.22 16.10
C TYR B 761 -6.78 -34.59 15.13
N ARG B 762 -7.62 -33.61 14.81
CA ARG B 762 -8.63 -33.76 13.78
C ARG B 762 -8.72 -32.47 12.97
N ILE B 763 -8.73 -32.59 11.64
CA ILE B 763 -8.80 -31.42 10.78
C ILE B 763 -10.23 -31.22 10.28
N GLY B 764 -10.87 -30.16 10.76
CA GLY B 764 -12.23 -29.85 10.36
C GLY B 764 -12.25 -28.89 9.18
N GLN B 765 -13.43 -28.40 8.85
CA GLN B 765 -13.57 -27.48 7.71
C GLN B 765 -12.98 -26.11 8.01
N SER B 766 -13.46 -25.46 9.06
CA SER B 766 -12.94 -24.14 9.45
C SER B 766 -11.86 -24.18 10.53
N LYS B 767 -11.69 -25.32 11.19
CA LYS B 767 -10.81 -25.40 12.36
C LYS B 767 -10.09 -26.73 12.45
N ILE B 768 -9.04 -26.79 13.26
CA ILE B 768 -8.36 -28.05 13.55
C ILE B 768 -8.52 -28.42 15.03
N PHE B 769 -9.00 -29.64 15.27
CA PHE B 769 -9.27 -30.10 16.62
C PHE B 769 -8.07 -30.80 17.25
N PHE B 770 -7.79 -30.47 18.51
CA PHE B 770 -6.64 -31.04 19.21
C PHE B 770 -7.01 -31.72 20.52
N ARG B 771 -6.29 -32.78 20.87
CA ARG B 771 -6.42 -33.43 22.16
C ARG B 771 -5.81 -32.54 23.24
N ALA B 772 -6.21 -32.78 24.50
CA ALA B 772 -5.65 -32.05 25.61
C ALA B 772 -4.16 -32.36 25.77
N GLY B 773 -3.35 -31.33 25.98
CA GLY B 773 -1.92 -31.50 26.17
C GLY B 773 -1.11 -31.34 24.91
N VAL B 774 -1.78 -31.38 23.75
CA VAL B 774 -1.10 -31.26 22.47
C VAL B 774 -0.53 -29.86 22.26
N LEU B 775 -1.36 -28.84 22.48
CA LEU B 775 -0.94 -27.46 22.32
C LEU B 775 0.08 -27.05 23.38
N ALA B 776 0.05 -27.74 24.52
CA ALA B 776 1.01 -27.50 25.58
C ALA B 776 2.42 -27.85 25.13
N HIS B 777 2.53 -28.92 24.36
CA HIS B 777 3.80 -29.36 23.81
C HIS B 777 4.31 -28.38 22.76
N LEU B 778 3.44 -28.04 21.81
CA LEU B 778 3.81 -27.16 20.71
C LEU B 778 4.15 -25.75 21.18
N GLU B 779 3.48 -25.30 22.24
CA GLU B 779 3.72 -23.96 22.78
C GLU B 779 5.08 -23.87 23.47
N GLU B 780 5.50 -24.97 24.07
CA GLU B 780 6.80 -25.01 24.75
C GLU B 780 7.93 -25.17 23.73
N GLU B 781 7.66 -25.90 22.66
CA GLU B 781 8.61 -26.07 21.57
C GLU B 781 8.75 -24.76 20.80
N ARG B 782 7.67 -23.98 20.78
CA ARG B 782 7.65 -22.69 20.12
C ARG B 782 8.62 -21.71 20.79
N ALA B 783 8.56 -21.65 22.11
CA ALA B 783 9.39 -20.73 22.89
C ALA B 783 10.88 -20.95 22.64
N SER B 784 11.29 -22.21 22.59
CA SER B 784 12.68 -22.55 22.34
C SER B 784 13.06 -22.22 20.90
N GLU B 785 12.20 -22.60 19.96
CA GLU B 785 12.47 -22.39 18.54
C GLU B 785 12.40 -20.91 18.17
N GLN B 786 11.58 -20.15 18.88
CA GLN B 786 11.43 -18.73 18.60
C GLN B 786 12.73 -17.98 18.89
N THR B 787 13.29 -18.19 20.07
CA THR B 787 14.54 -17.55 20.46
C THR B 787 15.70 -18.10 19.63
N LYS B 788 15.57 -19.35 19.20
CA LYS B 788 16.59 -19.98 18.38
C LYS B 788 16.62 -19.40 16.96
N SER B 789 15.44 -19.27 16.37
CA SER B 789 15.32 -18.72 15.03
C SER B 789 15.61 -17.22 15.02
N ASP B 790 15.24 -16.54 16.10
CA ASP B 790 15.48 -15.11 16.23
C ASP B 790 16.97 -14.83 16.38
N TYR B 791 17.69 -15.77 16.99
CA TYR B 791 19.12 -15.64 17.17
C TYR B 791 19.85 -15.75 15.83
N LEU B 792 19.55 -16.82 15.09
CA LEU B 792 20.21 -17.07 13.80
C LEU B 792 19.91 -15.98 12.79
N LYS B 793 18.85 -15.22 13.01
CA LYS B 793 18.54 -14.10 12.15
C LYS B 793 19.46 -12.92 12.42
N ARG B 794 19.39 -12.38 13.63
CA ARG B 794 20.23 -11.22 13.98
C ARG B 794 21.71 -11.55 14.01
N ALA B 795 22.05 -12.83 14.09
CA ALA B 795 23.45 -13.25 14.03
C ALA B 795 23.96 -13.09 12.61
N ASN B 796 23.22 -13.65 11.66
CA ASN B 796 23.59 -13.56 10.25
C ASN B 796 23.56 -12.11 9.76
N GLU B 797 22.55 -11.36 10.21
CA GLU B 797 22.41 -9.97 9.82
C GLU B 797 23.53 -9.11 10.39
N LEU B 798 24.05 -9.51 11.55
CA LEU B 798 25.18 -8.81 12.17
C LEU B 798 26.48 -9.15 11.47
N VAL B 799 26.70 -10.44 11.22
CA VAL B 799 27.91 -10.92 10.57
C VAL B 799 28.02 -10.39 9.15
N GLN B 800 26.94 -10.50 8.38
CA GLN B 800 26.93 -10.03 7.00
C GLN B 800 27.17 -8.52 6.94
N TRP B 801 26.64 -7.80 7.92
CA TRP B 801 26.87 -6.37 8.02
C TRP B 801 28.36 -6.08 8.25
N ILE B 802 28.98 -6.89 9.11
CA ILE B 802 30.40 -6.76 9.39
C ILE B 802 31.24 -7.06 8.15
N ASN B 803 30.90 -8.15 7.46
CA ASN B 803 31.60 -8.53 6.24
C ASN B 803 31.45 -7.49 5.15
N ASP B 804 30.30 -6.82 5.13
CA ASP B 804 30.05 -5.75 4.17
C ASP B 804 30.76 -4.47 4.61
N LYS B 805 30.90 -4.30 5.92
CA LYS B 805 31.56 -3.12 6.47
C LYS B 805 33.07 -3.24 6.36
N GLN B 806 33.59 -4.45 6.62
CA GLN B 806 35.01 -4.71 6.55
C GLN B 806 35.53 -4.59 5.12
N ALA B 807 34.73 -5.08 4.17
CA ALA B 807 35.08 -4.99 2.76
C ALA B 807 35.13 -3.55 2.27
N SER B 808 34.30 -2.69 2.86
CA SER B 808 34.28 -1.29 2.50
C SER B 808 35.44 -0.51 3.11
N LEU B 809 35.88 -0.95 4.28
CA LEU B 809 37.00 -0.30 4.96
C LEU B 809 38.33 -0.61 4.29
N GLU B 810 38.40 -1.74 3.60
CA GLU B 810 39.62 -2.15 2.93
C GLU B 810 39.71 -1.56 1.52
N SER B 811 38.66 -0.87 1.09
CA SER B 811 38.67 -0.20 -0.20
C SER B 811 39.62 0.99 -0.15
N ARG B 812 40.58 1.00 -1.08
CA ARG B 812 41.65 1.99 -1.05
C ARG B 812 41.42 3.21 -1.94
N ASP B 813 40.26 3.31 -2.58
CA ASP B 813 39.99 4.46 -3.43
C ASP B 813 39.26 5.54 -2.64
N PHE B 814 39.99 6.61 -2.32
CA PHE B 814 39.44 7.72 -1.53
C PHE B 814 39.07 8.93 -2.39
N GLY B 815 39.32 8.84 -3.69
CA GLY B 815 39.09 9.97 -4.58
C GLY B 815 40.40 10.61 -5.02
N ASP B 816 40.31 11.47 -6.03
CA ASP B 816 41.51 12.06 -6.63
C ASP B 816 41.86 13.44 -6.06
N SER B 817 41.03 13.95 -5.15
CA SER B 817 41.27 15.28 -4.59
C SER B 817 41.27 15.26 -3.06
N ILE B 818 41.55 16.42 -2.47
CA ILE B 818 41.63 16.53 -1.01
C ILE B 818 40.25 16.61 -0.36
N GLU B 819 39.27 17.12 -1.10
CA GLU B 819 37.92 17.22 -0.60
C GLU B 819 37.27 15.84 -0.51
N SER B 820 37.61 14.98 -1.44
CA SER B 820 37.07 13.62 -1.47
C SER B 820 37.62 12.77 -0.34
N VAL B 821 38.86 13.03 0.06
CA VAL B 821 39.52 12.26 1.11
C VAL B 821 38.87 12.54 2.48
N GLN B 822 38.68 13.81 2.79
CA GLN B 822 38.08 14.20 4.06
C GLN B 822 36.60 13.84 4.11
N SER B 823 36.02 13.56 2.94
CA SER B 823 34.65 13.09 2.88
C SER B 823 34.54 11.72 3.57
N PHE B 824 35.59 10.92 3.43
CA PHE B 824 35.66 9.63 4.10
C PHE B 824 36.05 9.79 5.57
N MET B 825 36.81 10.83 5.89
CA MET B 825 37.24 11.08 7.25
C MET B 825 36.05 11.44 8.15
N ASN B 826 35.13 12.24 7.62
CA ASN B 826 33.94 12.63 8.34
C ASN B 826 32.95 11.48 8.42
N ALA B 827 32.97 10.62 7.40
CA ALA B 827 32.09 9.46 7.36
C ALA B 827 32.57 8.39 8.33
N HIS B 828 33.89 8.33 8.54
CA HIS B 828 34.49 7.35 9.43
C HIS B 828 34.34 7.78 10.89
N LYS B 829 34.45 9.09 11.13
CA LYS B 829 34.35 9.63 12.48
C LYS B 829 32.89 9.65 12.95
N GLU B 830 31.97 9.72 11.99
CA GLU B 830 30.55 9.69 12.30
C GLU B 830 30.07 8.24 12.41
N TYR B 831 30.92 7.32 11.97
CA TYR B 831 30.61 5.90 12.03
C TYR B 831 30.81 5.29 13.41
N LYS B 832 31.90 5.67 14.08
CA LYS B 832 32.24 5.08 15.37
C LYS B 832 31.38 5.56 16.53
N LYS B 833 30.94 6.82 16.47
CA LYS B 833 30.17 7.40 17.57
C LYS B 833 28.66 7.26 17.36
N THR B 834 28.26 6.76 16.19
CA THR B 834 26.84 6.66 15.87
C THR B 834 26.44 5.26 15.41
N GLU B 835 26.98 4.82 14.28
CA GLU B 835 26.56 3.55 13.68
C GLU B 835 27.12 2.35 14.43
N LYS B 836 28.32 2.50 15.01
CA LYS B 836 28.98 1.41 15.71
C LYS B 836 28.29 0.97 17.02
N PRO B 837 27.92 1.91 17.92
CA PRO B 837 27.37 1.47 19.21
C PRO B 837 26.15 0.51 19.17
N PRO B 838 25.16 0.72 18.26
CA PRO B 838 24.09 -0.27 18.29
C PRO B 838 24.56 -1.65 17.81
N LYS B 839 25.46 -1.67 16.84
CA LYS B 839 26.03 -2.92 16.34
C LYS B 839 27.07 -3.47 17.31
N GLY B 840 27.63 -2.57 18.12
CA GLY B 840 28.67 -2.94 19.05
C GLY B 840 28.21 -3.76 20.24
N GLN B 841 27.14 -3.29 20.89
CA GLN B 841 26.64 -3.95 22.09
C GLN B 841 25.63 -5.03 21.75
N GLU B 842 25.32 -5.18 20.46
CA GLU B 842 24.46 -6.25 20.01
C GLU B 842 25.23 -7.57 20.05
N VAL B 843 26.55 -7.46 19.92
CA VAL B 843 27.44 -8.61 20.07
C VAL B 843 27.38 -9.13 21.51
N SER B 844 27.35 -8.20 22.45
CA SER B 844 27.28 -8.56 23.87
C SER B 844 25.90 -9.10 24.24
N GLU B 845 24.88 -8.64 23.51
CA GLU B 845 23.52 -9.11 23.76
C GLU B 845 23.30 -10.50 23.16
N LEU B 846 23.81 -10.70 21.95
CA LEU B 846 23.67 -11.99 21.29
C LEU B 846 24.41 -13.09 22.05
N GLU B 847 25.53 -12.71 22.67
CA GLU B 847 26.29 -13.64 23.49
C GLU B 847 25.57 -13.91 24.80
N ALA B 848 24.91 -12.88 25.33
CA ALA B 848 24.12 -13.03 26.55
C ALA B 848 22.92 -13.92 26.28
N ILE B 849 22.35 -13.77 25.08
CA ILE B 849 21.23 -14.62 24.65
C ILE B 849 21.70 -16.05 24.41
N TYR B 850 22.84 -16.19 23.73
CA TYR B 850 23.41 -17.50 23.44
C TYR B 850 23.69 -18.26 24.73
N ASN B 851 24.22 -17.56 25.72
CA ASN B 851 24.47 -18.15 27.04
C ASN B 851 23.16 -18.46 27.76
N SER B 852 22.23 -17.50 27.73
CA SER B 852 20.92 -17.68 28.34
C SER B 852 20.15 -18.80 27.67
N LEU B 853 20.35 -18.94 26.36
CA LEU B 853 19.72 -20.02 25.61
C LEU B 853 20.34 -21.36 25.98
N GLN B 854 21.67 -21.42 26.03
CA GLN B 854 22.38 -22.65 26.29
C GLN B 854 22.08 -23.21 27.68
N THR B 855 21.78 -22.31 28.62
CA THR B 855 21.38 -22.73 29.95
C THR B 855 19.96 -23.27 29.92
N LYS B 856 19.04 -22.40 29.52
CA LYS B 856 17.61 -22.70 29.49
C LYS B 856 17.23 -23.78 28.48
N LEU B 857 18.09 -24.04 27.49
CA LEU B 857 17.73 -25.04 26.49
C LEU B 857 17.61 -26.40 27.14
N ARG B 858 18.62 -26.83 27.87
CA ARG B 858 18.44 -28.08 28.61
C ARG B 858 18.45 -27.89 30.12
N LEU B 859 17.26 -27.76 30.71
CA LEU B 859 16.92 -28.48 31.93
C LEU B 859 16.03 -29.59 31.41
N ILE B 860 15.72 -29.48 30.13
CA ILE B 860 14.81 -30.37 29.43
C ILE B 860 15.53 -31.34 28.51
N LYS B 861 15.37 -32.63 28.77
CA LYS B 861 16.01 -33.71 28.02
C LYS B 861 17.53 -33.47 28.01
N ARG B 862 18.20 -33.81 26.92
CA ARG B 862 19.63 -33.58 26.79
C ARG B 862 20.04 -33.19 25.38
N GLU B 863 20.59 -31.99 25.21
CA GLU B 863 21.17 -31.59 23.92
C GLU B 863 21.82 -30.19 23.95
N PRO B 864 22.99 -30.08 23.30
CA PRO B 864 23.71 -28.82 23.05
C PRO B 864 23.11 -28.05 21.88
N PHE B 865 23.29 -26.74 21.83
CA PHE B 865 22.85 -25.99 20.66
C PHE B 865 24.05 -25.83 19.73
N VAL B 866 23.87 -26.14 18.45
CA VAL B 866 24.97 -26.02 17.51
C VAL B 866 24.81 -24.82 16.56
N ALA B 867 25.78 -23.92 16.59
CA ALA B 867 25.76 -22.74 15.72
C ALA B 867 26.58 -22.99 14.46
N PRO B 868 25.93 -22.95 13.30
CA PRO B 868 26.60 -23.17 12.02
C PRO B 868 27.40 -21.96 11.55
N ALA B 869 28.39 -22.18 10.68
CA ALA B 869 29.16 -21.11 10.06
C ALA B 869 29.79 -20.13 11.06
N GLY B 870 30.24 -20.65 12.20
CA GLY B 870 30.93 -19.83 13.19
C GLY B 870 30.10 -18.70 13.76
N LEU B 871 28.90 -19.02 14.22
CA LEU B 871 28.02 -18.02 14.85
C LEU B 871 28.17 -18.03 16.37
N THR B 872 29.06 -18.88 16.87
CA THR B 872 29.32 -18.94 18.30
C THR B 872 29.97 -17.64 18.76
N PRO B 873 29.65 -17.19 19.99
CA PRO B 873 30.10 -15.92 20.55
C PRO B 873 31.60 -15.68 20.42
N ASN B 874 32.40 -16.74 20.54
CA ASN B 874 33.85 -16.61 20.42
C ASN B 874 34.27 -16.44 18.97
N GLU B 875 33.45 -16.92 18.05
CA GLU B 875 33.70 -16.76 16.62
C GLU B 875 33.04 -15.47 16.11
N ILE B 876 32.20 -14.87 16.96
CA ILE B 876 31.55 -13.61 16.63
C ILE B 876 32.51 -12.44 16.85
N ASP B 877 32.97 -12.29 18.09
CA ASP B 877 33.88 -11.20 18.44
C ASP B 877 35.24 -11.39 17.77
N SER B 878 35.48 -12.60 17.26
CA SER B 878 36.67 -12.87 16.46
C SER B 878 36.54 -12.17 15.12
N THR B 879 35.32 -12.16 14.59
CA THR B 879 35.01 -11.45 13.34
C THR B 879 34.88 -9.96 13.63
N TRP B 880 34.46 -9.63 14.84
CA TRP B 880 34.30 -8.24 15.25
C TRP B 880 35.66 -7.59 15.48
N SER B 881 36.62 -8.38 15.98
CA SER B 881 37.97 -7.89 16.20
C SER B 881 38.67 -7.72 14.87
N ALA B 882 38.27 -8.52 13.88
CA ALA B 882 38.80 -8.39 12.53
C ALA B 882 38.25 -7.14 11.86
N LEU B 883 37.04 -6.75 12.28
CA LEU B 883 36.42 -5.54 11.77
C LEU B 883 37.10 -4.32 12.38
N GLU B 884 37.53 -4.46 13.63
CA GLU B 884 38.15 -3.37 14.36
C GLU B 884 39.59 -3.19 13.93
N LYS B 885 40.13 -4.21 13.26
CA LYS B 885 41.50 -4.14 12.75
C LYS B 885 41.52 -3.45 11.39
N ALA B 886 40.35 -3.36 10.77
CA ALA B 886 40.23 -2.72 9.47
C ALA B 886 39.92 -1.23 9.64
N GLU B 887 39.65 -0.83 10.87
CA GLU B 887 39.31 0.56 11.17
C GLU B 887 40.52 1.48 11.20
N GLN B 888 41.60 1.04 11.86
CA GLN B 888 42.80 1.86 11.92
C GLN B 888 43.48 1.88 10.55
N GLU B 889 43.49 0.72 9.89
CA GLU B 889 44.07 0.62 8.55
C GLU B 889 43.30 1.49 7.56
N HIS B 890 42.02 1.70 7.83
CA HIS B 890 41.22 2.63 7.03
C HIS B 890 41.52 4.06 7.44
N ALA B 891 41.70 4.28 8.74
CA ALA B 891 41.96 5.61 9.27
C ALA B 891 43.39 6.07 8.99
N GLU B 892 44.33 5.13 9.03
CA GLU B 892 45.74 5.45 8.81
C GLU B 892 46.02 5.70 7.33
N ALA B 893 45.39 4.92 6.47
CA ALA B 893 45.55 5.11 5.03
C ALA B 893 44.80 6.35 4.57
N LEU B 894 43.91 6.84 5.43
CA LEU B 894 43.17 8.06 5.13
C LEU B 894 44.04 9.30 5.36
N ARG B 895 44.79 9.28 6.45
CA ARG B 895 45.68 10.40 6.77
C ARG B 895 46.96 10.33 5.96
N ILE B 896 47.28 9.13 5.47
CA ILE B 896 48.45 8.94 4.62
C ILE B 896 48.15 9.50 3.24
N GLU B 897 46.95 9.23 2.74
CA GLU B 897 46.51 9.75 1.46
C GLU B 897 46.18 11.24 1.60
N LEU B 898 45.94 11.67 2.82
CA LEU B 898 45.66 13.07 3.11
C LEU B 898 46.92 13.90 2.91
N LYS B 899 48.03 13.43 3.47
CA LYS B 899 49.32 14.10 3.31
C LYS B 899 49.72 14.15 1.84
N ARG B 900 49.54 13.03 1.16
CA ARG B 900 49.86 12.93 -0.27
C ARG B 900 49.06 13.92 -1.09
N GLN B 901 47.76 14.03 -0.81
CA GLN B 901 46.88 14.92 -1.55
C GLN B 901 47.19 16.39 -1.28
N LYS B 902 47.68 16.69 -0.08
CA LYS B 902 48.03 18.06 0.26
C LYS B 902 49.38 18.47 -0.34
N LYS B 903 50.29 17.50 -0.46
CA LYS B 903 51.60 17.78 -1.04
C LYS B 903 51.53 17.86 -2.57
N ILE B 904 50.49 17.27 -3.14
CA ILE B 904 50.26 17.38 -4.57
C ILE B 904 49.62 18.72 -4.89
N ALA B 905 48.71 19.16 -4.03
CA ALA B 905 48.00 20.43 -4.20
C ALA B 905 48.97 21.61 -4.24
N VAL B 906 49.91 21.65 -3.31
CA VAL B 906 50.86 22.74 -3.23
C VAL B 906 51.90 22.68 -4.36
N LEU B 907 52.31 21.47 -4.73
CA LEU B 907 53.31 21.29 -5.77
C LEU B 907 52.76 21.65 -7.14
N LEU B 908 51.50 21.31 -7.38
CA LEU B 908 50.83 21.66 -8.63
C LEU B 908 50.56 23.17 -8.66
N GLN B 909 50.32 23.73 -7.48
CA GLN B 909 50.09 25.16 -7.35
C GLN B 909 51.35 25.95 -7.67
N LYS B 910 52.48 25.47 -7.17
CA LYS B 910 53.77 26.10 -7.44
C LYS B 910 54.17 25.91 -8.90
N TYR B 911 53.82 24.75 -9.45
CA TYR B 911 54.15 24.42 -10.83
C TYR B 911 53.45 25.38 -11.80
N ASN B 912 52.19 25.66 -11.53
CA ASN B 912 51.43 26.60 -12.36
C ASN B 912 51.87 28.03 -12.13
N ARG B 913 52.30 28.34 -10.90
CA ARG B 913 52.75 29.69 -10.57
C ARG B 913 54.07 30.01 -11.26
N ILE B 914 55.01 29.07 -11.21
CA ILE B 914 56.33 29.25 -11.81
C ILE B 914 56.24 29.33 -13.33
N LEU B 915 55.49 28.40 -13.92
CA LEU B 915 55.38 28.32 -15.37
C LEU B 915 54.69 29.55 -15.94
N LYS B 916 53.65 30.02 -15.24
CA LYS B 916 52.88 31.17 -15.70
C LYS B 916 53.50 32.48 -15.22
N LYS B 917 54.58 32.38 -14.45
CA LYS B 917 55.37 33.54 -14.06
C LYS B 917 56.21 33.96 -15.27
N LEU B 918 56.51 32.99 -16.11
CA LEU B 918 57.28 33.22 -17.32
C LEU B 918 56.42 33.87 -18.40
N GLU B 919 55.11 33.82 -18.20
CA GLU B 919 54.17 34.44 -19.14
C GLU B 919 54.39 35.95 -19.26
N ASN B 920 54.36 36.63 -18.12
CA ASN B 920 54.52 38.08 -18.09
C ASN B 920 55.93 38.52 -18.48
N TRP B 921 56.92 37.71 -18.11
CA TRP B 921 58.31 38.05 -18.40
C TRP B 921 58.65 38.00 -19.89
N ALA B 922 58.11 37.00 -20.58
CA ALA B 922 58.38 36.83 -22.00
C ALA B 922 57.73 37.91 -22.86
N THR B 923 56.55 38.36 -22.46
CA THR B 923 55.81 39.36 -23.23
C THR B 923 56.35 40.78 -23.04
N THR B 924 56.30 41.27 -21.81
CA THR B 924 56.68 42.65 -21.53
C THR B 924 58.19 42.81 -21.46
N ILE B 938 78.09 53.72 -30.41
CA ILE B 938 78.20 55.15 -30.66
C ILE B 938 77.04 55.90 -30.02
N THR B 939 77.37 56.83 -29.13
CA THR B 939 76.39 57.61 -28.38
C THR B 939 75.44 56.70 -27.60
N ALA B 940 74.15 56.76 -27.92
CA ALA B 940 73.14 56.04 -27.17
C ALA B 940 72.79 54.67 -27.76
N VAL B 941 73.38 54.33 -28.91
CA VAL B 941 73.10 53.05 -29.53
C VAL B 941 73.87 51.93 -28.83
N GLN B 942 74.95 52.30 -28.15
CA GLN B 942 75.72 51.36 -27.35
C GLN B 942 75.04 51.15 -25.99
N ALA B 943 74.47 52.23 -25.47
CA ALA B 943 73.77 52.19 -24.19
C ALA B 943 72.49 51.37 -24.31
N LYS B 944 71.81 51.49 -25.44
CA LYS B 944 70.62 50.70 -25.71
C LYS B 944 71.01 49.26 -25.99
N LEU B 945 72.21 49.07 -26.53
CA LEU B 945 72.75 47.74 -26.77
C LEU B 945 73.25 47.15 -25.47
N LYS B 946 73.53 48.03 -24.50
CA LYS B 946 74.00 47.59 -23.19
C LYS B 946 72.85 47.04 -22.35
N ASN B 947 71.63 47.31 -22.79
CA ASN B 947 70.46 46.72 -22.14
C ASN B 947 70.04 45.43 -22.82
N LEU B 948 70.67 45.12 -23.94
CA LEU B 948 70.34 43.93 -24.72
C LEU B 948 70.90 42.66 -24.10
N GLU B 949 72.19 42.69 -23.75
CA GLU B 949 72.84 41.51 -23.17
C GLU B 949 72.41 41.30 -21.74
N ALA B 950 71.87 42.36 -21.13
CA ALA B 950 71.35 42.25 -19.77
C ALA B 950 70.08 41.41 -19.77
N PHE B 951 69.22 41.62 -20.76
CA PHE B 951 68.01 40.84 -20.90
C PHE B 951 68.30 39.49 -21.57
N ASP B 952 69.43 39.43 -22.28
CA ASP B 952 69.83 38.19 -22.92
C ASP B 952 70.49 37.23 -21.93
N GLY B 953 71.19 37.79 -20.96
CA GLY B 953 71.80 37.01 -19.90
C GLY B 953 70.75 36.57 -18.91
N GLU B 954 69.81 37.47 -18.64
CA GLU B 954 68.68 37.19 -17.76
C GLU B 954 67.83 36.03 -18.29
N CYS B 955 67.82 35.86 -19.61
CA CYS B 955 66.99 34.84 -20.25
C CYS B 955 67.39 33.42 -19.87
N GLN B 956 68.65 33.08 -20.09
CA GLN B 956 69.10 31.70 -19.84
C GLN B 956 69.32 31.43 -18.35
N SER B 957 69.48 32.49 -17.57
CA SER B 957 69.63 32.35 -16.12
C SER B 957 68.28 32.06 -15.48
N LEU B 958 67.27 32.82 -15.89
CA LEU B 958 65.91 32.61 -15.42
C LEU B 958 65.39 31.28 -15.95
N GLU B 959 65.89 30.89 -17.12
CA GLU B 959 65.52 29.61 -17.73
C GLU B 959 66.04 28.45 -16.90
N GLY B 960 67.35 28.47 -16.62
CA GLY B 960 68.00 27.41 -15.86
C GLY B 960 67.46 27.28 -14.45
N GLN B 961 67.12 28.41 -13.84
CA GLN B 961 66.60 28.41 -12.48
C GLN B 961 65.19 27.84 -12.44
N SER B 962 64.37 28.26 -13.40
CA SER B 962 62.99 27.76 -13.49
C SER B 962 62.98 26.29 -13.90
N ASN B 963 63.84 25.93 -14.83
CA ASN B 963 63.94 24.55 -15.30
C ASN B 963 64.35 23.59 -14.19
N SER B 964 65.24 24.05 -13.33
CA SER B 964 65.70 23.24 -12.20
C SER B 964 64.60 23.08 -11.16
N ASP B 965 63.78 24.12 -11.00
CA ASP B 965 62.68 24.09 -10.04
C ASP B 965 61.50 23.29 -10.58
N LEU B 966 61.26 23.39 -11.88
CA LEU B 966 60.19 22.62 -12.51
C LEU B 966 60.52 21.13 -12.46
N LEU B 967 61.80 20.80 -12.64
CA LEU B 967 62.25 19.42 -12.55
C LEU B 967 62.16 18.91 -11.12
N SER B 968 62.36 19.82 -10.16
CA SER B 968 62.29 19.47 -8.76
C SER B 968 60.87 19.13 -8.35
N ILE B 969 59.91 19.87 -8.90
CA ILE B 969 58.50 19.64 -8.59
C ILE B 969 58.02 18.32 -9.21
N LEU B 970 58.39 18.09 -10.46
CA LEU B 970 58.03 16.88 -11.17
C LEU B 970 58.61 15.63 -10.51
N ALA B 971 59.84 15.76 -10.01
CA ALA B 971 60.51 14.64 -9.35
C ALA B 971 59.81 14.26 -8.04
N GLN B 972 59.34 15.27 -7.32
CA GLN B 972 58.64 15.05 -6.05
C GLN B 972 57.24 14.49 -6.29
N LEU B 973 56.69 14.75 -7.47
CA LEU B 973 55.35 14.25 -7.81
C LEU B 973 55.38 12.78 -8.16
N THR B 974 56.50 12.34 -8.75
CA THR B 974 56.64 10.94 -9.17
C THR B 974 56.74 10.01 -7.97
N GLU B 975 57.37 10.48 -6.90
CA GLU B 975 57.48 9.69 -5.68
C GLU B 975 56.15 9.69 -4.93
N LEU B 976 55.30 10.66 -5.23
CA LEU B 976 53.95 10.68 -4.71
C LEU B 976 53.01 9.98 -5.67
N ASN B 977 53.56 9.53 -6.80
CA ASN B 977 52.82 8.80 -7.82
C ASN B 977 51.60 9.56 -8.31
N TYR B 978 51.80 10.77 -8.79
CA TYR B 978 50.70 11.58 -9.30
C TYR B 978 50.30 11.30 -10.75
N ASN B 979 49.00 11.11 -10.95
CA ASN B 979 48.41 10.97 -12.27
C ASN B 979 47.57 12.20 -12.62
N GLY B 980 47.71 12.73 -13.83
CA GLY B 980 48.68 12.26 -14.80
C GLY B 980 49.90 13.16 -14.95
N VAL B 981 50.84 12.66 -15.76
CA VAL B 981 52.16 13.22 -16.08
C VAL B 981 52.61 12.27 -17.18
N PRO B 982 53.31 12.74 -18.24
CA PRO B 982 54.02 13.93 -18.76
C PRO B 982 53.20 15.16 -19.14
N GLU B 983 51.87 15.08 -19.20
CA GLU B 983 51.06 16.19 -19.69
C GLU B 983 51.39 17.54 -19.04
N LEU B 984 51.73 17.53 -17.75
CA LEU B 984 52.21 18.74 -17.10
C LEU B 984 53.64 19.05 -17.51
N THR B 985 54.44 18.00 -17.70
CA THR B 985 55.84 18.14 -18.11
C THR B 985 55.88 18.65 -19.56
N GLU B 986 54.94 18.17 -20.36
CA GLU B 986 54.82 18.59 -21.75
C GLU B 986 54.49 20.07 -21.81
N ARG B 987 53.68 20.53 -20.87
CA ARG B 987 53.33 21.94 -20.76
C ARG B 987 54.55 22.82 -20.60
N LYS B 988 55.53 22.32 -19.85
CA LYS B 988 56.82 22.99 -19.74
C LYS B 988 57.54 23.03 -21.08
N ASP B 989 57.58 21.88 -21.74
CA ASP B 989 58.28 21.74 -23.02
C ASP B 989 57.61 22.53 -24.15
N THR B 990 56.30 22.75 -24.04
CA THR B 990 55.60 23.55 -25.04
C THR B 990 55.98 25.02 -24.92
N PHE B 991 56.25 25.46 -23.70
CA PHE B 991 56.69 26.83 -23.44
C PHE B 991 58.13 27.03 -23.89
N PHE B 992 58.86 25.92 -23.98
CA PHE B 992 60.24 25.95 -24.48
C PHE B 992 60.26 26.36 -25.95
N ALA B 993 59.24 25.96 -26.69
CA ALA B 993 59.08 26.38 -28.08
C ALA B 993 58.76 27.87 -28.15
N GLN B 994 58.02 28.35 -27.16
CA GLN B 994 57.70 29.77 -27.06
C GLN B 994 58.95 30.56 -26.69
N GLN B 995 59.77 29.97 -25.82
CA GLN B 995 61.02 30.60 -25.41
C GLN B 995 62.07 30.53 -26.52
N TRP B 996 62.02 29.45 -27.30
CA TRP B 996 62.94 29.28 -28.43
C TRP B 996 62.69 30.35 -29.48
N THR B 997 61.43 30.76 -29.62
CA THR B 997 61.07 31.85 -30.50
C THR B 997 61.59 33.16 -29.94
N GLY B 998 61.62 33.25 -28.61
CA GLY B 998 62.13 34.43 -27.92
C GLY B 998 63.64 34.52 -28.07
N VAL B 999 64.29 33.37 -28.10
CA VAL B 999 65.74 33.31 -28.27
C VAL B 999 66.13 33.60 -29.72
N LYS B 1000 65.29 33.16 -30.66
CA LYS B 1000 65.56 33.40 -32.07
C LYS B 1000 65.29 34.85 -32.43
N SER B 1001 64.30 35.45 -31.77
CA SER B 1001 63.98 36.86 -32.00
C SER B 1001 65.04 37.77 -31.40
N SER B 1002 65.60 37.34 -30.27
CA SER B 1002 66.63 38.10 -29.58
C SER B 1002 67.92 38.13 -30.40
N ALA B 1003 68.24 37.02 -31.05
CA ALA B 1003 69.41 36.93 -31.91
C ALA B 1003 69.22 37.79 -33.16
N GLU B 1004 67.96 38.00 -33.54
CA GLU B 1004 67.63 38.78 -34.72
C GLU B 1004 67.75 40.28 -34.45
N THR B 1005 67.28 40.71 -33.29
CA THR B 1005 67.34 42.12 -32.92
C THR B 1005 68.75 42.53 -32.52
N TYR B 1006 69.58 41.52 -32.23
CA TYR B 1006 70.99 41.77 -31.92
C TYR B 1006 71.74 42.18 -33.18
N LYS B 1007 71.29 41.65 -34.32
CA LYS B 1007 71.87 41.99 -35.61
C LYS B 1007 71.40 43.36 -36.05
N ASN B 1008 70.19 43.73 -35.62
CA ASN B 1008 69.62 45.03 -35.96
C ASN B 1008 70.35 46.18 -35.29
N THR B 1009 70.72 45.98 -34.02
CA THR B 1009 71.41 47.01 -33.26
C THR B 1009 72.88 47.05 -33.64
N LEU B 1010 73.44 45.89 -33.98
CA LEU B 1010 74.83 45.80 -34.39
C LEU B 1010 75.04 46.43 -35.77
N LEU B 1011 73.98 46.41 -36.59
CA LEU B 1011 74.03 47.03 -37.91
C LEU B 1011 74.00 48.54 -37.79
N ALA B 1012 73.30 49.03 -36.77
CA ALA B 1012 73.22 50.46 -36.51
C ALA B 1012 74.53 50.97 -35.89
N GLU B 1013 75.18 50.11 -35.13
CA GLU B 1013 76.46 50.45 -34.51
C GLU B 1013 77.59 50.42 -35.54
N LEU B 1014 77.48 49.49 -36.49
CA LEU B 1014 78.47 49.39 -37.56
C LEU B 1014 78.33 50.53 -38.56
N GLU B 1015 77.10 51.00 -38.73
CA GLU B 1015 76.83 52.13 -39.62
C GLU B 1015 77.24 53.43 -38.96
N ARG B 1016 77.09 53.51 -37.63
CA ARG B 1016 77.47 54.69 -36.88
C ARG B 1016 78.98 54.77 -36.73
N LEU B 1017 79.63 53.61 -36.61
CA LEU B 1017 81.08 53.53 -36.54
C LEU B 1017 81.69 54.01 -37.85
N GLN B 1018 81.05 53.62 -38.95
CA GLN B 1018 81.43 54.11 -40.27
C GLN B 1018 81.35 55.62 -40.32
N LYS B 1019 80.14 56.15 -40.21
CA LYS B 1019 79.91 57.60 -40.25
C LYS B 1019 80.58 58.29 -39.06
#